data_2VMG
# 
_entry.id   2VMG 
# 
_audit_conform.dict_name       mmcif_pdbx.dic 
_audit_conform.dict_version    5.391 
_audit_conform.dict_location   http://mmcif.pdb.org/dictionaries/ascii/mmcif_pdbx.dic 
# 
loop_
_database_2.database_id 
_database_2.database_code 
_database_2.pdbx_database_accession 
_database_2.pdbx_DOI 
PDB   2VMG         pdb_00002vmg 10.2210/pdb2vmg/pdb 
PDBE  EBI-35116    ?            ?                   
WWPDB D_1290035116 ?            ?                   
# 
loop_
_pdbx_audit_revision_history.ordinal 
_pdbx_audit_revision_history.data_content_type 
_pdbx_audit_revision_history.major_revision 
_pdbx_audit_revision_history.minor_revision 
_pdbx_audit_revision_history.revision_date 
1 'Structure model' 1 0 2008-02-19 
2 'Structure model' 1 1 2011-05-08 
3 'Structure model' 1 2 2011-07-13 
4 'Structure model' 1 3 2019-09-25 
5 'Structure model' 1 4 2020-07-29 
6 'Structure model' 1 5 2024-05-08 
# 
loop_
_pdbx_audit_revision_details.ordinal 
_pdbx_audit_revision_details.revision_ordinal 
_pdbx_audit_revision_details.data_content_type 
_pdbx_audit_revision_details.provider 
_pdbx_audit_revision_details.type 
_pdbx_audit_revision_details.description 
_pdbx_audit_revision_details.details 
1 1 'Structure model' repository 'Initial release' ?                          ? 
2 5 'Structure model' repository Remediation       'Carbohydrate remediation' ? 
# 
loop_
_pdbx_audit_revision_group.ordinal 
_pdbx_audit_revision_group.revision_ordinal 
_pdbx_audit_revision_group.data_content_type 
_pdbx_audit_revision_group.group 
1  2 'Structure model' 'Version format compliance' 
2  3 'Structure model' 'Version format compliance' 
3  4 'Structure model' 'Data collection'           
4  4 'Structure model' 'Experimental preparation'  
5  4 'Structure model' Other                       
6  5 'Structure model' 'Data collection'           
7  5 'Structure model' 'Derived calculations'      
8  5 'Structure model' 'Structure summary'         
9  6 'Structure model' 'Data collection'           
10 6 'Structure model' 'Database references'       
11 6 'Structure model' 'Structure summary'         
# 
loop_
_pdbx_audit_revision_category.ordinal 
_pdbx_audit_revision_category.revision_ordinal 
_pdbx_audit_revision_category.data_content_type 
_pdbx_audit_revision_category.category 
1  4 'Structure model' exptl_crystal_grow        
2  4 'Structure model' pdbx_database_status      
3  4 'Structure model' reflns                    
4  5 'Structure model' chem_comp                 
5  5 'Structure model' entity                    
6  5 'Structure model' pdbx_chem_comp_identifier 
7  5 'Structure model' pdbx_entity_nonpoly       
8  5 'Structure model' pdbx_struct_conn_angle    
9  5 'Structure model' struct_conn               
10 5 'Structure model' struct_site               
11 5 'Structure model' struct_site_gen           
12 6 'Structure model' chem_comp                 
13 6 'Structure model' chem_comp_atom            
14 6 'Structure model' chem_comp_bond            
15 6 'Structure model' database_2                
# 
loop_
_pdbx_audit_revision_item.ordinal 
_pdbx_audit_revision_item.revision_ordinal 
_pdbx_audit_revision_item.data_content_type 
_pdbx_audit_revision_item.item 
1  4 'Structure model' '_pdbx_database_status.status_code_sf'        
2  4 'Structure model' '_reflns.pdbx_Rmerge_I_obs'                   
3  5 'Structure model' '_chem_comp.mon_nstd_flag'                    
4  5 'Structure model' '_chem_comp.name'                             
5  5 'Structure model' '_chem_comp.type'                             
6  5 'Structure model' '_entity.pdbx_description'                    
7  5 'Structure model' '_pdbx_entity_nonpoly.name'                   
8  5 'Structure model' '_pdbx_struct_conn_angle.ptnr1_auth_comp_id'  
9  5 'Structure model' '_pdbx_struct_conn_angle.ptnr1_auth_seq_id'   
10 5 'Structure model' '_pdbx_struct_conn_angle.ptnr1_label_asym_id' 
11 5 'Structure model' '_pdbx_struct_conn_angle.ptnr1_label_atom_id' 
12 5 'Structure model' '_pdbx_struct_conn_angle.ptnr1_label_comp_id' 
13 5 'Structure model' '_pdbx_struct_conn_angle.ptnr1_label_seq_id'  
14 5 'Structure model' '_pdbx_struct_conn_angle.ptnr3_auth_comp_id'  
15 5 'Structure model' '_pdbx_struct_conn_angle.ptnr3_auth_seq_id'   
16 5 'Structure model' '_pdbx_struct_conn_angle.ptnr3_label_asym_id' 
17 5 'Structure model' '_pdbx_struct_conn_angle.ptnr3_label_atom_id' 
18 5 'Structure model' '_pdbx_struct_conn_angle.ptnr3_label_comp_id' 
19 5 'Structure model' '_pdbx_struct_conn_angle.ptnr3_label_seq_id'  
20 5 'Structure model' '_pdbx_struct_conn_angle.value'               
21 5 'Structure model' '_struct_conn.pdbx_dist_value'                
22 5 'Structure model' '_struct_conn.ptnr1_auth_comp_id'             
23 5 'Structure model' '_struct_conn.ptnr1_auth_seq_id'              
24 5 'Structure model' '_struct_conn.ptnr1_label_asym_id'            
25 5 'Structure model' '_struct_conn.ptnr1_label_atom_id'            
26 5 'Structure model' '_struct_conn.ptnr1_label_comp_id'            
27 5 'Structure model' '_struct_conn.ptnr1_label_seq_id'             
28 5 'Structure model' '_struct_conn.ptnr2_auth_comp_id'             
29 5 'Structure model' '_struct_conn.ptnr2_auth_seq_id'              
30 5 'Structure model' '_struct_conn.ptnr2_label_asym_id'            
31 5 'Structure model' '_struct_conn.ptnr2_label_atom_id'            
32 5 'Structure model' '_struct_conn.ptnr2_label_comp_id'            
33 5 'Structure model' '_struct_conn.ptnr2_label_seq_id'             
34 6 'Structure model' '_chem_comp.pdbx_synonyms'                    
35 6 'Structure model' '_database_2.pdbx_DOI'                        
36 6 'Structure model' '_database_2.pdbx_database_accession'         
# 
_pdbx_database_status.status_code                     REL 
_pdbx_database_status.entry_id                        2VMG 
_pdbx_database_status.deposit_site                    PDBE 
_pdbx_database_status.process_site                    PDBE 
_pdbx_database_status.SG_entry                        . 
_pdbx_database_status.recvd_initial_deposition_date   2008-01-25 
_pdbx_database_status.pdb_format_compatible           Y 
_pdbx_database_status.status_code_sf                  REL 
_pdbx_database_status.status_code_mr                  ? 
_pdbx_database_status.status_code_cs                  ? 
_pdbx_database_status.methods_development_category    ? 
_pdbx_database_status.status_code_nmr_data            ? 
# 
loop_
_pdbx_database_related.db_name 
_pdbx_database_related.db_id 
_pdbx_database_related.content_type 
_pdbx_database_related.details 
PDB 2VMI unspecified 'THE STRUCTURE OF SELENO-METHIONINE LABELLED CBM51 FROM CLOSTRIDIUM PERFRINGENS GH95' 
PDB 2VMH unspecified 'THE STRUCTURE OF CBM51 FROM CLOSTRIDIUM PERFRINGENS GH95'                            
# 
loop_
_audit_author.name 
_audit_author.pdbx_ordinal 
'Gregg, K.'      1 
'Finn, R.'       2 
'Abbott, D.W.'   3 
'Boraston, A.B.' 4 
# 
_citation.id                        primary 
_citation.title                     'Divergent Modes of Glycan Recognition by a New Family of Carbohydrate-Binding Modules' 
_citation.journal_abbrev            J.Biol.Chem. 
_citation.journal_volume            283 
_citation.page_first                12604 
_citation.page_last                 ? 
_citation.year                      2008 
_citation.journal_id_ASTM           JBCHA3 
_citation.country                   US 
_citation.journal_id_ISSN           0021-9258 
_citation.journal_id_CSD            0071 
_citation.book_publisher            ? 
_citation.pdbx_database_id_PubMed   18292090 
_citation.pdbx_database_id_DOI      10.1074/JBC.M709865200 
# 
loop_
_citation_author.citation_id 
_citation_author.name 
_citation_author.ordinal 
_citation_author.identifier_ORCID 
primary 'Gregg, K.'      1 ? 
primary 'Finn, R.'       2 ? 
primary 'Abbott, D.W.'   3 ? 
primary 'Boraston, A.B.' 4 ? 
# 
loop_
_entity.id 
_entity.type 
_entity.src_method 
_entity.pdbx_description 
_entity.formula_weight 
_entity.pdbx_number_of_molecules 
_entity.pdbx_ec 
_entity.pdbx_mutation 
_entity.pdbx_fragment 
_entity.details 
1 polymer     man 'FIBRONECTIN TYPE III DOMAIN PROTEIN' 16866.518 1   ? ? 'CARBOHYDRATE-BINDING MODULE, RESIDUES 898-1050' ? 
2 non-polymer syn 'CALCIUM ION'                         40.078    1   ? ? ?                                                ? 
3 non-polymer man 'methyl beta-D-galactopyranoside'     194.182   1   ? ? ?                                                ? 
4 water       nat water                                 18.015    146 ? ? ?                                                ? 
# 
_entity_name_com.entity_id   1 
_entity_name_com.name        GH95CBM51 
# 
_entity_poly.entity_id                      1 
_entity_poly.type                           'polypeptide(L)' 
_entity_poly.nstd_linkage                   no 
_entity_poly.nstd_monomer                   no 
_entity_poly.pdbx_seq_one_letter_code       
;GSHMASEKVAVETSVYLSELEWKSASTGYGEIQKDASCDGNTITLKGENGEKVSYDKGIGTHAHSEIVYSLEGLDYYDYF
ETFVGVDQEMAGTVASISFEVYLDNEKVFDSGLMTGDTTQKHVKVPIAGKNTLKLVVKDGGDSIGSDHGSFGDAKLT
;
_entity_poly.pdbx_seq_one_letter_code_can   
;GSHMASEKVAVETSVYLSELEWKSASTGYGEIQKDASCDGNTITLKGENGEKVSYDKGIGTHAHSEIVYSLEGLDYYDYF
ETFVGVDQEMAGTVASISFEVYLDNEKVFDSGLMTGDTTQKHVKVPIAGKNTLKLVVKDGGDSIGSDHGSFGDAKLT
;
_entity_poly.pdbx_strand_id                 A 
_entity_poly.pdbx_target_identifier         ? 
# 
loop_
_pdbx_entity_nonpoly.entity_id 
_pdbx_entity_nonpoly.name 
_pdbx_entity_nonpoly.comp_id 
2 'CALCIUM ION'                     CA  
3 'methyl beta-D-galactopyranoside' MBG 
4 water                             HOH 
# 
loop_
_entity_poly_seq.entity_id 
_entity_poly_seq.num 
_entity_poly_seq.mon_id 
_entity_poly_seq.hetero 
1 1   GLY n 
1 2   SER n 
1 3   HIS n 
1 4   MET n 
1 5   ALA n 
1 6   SER n 
1 7   GLU n 
1 8   LYS n 
1 9   VAL n 
1 10  ALA n 
1 11  VAL n 
1 12  GLU n 
1 13  THR n 
1 14  SER n 
1 15  VAL n 
1 16  TYR n 
1 17  LEU n 
1 18  SER n 
1 19  GLU n 
1 20  LEU n 
1 21  GLU n 
1 22  TRP n 
1 23  LYS n 
1 24  SER n 
1 25  ALA n 
1 26  SER n 
1 27  THR n 
1 28  GLY n 
1 29  TYR n 
1 30  GLY n 
1 31  GLU n 
1 32  ILE n 
1 33  GLN n 
1 34  LYS n 
1 35  ASP n 
1 36  ALA n 
1 37  SER n 
1 38  CYS n 
1 39  ASP n 
1 40  GLY n 
1 41  ASN n 
1 42  THR n 
1 43  ILE n 
1 44  THR n 
1 45  LEU n 
1 46  LYS n 
1 47  GLY n 
1 48  GLU n 
1 49  ASN n 
1 50  GLY n 
1 51  GLU n 
1 52  LYS n 
1 53  VAL n 
1 54  SER n 
1 55  TYR n 
1 56  ASP n 
1 57  LYS n 
1 58  GLY n 
1 59  ILE n 
1 60  GLY n 
1 61  THR n 
1 62  HIS n 
1 63  ALA n 
1 64  HIS n 
1 65  SER n 
1 66  GLU n 
1 67  ILE n 
1 68  VAL n 
1 69  TYR n 
1 70  SER n 
1 71  LEU n 
1 72  GLU n 
1 73  GLY n 
1 74  LEU n 
1 75  ASP n 
1 76  TYR n 
1 77  TYR n 
1 78  ASP n 
1 79  TYR n 
1 80  PHE n 
1 81  GLU n 
1 82  THR n 
1 83  PHE n 
1 84  VAL n 
1 85  GLY n 
1 86  VAL n 
1 87  ASP n 
1 88  GLN n 
1 89  GLU n 
1 90  MET n 
1 91  ALA n 
1 92  GLY n 
1 93  THR n 
1 94  VAL n 
1 95  ALA n 
1 96  SER n 
1 97  ILE n 
1 98  SER n 
1 99  PHE n 
1 100 GLU n 
1 101 VAL n 
1 102 TYR n 
1 103 LEU n 
1 104 ASP n 
1 105 ASN n 
1 106 GLU n 
1 107 LYS n 
1 108 VAL n 
1 109 PHE n 
1 110 ASP n 
1 111 SER n 
1 112 GLY n 
1 113 LEU n 
1 114 MET n 
1 115 THR n 
1 116 GLY n 
1 117 ASP n 
1 118 THR n 
1 119 THR n 
1 120 GLN n 
1 121 LYS n 
1 122 HIS n 
1 123 VAL n 
1 124 LYS n 
1 125 VAL n 
1 126 PRO n 
1 127 ILE n 
1 128 ALA n 
1 129 GLY n 
1 130 LYS n 
1 131 ASN n 
1 132 THR n 
1 133 LEU n 
1 134 LYS n 
1 135 LEU n 
1 136 VAL n 
1 137 VAL n 
1 138 LYS n 
1 139 ASP n 
1 140 GLY n 
1 141 GLY n 
1 142 ASP n 
1 143 SER n 
1 144 ILE n 
1 145 GLY n 
1 146 SER n 
1 147 ASP n 
1 148 HIS n 
1 149 GLY n 
1 150 SER n 
1 151 PHE n 
1 152 GLY n 
1 153 ASP n 
1 154 ALA n 
1 155 LYS n 
1 156 LEU n 
1 157 THR n 
# 
_entity_src_gen.entity_id                          1 
_entity_src_gen.pdbx_src_id                        1 
_entity_src_gen.pdbx_alt_source_flag               sample 
_entity_src_gen.pdbx_seq_type                      ? 
_entity_src_gen.pdbx_beg_seq_num                   ? 
_entity_src_gen.pdbx_end_seq_num                   ? 
_entity_src_gen.gene_src_common_name               ? 
_entity_src_gen.gene_src_genus                     ? 
_entity_src_gen.pdbx_gene_src_gene                 ? 
_entity_src_gen.gene_src_species                   ? 
_entity_src_gen.gene_src_strain                    ? 
_entity_src_gen.gene_src_tissue                    ? 
_entity_src_gen.gene_src_tissue_fraction           ? 
_entity_src_gen.gene_src_details                   ? 
_entity_src_gen.pdbx_gene_src_fragment             ? 
_entity_src_gen.pdbx_gene_src_scientific_name      'CLOSTRIDIUM PERFRINGENS' 
_entity_src_gen.pdbx_gene_src_ncbi_taxonomy_id     1502 
_entity_src_gen.pdbx_gene_src_variant              ? 
_entity_src_gen.pdbx_gene_src_cell_line            ? 
_entity_src_gen.pdbx_gene_src_atcc                 13124 
_entity_src_gen.pdbx_gene_src_organ                ? 
_entity_src_gen.pdbx_gene_src_organelle            ? 
_entity_src_gen.pdbx_gene_src_cell                 ? 
_entity_src_gen.pdbx_gene_src_cellular_location    ? 
_entity_src_gen.host_org_common_name               ? 
_entity_src_gen.pdbx_host_org_scientific_name      'ESCHERICHIA COLI' 
_entity_src_gen.pdbx_host_org_ncbi_taxonomy_id     511693 
_entity_src_gen.host_org_genus                     ? 
_entity_src_gen.pdbx_host_org_gene                 ? 
_entity_src_gen.pdbx_host_org_organ                ? 
_entity_src_gen.host_org_species                   ? 
_entity_src_gen.pdbx_host_org_tissue               ? 
_entity_src_gen.pdbx_host_org_tissue_fraction      ? 
_entity_src_gen.pdbx_host_org_strain               BL21 
_entity_src_gen.pdbx_host_org_variant              ? 
_entity_src_gen.pdbx_host_org_cell_line            ? 
_entity_src_gen.pdbx_host_org_atcc                 ? 
_entity_src_gen.pdbx_host_org_culture_collection   ? 
_entity_src_gen.pdbx_host_org_cell                 ? 
_entity_src_gen.pdbx_host_org_organelle            ? 
_entity_src_gen.pdbx_host_org_cellular_location    ? 
_entity_src_gen.pdbx_host_org_vector_type          ? 
_entity_src_gen.pdbx_host_org_vector               ? 
_entity_src_gen.host_org_details                   ? 
_entity_src_gen.expression_system_id               ? 
_entity_src_gen.plasmid_name                       'PET 28A' 
_entity_src_gen.plasmid_details                    ? 
_entity_src_gen.pdbx_description                   ? 
# 
loop_
_chem_comp.id 
_chem_comp.type 
_chem_comp.mon_nstd_flag 
_chem_comp.name 
_chem_comp.pdbx_synonyms 
_chem_comp.formula 
_chem_comp.formula_weight 
ALA 'L-peptide linking' y ALANINE                           ? 'C3 H7 N O2'     89.093  
ASN 'L-peptide linking' y ASPARAGINE                        ? 'C4 H8 N2 O3'    132.118 
ASP 'L-peptide linking' y 'ASPARTIC ACID'                   ? 'C4 H7 N O4'     133.103 
CA  non-polymer         . 'CALCIUM ION'                     ? 'Ca 2'           40.078  
CYS 'L-peptide linking' y CYSTEINE                          ? 'C3 H7 N O2 S'   121.158 
GLN 'L-peptide linking' y GLUTAMINE                         ? 'C5 H10 N2 O3'   146.144 
GLU 'L-peptide linking' y 'GLUTAMIC ACID'                   ? 'C5 H9 N O4'     147.129 
GLY 'peptide linking'   y GLYCINE                           ? 'C2 H5 N O2'     75.067  
HIS 'L-peptide linking' y HISTIDINE                         ? 'C6 H10 N3 O2 1' 156.162 
HOH non-polymer         . WATER                             ? 'H2 O'           18.015  
ILE 'L-peptide linking' y ISOLEUCINE                        ? 'C6 H13 N O2'    131.173 
LEU 'L-peptide linking' y LEUCINE                           ? 'C6 H13 N O2'    131.173 
LYS 'L-peptide linking' y LYSINE                            ? 'C6 H15 N2 O2 1' 147.195 
MBG D-saccharide        n 'methyl beta-D-galactopyranoside' 
'METHYL-BETA-GALACTOSE; methyl beta-D-galactoside; methyl D-galactoside; methyl galactoside' 'C7 H14 O6'      194.182 
MET 'L-peptide linking' y METHIONINE                        ? 'C5 H11 N O2 S'  149.211 
PHE 'L-peptide linking' y PHENYLALANINE                     ? 'C9 H11 N O2'    165.189 
PRO 'L-peptide linking' y PROLINE                           ? 'C5 H9 N O2'     115.130 
SER 'L-peptide linking' y SERINE                            ? 'C3 H7 N O3'     105.093 
THR 'L-peptide linking' y THREONINE                         ? 'C4 H9 N O3'     119.119 
TRP 'L-peptide linking' y TRYPTOPHAN                        ? 'C11 H12 N2 O2'  204.225 
TYR 'L-peptide linking' y TYROSINE                          ? 'C9 H11 N O3'    181.189 
VAL 'L-peptide linking' y VALINE                            ? 'C5 H11 N O2'    117.146 
# 
loop_
_pdbx_chem_comp_identifier.comp_id 
_pdbx_chem_comp_identifier.type 
_pdbx_chem_comp_identifier.program 
_pdbx_chem_comp_identifier.program_version 
_pdbx_chem_comp_identifier.identifier 
MBG 'CONDENSED IUPAC CARBOHYDRATE SYMBOL' GMML     1.0 'DGalp[1Me]b'                
MBG 'COMMON NAME'                         GMML     1.0 1-methyl-b-D-galactopyranose 
MBG 'IUPAC CARBOHYDRATE SYMBOL'           PDB-CARE 1.0 b-methyl-galactoside         
# 
loop_
_pdbx_poly_seq_scheme.asym_id 
_pdbx_poly_seq_scheme.entity_id 
_pdbx_poly_seq_scheme.seq_id 
_pdbx_poly_seq_scheme.mon_id 
_pdbx_poly_seq_scheme.ndb_seq_num 
_pdbx_poly_seq_scheme.pdb_seq_num 
_pdbx_poly_seq_scheme.auth_seq_num 
_pdbx_poly_seq_scheme.pdb_mon_id 
_pdbx_poly_seq_scheme.auth_mon_id 
_pdbx_poly_seq_scheme.pdb_strand_id 
_pdbx_poly_seq_scheme.pdb_ins_code 
_pdbx_poly_seq_scheme.hetero 
A 1 1   GLY 1   21  ?   ?   ?   A . n 
A 1 2   SER 2   22  ?   ?   ?   A . n 
A 1 3   HIS 3   23  ?   ?   ?   A . n 
A 1 4   MET 4   24  ?   ?   ?   A . n 
A 1 5   ALA 5   25  ?   ?   ?   A . n 
A 1 6   SER 6   26  ?   ?   ?   A . n 
A 1 7   GLU 7   27  ?   ?   ?   A . n 
A 1 8   LYS 8   28  ?   ?   ?   A . n 
A 1 9   VAL 9   29  ?   ?   ?   A . n 
A 1 10  ALA 10  30  ?   ?   ?   A . n 
A 1 11  VAL 11  31  ?   ?   ?   A . n 
A 1 12  GLU 12  32  ?   ?   ?   A . n 
A 1 13  THR 13  33  33  THR THR A . n 
A 1 14  SER 14  34  34  SER SER A . n 
A 1 15  VAL 15  35  35  VAL VAL A . n 
A 1 16  TYR 16  36  36  TYR TYR A . n 
A 1 17  LEU 17  37  37  LEU LEU A . n 
A 1 18  SER 18  38  38  SER SER A . n 
A 1 19  GLU 19  39  39  GLU GLU A . n 
A 1 20  LEU 20  40  40  LEU LEU A . n 
A 1 21  GLU 21  41  41  GLU GLU A . n 
A 1 22  TRP 22  42  42  TRP TRP A . n 
A 1 23  LYS 23  43  43  LYS LYS A . n 
A 1 24  SER 24  44  44  SER SER A . n 
A 1 25  ALA 25  45  45  ALA ALA A . n 
A 1 26  SER 26  46  46  SER SER A . n 
A 1 27  THR 27  47  47  THR THR A . n 
A 1 28  GLY 28  48  48  GLY GLY A . n 
A 1 29  TYR 29  49  49  TYR TYR A . n 
A 1 30  GLY 30  50  50  GLY GLY A . n 
A 1 31  GLU 31  51  51  GLU GLU A . n 
A 1 32  ILE 32  52  52  ILE ILE A . n 
A 1 33  GLN 33  53  53  GLN GLN A . n 
A 1 34  LYS 34  54  54  LYS LYS A . n 
A 1 35  ASP 35  55  55  ASP ASP A . n 
A 1 36  ALA 36  56  56  ALA ALA A . n 
A 1 37  SER 37  57  57  SER SER A . n 
A 1 38  CYS 38  58  58  CYS CYS A . n 
A 1 39  ASP 39  59  59  ASP ASP A . n 
A 1 40  GLY 40  60  60  GLY GLY A . n 
A 1 41  ASN 41  61  61  ASN ASN A . n 
A 1 42  THR 42  62  62  THR THR A . n 
A 1 43  ILE 43  63  63  ILE ILE A . n 
A 1 44  THR 44  64  64  THR THR A . n 
A 1 45  LEU 45  65  65  LEU LEU A . n 
A 1 46  LYS 46  66  66  LYS LYS A . n 
A 1 47  GLY 47  67  67  GLY GLY A . n 
A 1 48  GLU 48  68  68  GLU GLU A . n 
A 1 49  ASN 49  69  69  ASN ASN A . n 
A 1 50  GLY 50  70  70  GLY GLY A . n 
A 1 51  GLU 51  71  71  GLU GLU A . n 
A 1 52  LYS 52  72  72  LYS LYS A . n 
A 1 53  VAL 53  73  73  VAL VAL A . n 
A 1 54  SER 54  74  74  SER SER A . n 
A 1 55  TYR 55  75  75  TYR TYR A . n 
A 1 56  ASP 56  76  76  ASP ASP A . n 
A 1 57  LYS 57  77  77  LYS LYS A . n 
A 1 58  GLY 58  78  78  GLY GLY A . n 
A 1 59  ILE 59  79  79  ILE ILE A . n 
A 1 60  GLY 60  80  80  GLY GLY A . n 
A 1 61  THR 61  81  81  THR THR A . n 
A 1 62  HIS 62  82  82  HIS HIS A . n 
A 1 63  ALA 63  83  83  ALA ALA A . n 
A 1 64  HIS 64  84  84  HIS HIS A . n 
A 1 65  SER 65  85  85  SER SER A . n 
A 1 66  GLU 66  86  86  GLU GLU A . n 
A 1 67  ILE 67  87  87  ILE ILE A . n 
A 1 68  VAL 68  88  88  VAL VAL A . n 
A 1 69  TYR 69  89  89  TYR TYR A . n 
A 1 70  SER 70  90  90  SER SER A . n 
A 1 71  LEU 71  91  91  LEU LEU A . n 
A 1 72  GLU 72  92  92  GLU GLU A . n 
A 1 73  GLY 73  93  93  GLY GLY A . n 
A 1 74  LEU 74  94  94  LEU LEU A . n 
A 1 75  ASP 75  95  95  ASP ASP A . n 
A 1 76  TYR 76  96  96  TYR TYR A . n 
A 1 77  TYR 77  97  97  TYR TYR A . n 
A 1 78  ASP 78  98  98  ASP ASP A . n 
A 1 79  TYR 79  99  99  TYR TYR A . n 
A 1 80  PHE 80  100 100 PHE PHE A . n 
A 1 81  GLU 81  101 101 GLU GLU A . n 
A 1 82  THR 82  102 102 THR THR A . n 
A 1 83  PHE 83  103 103 PHE PHE A . n 
A 1 84  VAL 84  104 104 VAL VAL A . n 
A 1 85  GLY 85  105 105 GLY GLY A . n 
A 1 86  VAL 86  106 106 VAL VAL A . n 
A 1 87  ASP 87  107 107 ASP ASP A . n 
A 1 88  GLN 88  108 108 GLN GLN A . n 
A 1 89  GLU 89  109 109 GLU GLU A . n 
A 1 90  MET 90  110 110 MET MET A . n 
A 1 91  ALA 91  111 111 ALA ALA A . n 
A 1 92  GLY 92  112 112 GLY GLY A . n 
A 1 93  THR 93  113 113 THR THR A . n 
A 1 94  VAL 94  114 114 VAL VAL A . n 
A 1 95  ALA 95  115 115 ALA ALA A . n 
A 1 96  SER 96  116 116 SER SER A . n 
A 1 97  ILE 97  117 117 ILE ILE A . n 
A 1 98  SER 98  118 118 SER SER A . n 
A 1 99  PHE 99  119 119 PHE PHE A . n 
A 1 100 GLU 100 120 120 GLU GLU A . n 
A 1 101 VAL 101 121 121 VAL VAL A . n 
A 1 102 TYR 102 122 122 TYR TYR A . n 
A 1 103 LEU 103 123 123 LEU LEU A . n 
A 1 104 ASP 104 124 124 ASP ASP A . n 
A 1 105 ASN 105 125 125 ASN ASN A . n 
A 1 106 GLU 106 126 126 GLU GLU A . n 
A 1 107 LYS 107 127 127 LYS LYS A . n 
A 1 108 VAL 108 128 128 VAL VAL A . n 
A 1 109 PHE 109 129 129 PHE PHE A . n 
A 1 110 ASP 110 130 130 ASP ASP A . n 
A 1 111 SER 111 131 131 SER SER A . n 
A 1 112 GLY 112 132 132 GLY GLY A . n 
A 1 113 LEU 113 133 133 LEU LEU A . n 
A 1 114 MET 114 134 134 MET MET A . n 
A 1 115 THR 115 135 135 THR THR A . n 
A 1 116 GLY 116 136 136 GLY GLY A . n 
A 1 117 ASP 117 137 137 ASP ASP A . n 
A 1 118 THR 118 138 138 THR THR A . n 
A 1 119 THR 119 139 139 THR THR A . n 
A 1 120 GLN 120 140 140 GLN GLN A . n 
A 1 121 LYS 121 141 141 LYS LYS A . n 
A 1 122 HIS 122 142 142 HIS HIS A . n 
A 1 123 VAL 123 143 143 VAL VAL A . n 
A 1 124 LYS 124 144 144 LYS LYS A . n 
A 1 125 VAL 125 145 145 VAL VAL A . n 
A 1 126 PRO 126 146 146 PRO PRO A . n 
A 1 127 ILE 127 147 147 ILE ILE A . n 
A 1 128 ALA 128 148 148 ALA ALA A . n 
A 1 129 GLY 129 149 149 GLY GLY A . n 
A 1 130 LYS 130 150 150 LYS LYS A . n 
A 1 131 ASN 131 151 151 ASN ASN A . n 
A 1 132 THR 132 152 152 THR THR A . n 
A 1 133 LEU 133 153 153 LEU LEU A . n 
A 1 134 LYS 134 154 154 LYS LYS A . n 
A 1 135 LEU 135 155 155 LEU LEU A . n 
A 1 136 VAL 136 156 156 VAL VAL A . n 
A 1 137 VAL 137 157 157 VAL VAL A . n 
A 1 138 LYS 138 158 158 LYS LYS A . n 
A 1 139 ASP 139 159 159 ASP ASP A . n 
A 1 140 GLY 140 160 160 GLY GLY A . n 
A 1 141 GLY 141 161 161 GLY GLY A . n 
A 1 142 ASP 142 162 162 ASP ASP A . n 
A 1 143 SER 143 163 163 SER SER A . n 
A 1 144 ILE 144 164 164 ILE ILE A . n 
A 1 145 GLY 145 165 165 GLY GLY A . n 
A 1 146 SER 146 166 166 SER SER A . n 
A 1 147 ASP 147 167 167 ASP ASP A . n 
A 1 148 HIS 148 168 168 HIS HIS A . n 
A 1 149 GLY 149 169 169 GLY GLY A . n 
A 1 150 SER 150 170 170 SER SER A . n 
A 1 151 PHE 151 171 171 PHE PHE A . n 
A 1 152 GLY 152 172 172 GLY GLY A . n 
A 1 153 ASP 153 173 173 ASP ASP A . n 
A 1 154 ALA 154 174 174 ALA ALA A . n 
A 1 155 LYS 155 175 175 LYS LYS A . n 
A 1 156 LEU 156 176 176 LEU LEU A . n 
A 1 157 THR 157 177 177 THR THR A . n 
# 
loop_
_pdbx_nonpoly_scheme.asym_id 
_pdbx_nonpoly_scheme.entity_id 
_pdbx_nonpoly_scheme.mon_id 
_pdbx_nonpoly_scheme.ndb_seq_num 
_pdbx_nonpoly_scheme.pdb_seq_num 
_pdbx_nonpoly_scheme.auth_seq_num 
_pdbx_nonpoly_scheme.pdb_mon_id 
_pdbx_nonpoly_scheme.auth_mon_id 
_pdbx_nonpoly_scheme.pdb_strand_id 
_pdbx_nonpoly_scheme.pdb_ins_code 
B 2 CA  1   1178 1178 CA  CA  A . 
C 3 MBG 1   1179 1179 MBG MBG A . 
D 4 HOH 1   2001 2001 HOH HOH A . 
D 4 HOH 2   2002 2002 HOH HOH A . 
D 4 HOH 3   2003 2003 HOH HOH A . 
D 4 HOH 4   2004 2004 HOH HOH A . 
D 4 HOH 5   2005 2005 HOH HOH A . 
D 4 HOH 6   2006 2006 HOH HOH A . 
D 4 HOH 7   2007 2007 HOH HOH A . 
D 4 HOH 8   2008 2008 HOH HOH A . 
D 4 HOH 9   2009 2009 HOH HOH A . 
D 4 HOH 10  2010 2010 HOH HOH A . 
D 4 HOH 11  2011 2011 HOH HOH A . 
D 4 HOH 12  2012 2012 HOH HOH A . 
D 4 HOH 13  2013 2013 HOH HOH A . 
D 4 HOH 14  2014 2014 HOH HOH A . 
D 4 HOH 15  2015 2015 HOH HOH A . 
D 4 HOH 16  2016 2016 HOH HOH A . 
D 4 HOH 17  2017 2017 HOH HOH A . 
D 4 HOH 18  2018 2018 HOH HOH A . 
D 4 HOH 19  2019 2019 HOH HOH A . 
D 4 HOH 20  2020 2020 HOH HOH A . 
D 4 HOH 21  2021 2021 HOH HOH A . 
D 4 HOH 22  2022 2022 HOH HOH A . 
D 4 HOH 23  2023 2023 HOH HOH A . 
D 4 HOH 24  2024 2024 HOH HOH A . 
D 4 HOH 25  2025 2025 HOH HOH A . 
D 4 HOH 26  2026 2026 HOH HOH A . 
D 4 HOH 27  2027 2027 HOH HOH A . 
D 4 HOH 28  2028 2028 HOH HOH A . 
D 4 HOH 29  2029 2029 HOH HOH A . 
D 4 HOH 30  2030 2030 HOH HOH A . 
D 4 HOH 31  2031 2031 HOH HOH A . 
D 4 HOH 32  2032 2032 HOH HOH A . 
D 4 HOH 33  2033 2033 HOH HOH A . 
D 4 HOH 34  2034 2034 HOH HOH A . 
D 4 HOH 35  2035 2035 HOH HOH A . 
D 4 HOH 36  2036 2036 HOH HOH A . 
D 4 HOH 37  2037 2037 HOH HOH A . 
D 4 HOH 38  2038 2038 HOH HOH A . 
D 4 HOH 39  2039 2039 HOH HOH A . 
D 4 HOH 40  2040 2040 HOH HOH A . 
D 4 HOH 41  2041 2041 HOH HOH A . 
D 4 HOH 42  2042 2042 HOH HOH A . 
D 4 HOH 43  2043 2043 HOH HOH A . 
D 4 HOH 44  2044 2044 HOH HOH A . 
D 4 HOH 45  2045 2045 HOH HOH A . 
D 4 HOH 46  2046 2046 HOH HOH A . 
D 4 HOH 47  2047 2047 HOH HOH A . 
D 4 HOH 48  2048 2048 HOH HOH A . 
D 4 HOH 49  2049 2049 HOH HOH A . 
D 4 HOH 50  2050 2050 HOH HOH A . 
D 4 HOH 51  2051 2051 HOH HOH A . 
D 4 HOH 52  2052 2052 HOH HOH A . 
D 4 HOH 53  2053 2053 HOH HOH A . 
D 4 HOH 54  2054 2054 HOH HOH A . 
D 4 HOH 55  2055 2055 HOH HOH A . 
D 4 HOH 56  2056 2056 HOH HOH A . 
D 4 HOH 57  2057 2057 HOH HOH A . 
D 4 HOH 58  2058 2058 HOH HOH A . 
D 4 HOH 59  2059 2059 HOH HOH A . 
D 4 HOH 60  2060 2060 HOH HOH A . 
D 4 HOH 61  2061 2061 HOH HOH A . 
D 4 HOH 62  2062 2062 HOH HOH A . 
D 4 HOH 63  2063 2063 HOH HOH A . 
D 4 HOH 64  2064 2064 HOH HOH A . 
D 4 HOH 65  2065 2065 HOH HOH A . 
D 4 HOH 66  2066 2066 HOH HOH A . 
D 4 HOH 67  2067 2067 HOH HOH A . 
D 4 HOH 68  2068 2068 HOH HOH A . 
D 4 HOH 69  2069 2069 HOH HOH A . 
D 4 HOH 70  2070 2070 HOH HOH A . 
D 4 HOH 71  2071 2071 HOH HOH A . 
D 4 HOH 72  2072 2072 HOH HOH A . 
D 4 HOH 73  2073 2073 HOH HOH A . 
D 4 HOH 74  2074 2074 HOH HOH A . 
D 4 HOH 75  2075 2075 HOH HOH A . 
D 4 HOH 76  2076 2076 HOH HOH A . 
D 4 HOH 77  2077 2077 HOH HOH A . 
D 4 HOH 78  2078 2078 HOH HOH A . 
D 4 HOH 79  2079 2079 HOH HOH A . 
D 4 HOH 80  2080 2080 HOH HOH A . 
D 4 HOH 81  2081 2081 HOH HOH A . 
D 4 HOH 82  2082 2082 HOH HOH A . 
D 4 HOH 83  2083 2083 HOH HOH A . 
D 4 HOH 84  2084 2084 HOH HOH A . 
D 4 HOH 85  2085 2085 HOH HOH A . 
D 4 HOH 86  2086 2086 HOH HOH A . 
D 4 HOH 87  2087 2087 HOH HOH A . 
D 4 HOH 88  2088 2088 HOH HOH A . 
D 4 HOH 89  2089 2089 HOH HOH A . 
D 4 HOH 90  2090 2090 HOH HOH A . 
D 4 HOH 91  2091 2091 HOH HOH A . 
D 4 HOH 92  2092 2092 HOH HOH A . 
D 4 HOH 93  2093 2093 HOH HOH A . 
D 4 HOH 94  2094 2094 HOH HOH A . 
D 4 HOH 95  2095 2095 HOH HOH A . 
D 4 HOH 96  2096 2096 HOH HOH A . 
D 4 HOH 97  2097 2097 HOH HOH A . 
D 4 HOH 98  2098 2098 HOH HOH A . 
D 4 HOH 99  2099 2099 HOH HOH A . 
D 4 HOH 100 2100 2100 HOH HOH A . 
D 4 HOH 101 2101 2101 HOH HOH A . 
D 4 HOH 102 2102 2102 HOH HOH A . 
D 4 HOH 103 2103 2103 HOH HOH A . 
D 4 HOH 104 2104 2104 HOH HOH A . 
D 4 HOH 105 2105 2105 HOH HOH A . 
D 4 HOH 106 2106 2106 HOH HOH A . 
D 4 HOH 107 2107 2107 HOH HOH A . 
D 4 HOH 108 2108 2108 HOH HOH A . 
D 4 HOH 109 2109 2109 HOH HOH A . 
D 4 HOH 110 2110 2110 HOH HOH A . 
D 4 HOH 111 2111 2111 HOH HOH A . 
D 4 HOH 112 2112 2112 HOH HOH A . 
D 4 HOH 113 2113 2113 HOH HOH A . 
D 4 HOH 114 2114 2114 HOH HOH A . 
D 4 HOH 115 2115 2115 HOH HOH A . 
D 4 HOH 116 2116 2116 HOH HOH A . 
D 4 HOH 117 2117 2117 HOH HOH A . 
D 4 HOH 118 2118 2118 HOH HOH A . 
D 4 HOH 119 2119 2119 HOH HOH A . 
D 4 HOH 120 2120 2120 HOH HOH A . 
D 4 HOH 121 2121 2121 HOH HOH A . 
D 4 HOH 122 2122 2122 HOH HOH A . 
D 4 HOH 123 2123 2123 HOH HOH A . 
D 4 HOH 124 2124 2124 HOH HOH A . 
D 4 HOH 125 2125 2125 HOH HOH A . 
D 4 HOH 126 2126 2126 HOH HOH A . 
D 4 HOH 127 2127 2127 HOH HOH A . 
D 4 HOH 128 2128 2128 HOH HOH A . 
D 4 HOH 129 2129 2129 HOH HOH A . 
D 4 HOH 130 2130 2130 HOH HOH A . 
D 4 HOH 131 2131 2131 HOH HOH A . 
D 4 HOH 132 2132 2132 HOH HOH A . 
D 4 HOH 133 2133 2133 HOH HOH A . 
D 4 HOH 134 2134 2134 HOH HOH A . 
D 4 HOH 135 2135 2135 HOH HOH A . 
D 4 HOH 136 2136 2136 HOH HOH A . 
D 4 HOH 137 2137 2137 HOH HOH A . 
D 4 HOH 138 2138 2138 HOH HOH A . 
D 4 HOH 139 2139 2139 HOH HOH A . 
D 4 HOH 140 2140 2140 HOH HOH A . 
D 4 HOH 141 2141 2141 HOH HOH A . 
D 4 HOH 142 2142 2142 HOH HOH A . 
D 4 HOH 143 2143 2143 HOH HOH A . 
D 4 HOH 144 2144 2144 HOH HOH A . 
D 4 HOH 145 2145 2145 HOH HOH A . 
D 4 HOH 146 2146 2146 HOH HOH A . 
# 
loop_
_software.name 
_software.classification 
_software.version 
_software.citation_id 
_software.pdbx_ordinal 
_software.date 
_software.type 
_software.location 
_software.language 
REFMAC refinement       5.2.0019 ? 1 ? ? ? ? 
d*TREK 'data reduction' .        ? 2 ? ? ? ? 
MOLREP phasing          .        ? 3 ? ? ? ? 
# 
_cell.entry_id           2VMG 
_cell.length_a           37.475 
_cell.length_b           47.948 
_cell.length_c           38.704 
_cell.angle_alpha        90.00 
_cell.angle_beta         92.00 
_cell.angle_gamma        90.00 
_cell.Z_PDB              2 
_cell.pdbx_unique_axis   ? 
# 
_symmetry.entry_id                         2VMG 
_symmetry.space_group_name_H-M             'P 1 21 1' 
_symmetry.pdbx_full_space_group_name_H-M   ? 
_symmetry.cell_setting                     ? 
_symmetry.Int_Tables_number                4 
# 
_exptl.entry_id          2VMG 
_exptl.method            'X-RAY DIFFRACTION' 
_exptl.crystals_number   ? 
# 
_exptl_crystal.id                    1 
_exptl_crystal.density_meas          ? 
_exptl_crystal.density_Matthews      1.97 
_exptl_crystal.density_percent_sol   37.07 
_exptl_crystal.description           NONE 
_exptl_crystal.preparation           ? 
# 
_exptl_crystal_grow.apparatus       ? 
_exptl_crystal_grow.atmosphere      ? 
_exptl_crystal_grow.crystal_id      1 
_exptl_crystal_grow.details         ? 
_exptl_crystal_grow.method          'VAPOR DIFFUSION, HANGING DROP' 
_exptl_crystal_grow.method_ref      ? 
_exptl_crystal_grow.pH              ? 
_exptl_crystal_grow.pdbx_details    ? 
_exptl_crystal_grow.pdbx_pH_range   ? 
_exptl_crystal_grow.pressure        ? 
_exptl_crystal_grow.pressure_esd    ? 
_exptl_crystal_grow.seeding         ? 
_exptl_crystal_grow.seeding_ref     ? 
_exptl_crystal_grow.temp            291 
_exptl_crystal_grow.temp_details    ? 
_exptl_crystal_grow.temp_esd        ? 
_exptl_crystal_grow.time            ? 
# 
_diffrn.id                               1 
_diffrn.ambient_temp                     113 
_diffrn.ambient_temp_details             ? 
_diffrn.crystal_id                       1 
_diffrn.pdbx_serial_crystal_experiment   ? 
# 
_diffrn_radiation.diffrn_id                        1 
_diffrn_radiation.wavelength_id                    1 
_diffrn_radiation.pdbx_monochromatic_or_laue_m_l   M 
_diffrn_radiation.monochromator                    ? 
_diffrn_radiation.pdbx_diffrn_protocol             'SINGLE WAVELENGTH' 
_diffrn_radiation.pdbx_scattering_type             x-ray 
# 
_diffrn_radiation_wavelength.id           1 
_diffrn_radiation_wavelength.wavelength   1.5418 
_diffrn_radiation_wavelength.wt           1.0 
# 
_diffrn_source.diffrn_id                   1 
_diffrn_source.source                      'ROTATING ANODE' 
_diffrn_source.type                        ? 
_diffrn_source.pdbx_synchrotron_site       ? 
_diffrn_source.pdbx_synchrotron_beamline   ? 
_diffrn_source.pdbx_wavelength             1.5418 
_diffrn_source.pdbx_wavelength_list        ? 
# 
_reflns.pdbx_diffrn_id               1 
_reflns.pdbx_ordinal                 1 
_reflns.entry_id                     2VMG 
_reflns.observed_criterion_sigma_I   2.0 
_reflns.observed_criterion_sigma_F   ? 
_reflns.d_resolution_low             20.00 
_reflns.d_resolution_high            1.90 
_reflns.number_obs                   10010 
_reflns.number_all                   ? 
_reflns.percent_possible_obs         96.4 
_reflns.pdbx_Rmerge_I_obs            0.077 
_reflns.pdbx_Rsym_value              ? 
_reflns.pdbx_netI_over_sigmaI        8.60 
_reflns.B_iso_Wilson_estimate        ? 
_reflns.pdbx_redundancy              3.7 
_reflns.pdbx_CC_half                 ? 
_reflns.pdbx_Rpim_I_all              ? 
_reflns.pdbx_Rrim_I_all              ? 
# 
_reflns_shell.pdbx_diffrn_id         1 
_reflns_shell.pdbx_ordinal           1 
_reflns_shell.d_res_high             1.90 
_reflns_shell.d_res_low              1.97 
_reflns_shell.percent_possible_all   93.2 
_reflns_shell.Rmerge_I_obs           0.30 
_reflns_shell.pdbx_Rsym_value        ? 
_reflns_shell.meanI_over_sigI_obs    2.50 
_reflns_shell.pdbx_redundancy        3.6 
_reflns_shell.number_measured_obs    ? 
_reflns_shell.number_unique_all      ? 
_reflns_shell.number_unique_obs      ? 
_reflns_shell.pdbx_CC_half           ? 
_reflns_shell.pdbx_Rpim_I_all        ? 
_reflns_shell.pdbx_Rrim_I_all        ? 
# 
_refine.pdbx_refine_id                           'X-RAY DIFFRACTION' 
_refine.entry_id                                 2VMG 
_refine.pdbx_diffrn_id                           1 
_refine.pdbx_TLS_residual_ADP_flag               ? 
_refine.ls_number_reflns_obs                     10010 
_refine.ls_number_reflns_all                     ? 
_refine.pdbx_ls_sigma_I                          ? 
_refine.pdbx_ls_sigma_F                          ? 
_refine.pdbx_data_cutoff_high_absF               ? 
_refine.pdbx_data_cutoff_low_absF                ? 
_refine.pdbx_data_cutoff_high_rms_absF           ? 
_refine.ls_d_res_low                             20.00 
_refine.ls_d_res_high                            1.90 
_refine.ls_percent_reflns_obs                    96.4 
_refine.ls_R_factor_obs                          0.233 
_refine.ls_R_factor_all                          ? 
_refine.ls_R_factor_R_work                       0.230 
_refine.ls_R_factor_R_free                       0.296 
_refine.ls_R_factor_R_free_error                 ? 
_refine.ls_R_factor_R_free_error_details         ? 
_refine.ls_percent_reflns_R_free                 4.800 
_refine.ls_number_reflns_R_free                  507 
_refine.ls_number_parameters                     ? 
_refine.ls_number_restraints                     ? 
_refine.occupancy_min                            ? 
_refine.occupancy_max                            ? 
_refine.correlation_coeff_Fo_to_Fc               0.945 
_refine.correlation_coeff_Fo_to_Fc_free          0.897 
_refine.B_iso_mean                               24.57 
_refine.aniso_B[1][1]                            3.89000 
_refine.aniso_B[2][2]                            -1.39000 
_refine.aniso_B[3][3]                            -2.36000 
_refine.aniso_B[1][2]                            0.00000 
_refine.aniso_B[1][3]                            1.93000 
_refine.aniso_B[2][3]                            0.00000 
_refine.solvent_model_details                    MASK 
_refine.solvent_model_param_ksol                 ? 
_refine.solvent_model_param_bsol                 ? 
_refine.pdbx_solvent_vdw_probe_radii             1.20 
_refine.pdbx_solvent_ion_probe_radii             0.80 
_refine.pdbx_solvent_shrinkage_radii             0.80 
_refine.pdbx_ls_cross_valid_method               THROUGHOUT 
_refine.details                                  'HYDROGENS HAVE BEEN ADDED IN THE RIDING POSITIONS.' 
_refine.pdbx_starting_model                      ? 
_refine.pdbx_method_to_determine_struct          'MOLECULAR REPLACEMENT' 
_refine.pdbx_isotropic_thermal_model             ? 
_refine.pdbx_stereochemistry_target_values       'MAXIMUM LIKELIHOOD' 
_refine.pdbx_stereochem_target_val_spec_case     ? 
_refine.pdbx_R_Free_selection_details            RANDOM 
_refine.pdbx_overall_ESU_R                       0.226 
_refine.pdbx_overall_ESU_R_Free                  0.205 
_refine.overall_SU_ML                            0.184 
_refine.pdbx_overall_phase_error                 ? 
_refine.overall_SU_B                             6.530 
_refine.overall_SU_R_Cruickshank_DPI             ? 
_refine.pdbx_overall_SU_R_free_Cruickshank_DPI   ? 
_refine.pdbx_overall_SU_R_Blow_DPI               ? 
_refine.pdbx_overall_SU_R_free_Blow_DPI          ? 
# 
_refine_hist.pdbx_refine_id                   'X-RAY DIFFRACTION' 
_refine_hist.cycle_id                         LAST 
_refine_hist.pdbx_number_atoms_protein        1100 
_refine_hist.pdbx_number_atoms_nucleic_acid   0 
_refine_hist.pdbx_number_atoms_ligand         14 
_refine_hist.number_atoms_solvent             146 
_refine_hist.number_atoms_total               1260 
_refine_hist.d_res_high                       1.90 
_refine_hist.d_res_low                        20.00 
# 
loop_
_refine_ls_restr.type 
_refine_ls_restr.dev_ideal 
_refine_ls_restr.dev_ideal_target 
_refine_ls_restr.weight 
_refine_ls_restr.number 
_refine_ls_restr.pdbx_refine_id 
_refine_ls_restr.pdbx_restraint_function 
r_bond_refined_d             0.007  0.021  ? 1132 'X-RAY DIFFRACTION' ? 
r_bond_other_d               ?      ?      ? ?    'X-RAY DIFFRACTION' ? 
r_angle_refined_deg          0.932  1.966  ? 1529 'X-RAY DIFFRACTION' ? 
r_angle_other_deg            ?      ?      ? ?    'X-RAY DIFFRACTION' ? 
r_dihedral_angle_1_deg       5.773  5.000  ? 144  'X-RAY DIFFRACTION' ? 
r_dihedral_angle_2_deg       37.238 26.327 ? 49   'X-RAY DIFFRACTION' ? 
r_dihedral_angle_3_deg       13.030 15.000 ? 190  'X-RAY DIFFRACTION' ? 
r_dihedral_angle_4_deg       ?      ?      ? ?    'X-RAY DIFFRACTION' ? 
r_chiral_restr               0.061  0.200  ? 173  'X-RAY DIFFRACTION' ? 
r_gen_planes_refined         0.002  0.020  ? 841  'X-RAY DIFFRACTION' ? 
r_gen_planes_other           ?      ?      ? ?    'X-RAY DIFFRACTION' ? 
r_nbd_refined                0.166  0.200  ? 535  'X-RAY DIFFRACTION' ? 
r_nbd_other                  ?      ?      ? ?    'X-RAY DIFFRACTION' ? 
r_nbtor_refined              0.295  0.200  ? 765  'X-RAY DIFFRACTION' ? 
r_nbtor_other                ?      ?      ? ?    'X-RAY DIFFRACTION' ? 
r_xyhbond_nbd_refined        0.097  0.200  ? 126  'X-RAY DIFFRACTION' ? 
r_xyhbond_nbd_other          ?      ?      ? ?    'X-RAY DIFFRACTION' ? 
r_metal_ion_refined          ?      ?      ? ?    'X-RAY DIFFRACTION' ? 
r_metal_ion_other            ?      ?      ? ?    'X-RAY DIFFRACTION' ? 
r_symmetry_vdw_refined       0.119  0.200  ? 25   'X-RAY DIFFRACTION' ? 
r_symmetry_vdw_other         ?      ?      ? ?    'X-RAY DIFFRACTION' ? 
r_symmetry_hbond_refined     0.087  0.200  ? 24   'X-RAY DIFFRACTION' ? 
r_symmetry_hbond_other       ?      ?      ? ?    'X-RAY DIFFRACTION' ? 
r_symmetry_metal_ion_refined ?      ?      ? ?    'X-RAY DIFFRACTION' ? 
r_symmetry_metal_ion_other   ?      ?      ? ?    'X-RAY DIFFRACTION' ? 
r_mcbond_it                  0.336  1.500  ? 728  'X-RAY DIFFRACTION' ? 
r_mcbond_other               ?      ?      ? ?    'X-RAY DIFFRACTION' ? 
r_mcangle_it                 0.577  2.000  ? 1132 'X-RAY DIFFRACTION' ? 
r_mcangle_other              ?      ?      ? ?    'X-RAY DIFFRACTION' ? 
r_scbond_it                  0.621  3.000  ? 460  'X-RAY DIFFRACTION' ? 
r_scbond_other               ?      ?      ? ?    'X-RAY DIFFRACTION' ? 
r_scangle_it                 0.912  4.500  ? 397  'X-RAY DIFFRACTION' ? 
r_scangle_other              ?      ?      ? ?    'X-RAY DIFFRACTION' ? 
r_long_range_B_refined       ?      ?      ? ?    'X-RAY DIFFRACTION' ? 
r_long_range_B_other         ?      ?      ? ?    'X-RAY DIFFRACTION' ? 
r_rigid_bond_restr           ?      ?      ? ?    'X-RAY DIFFRACTION' ? 
r_sphericity_free            ?      ?      ? ?    'X-RAY DIFFRACTION' ? 
r_sphericity_bonded          ?      ?      ? ?    'X-RAY DIFFRACTION' ? 
# 
_refine_ls_shell.pdbx_refine_id                   'X-RAY DIFFRACTION' 
_refine_ls_shell.pdbx_total_number_of_bins_used   20 
_refine_ls_shell.d_res_high                       1.90 
_refine_ls_shell.d_res_low                        1.95 
_refine_ls_shell.number_reflns_R_work             710 
_refine_ls_shell.R_factor_R_work                  0.4560 
_refine_ls_shell.percent_reflns_obs               ? 
_refine_ls_shell.R_factor_R_free                  0.6290 
_refine_ls_shell.R_factor_R_free_error            ? 
_refine_ls_shell.percent_reflns_R_free            ? 
_refine_ls_shell.number_reflns_R_free             27 
_refine_ls_shell.number_reflns_all                ? 
_refine_ls_shell.R_factor_all                     ? 
_refine_ls_shell.R_factor_obs                     ? 
_refine_ls_shell.number_reflns_obs                ? 
# 
_struct.entry_id                  2VMG 
_struct.title                     'The structure of CBM51 from Clostridium perfringens GH95 in complex with methyl-galactose' 
_struct.pdbx_model_details        ? 
_struct.pdbx_CASP_flag            ? 
_struct.pdbx_model_type_details   ? 
# 
_struct_keywords.entry_id        2VMG 
_struct_keywords.pdbx_keywords   'SUGAR BINDING PROTEIN' 
_struct_keywords.text            
'CARBOHYDRATE-BINDING MODULE, SUGAR-BINDING PROTEIN, GALACTOSE, FUCOSIDASE, CLOSTRIDIUM PERFRINGENS, SUGAR BINDING PROTEIN' 
# 
loop_
_struct_asym.id 
_struct_asym.pdbx_blank_PDB_chainid_flag 
_struct_asym.pdbx_modified 
_struct_asym.entity_id 
_struct_asym.details 
A N N 1 ? 
B N N 2 ? 
C N N 3 ? 
D N N 4 ? 
# 
loop_
_struct_ref.id 
_struct_ref.db_name 
_struct_ref.db_code 
_struct_ref.entity_id 
_struct_ref.pdbx_seq_one_letter_code 
_struct_ref.pdbx_align_begin 
_struct_ref.pdbx_db_accession 
_struct_ref.pdbx_db_isoform 
1 PDB 2VMG         1 ? ? 2VMG   ? 
2 UNP Q0TP83_CLOP1 1 ? ? Q0TP83 ? 
# 
loop_
_struct_ref_seq.align_id 
_struct_ref_seq.ref_id 
_struct_ref_seq.pdbx_PDB_id_code 
_struct_ref_seq.pdbx_strand_id 
_struct_ref_seq.seq_align_beg 
_struct_ref_seq.pdbx_seq_align_beg_ins_code 
_struct_ref_seq.seq_align_end 
_struct_ref_seq.pdbx_seq_align_end_ins_code 
_struct_ref_seq.pdbx_db_accession 
_struct_ref_seq.db_align_beg 
_struct_ref_seq.pdbx_db_align_beg_ins_code 
_struct_ref_seq.db_align_end 
_struct_ref_seq.pdbx_db_align_end_ins_code 
_struct_ref_seq.pdbx_auth_seq_align_beg 
_struct_ref_seq.pdbx_auth_seq_align_end 
1 1 2VMG A 1 ? 4   ? 2VMG   21  ? 24   ? 21 24  
2 2 2VMG A 5 ? 157 ? Q0TP83 898 ? 1050 ? 25 177 
# 
_pdbx_struct_assembly.id                   1 
_pdbx_struct_assembly.details              author_and_software_defined_assembly 
_pdbx_struct_assembly.method_details       PQS 
_pdbx_struct_assembly.oligomeric_details   monomeric 
_pdbx_struct_assembly.oligomeric_count     1 
# 
_pdbx_struct_assembly_gen.assembly_id       1 
_pdbx_struct_assembly_gen.oper_expression   1 
_pdbx_struct_assembly_gen.asym_id_list      A,B,C,D 
# 
_pdbx_struct_oper_list.id                   1 
_pdbx_struct_oper_list.type                 'identity operation' 
_pdbx_struct_oper_list.name                 1_555 
_pdbx_struct_oper_list.symmetry_operation   x,y,z 
_pdbx_struct_oper_list.matrix[1][1]         1.0000000000 
_pdbx_struct_oper_list.matrix[1][2]         0.0000000000 
_pdbx_struct_oper_list.matrix[1][3]         0.0000000000 
_pdbx_struct_oper_list.vector[1]            0.0000000000 
_pdbx_struct_oper_list.matrix[2][1]         0.0000000000 
_pdbx_struct_oper_list.matrix[2][2]         1.0000000000 
_pdbx_struct_oper_list.matrix[2][3]         0.0000000000 
_pdbx_struct_oper_list.vector[2]            0.0000000000 
_pdbx_struct_oper_list.matrix[3][1]         0.0000000000 
_pdbx_struct_oper_list.matrix[3][2]         0.0000000000 
_pdbx_struct_oper_list.matrix[3][3]         1.0000000000 
_pdbx_struct_oper_list.vector[3]            0.0000000000 
# 
loop_
_struct_conf.conf_type_id 
_struct_conf.id 
_struct_conf.pdbx_PDB_helix_id 
_struct_conf.beg_label_comp_id 
_struct_conf.beg_label_asym_id 
_struct_conf.beg_label_seq_id 
_struct_conf.pdbx_beg_PDB_ins_code 
_struct_conf.end_label_comp_id 
_struct_conf.end_label_asym_id 
_struct_conf.end_label_seq_id 
_struct_conf.pdbx_end_PDB_ins_code 
_struct_conf.beg_auth_comp_id 
_struct_conf.beg_auth_asym_id 
_struct_conf.beg_auth_seq_id 
_struct_conf.end_auth_comp_id 
_struct_conf.end_auth_asym_id 
_struct_conf.end_auth_seq_id 
_struct_conf.pdbx_PDB_helix_class 
_struct_conf.details 
_struct_conf.pdbx_PDB_helix_length 
HELX_P HELX_P1 1 SER A 18 ? LEU A 20 ? SER A 38  LEU A 40  5 ? 3 
HELX_P HELX_P2 2 GLN A 88 ? ALA A 91 ? GLN A 108 ALA A 111 5 ? 4 
# 
_struct_conf_type.id          HELX_P 
_struct_conf_type.criteria    ? 
_struct_conf_type.reference   ? 
# 
loop_
_struct_conn.id 
_struct_conn.conn_type_id 
_struct_conn.pdbx_leaving_atom_flag 
_struct_conn.pdbx_PDB_id 
_struct_conn.ptnr1_label_asym_id 
_struct_conn.ptnr1_label_comp_id 
_struct_conn.ptnr1_label_seq_id 
_struct_conn.ptnr1_label_atom_id 
_struct_conn.pdbx_ptnr1_label_alt_id 
_struct_conn.pdbx_ptnr1_PDB_ins_code 
_struct_conn.pdbx_ptnr1_standard_comp_id 
_struct_conn.ptnr1_symmetry 
_struct_conn.ptnr2_label_asym_id 
_struct_conn.ptnr2_label_comp_id 
_struct_conn.ptnr2_label_seq_id 
_struct_conn.ptnr2_label_atom_id 
_struct_conn.pdbx_ptnr2_label_alt_id 
_struct_conn.pdbx_ptnr2_PDB_ins_code 
_struct_conn.ptnr1_auth_asym_id 
_struct_conn.ptnr1_auth_comp_id 
_struct_conn.ptnr1_auth_seq_id 
_struct_conn.ptnr2_auth_asym_id 
_struct_conn.ptnr2_auth_comp_id 
_struct_conn.ptnr2_auth_seq_id 
_struct_conn.ptnr2_symmetry 
_struct_conn.pdbx_ptnr3_label_atom_id 
_struct_conn.pdbx_ptnr3_label_seq_id 
_struct_conn.pdbx_ptnr3_label_comp_id 
_struct_conn.pdbx_ptnr3_label_asym_id 
_struct_conn.pdbx_ptnr3_label_alt_id 
_struct_conn.pdbx_ptnr3_PDB_ins_code 
_struct_conn.details 
_struct_conn.pdbx_dist_value 
_struct_conn.pdbx_value_order 
_struct_conn.pdbx_role 
metalc1 metalc ? ? A SER 96  OG  ? ? ? 1_555 B CA  . CA ? ? A SER 116  A CA  1178 1_555 ? ? ? ? ? ? ? 2.710 ? ? 
metalc2 metalc ? ? A SER 96  O   ? ? ? 1_555 B CA  . CA ? ? A SER 116  A CA  1178 1_555 ? ? ? ? ? ? ? 2.653 ? ? 
metalc3 metalc ? ? A ASP 139 O   ? ? ? 1_555 B CA  . CA ? ? A ASP 159  A CA  1178 1_555 ? ? ? ? ? ? ? 2.392 ? ? 
metalc4 metalc ? ? A ASP 142 OD1 ? ? ? 1_555 B CA  . CA ? ? A ASP 162  A CA  1178 1_555 ? ? ? ? ? ? ? 2.388 ? ? 
metalc5 metalc ? ? A SER 143 O   ? ? ? 1_555 B CA  . CA ? ? A SER 163  A CA  1178 1_555 ? ? ? ? ? ? ? 2.279 ? ? 
metalc6 metalc ? ? A ASP 147 OD1 ? ? ? 1_555 B CA  . CA ? ? A ASP 167  A CA  1178 1_555 ? ? ? ? ? ? ? 2.643 ? ? 
metalc7 metalc ? ? A ASP 147 OD2 ? ? ? 1_555 B CA  . CA ? ? A ASP 167  A CA  1178 1_555 ? ? ? ? ? ? ? 2.483 ? ? 
metalc8 metalc ? ? B CA  .   CA  ? ? ? 1_555 D HOH . O  ? ? A CA  1178 A HOH 2138 1_555 ? ? ? ? ? ? ? 2.307 ? ? 
# 
_struct_conn_type.id          metalc 
_struct_conn_type.criteria    ? 
_struct_conn_type.reference   ? 
# 
loop_
_pdbx_struct_conn_angle.id 
_pdbx_struct_conn_angle.ptnr1_label_atom_id 
_pdbx_struct_conn_angle.ptnr1_label_alt_id 
_pdbx_struct_conn_angle.ptnr1_label_asym_id 
_pdbx_struct_conn_angle.ptnr1_label_comp_id 
_pdbx_struct_conn_angle.ptnr1_label_seq_id 
_pdbx_struct_conn_angle.ptnr1_auth_atom_id 
_pdbx_struct_conn_angle.ptnr1_auth_asym_id 
_pdbx_struct_conn_angle.ptnr1_auth_comp_id 
_pdbx_struct_conn_angle.ptnr1_auth_seq_id 
_pdbx_struct_conn_angle.ptnr1_PDB_ins_code 
_pdbx_struct_conn_angle.ptnr1_symmetry 
_pdbx_struct_conn_angle.ptnr2_label_atom_id 
_pdbx_struct_conn_angle.ptnr2_label_alt_id 
_pdbx_struct_conn_angle.ptnr2_label_asym_id 
_pdbx_struct_conn_angle.ptnr2_label_comp_id 
_pdbx_struct_conn_angle.ptnr2_label_seq_id 
_pdbx_struct_conn_angle.ptnr2_auth_atom_id 
_pdbx_struct_conn_angle.ptnr2_auth_asym_id 
_pdbx_struct_conn_angle.ptnr2_auth_comp_id 
_pdbx_struct_conn_angle.ptnr2_auth_seq_id 
_pdbx_struct_conn_angle.ptnr2_PDB_ins_code 
_pdbx_struct_conn_angle.ptnr2_symmetry 
_pdbx_struct_conn_angle.ptnr3_label_atom_id 
_pdbx_struct_conn_angle.ptnr3_label_alt_id 
_pdbx_struct_conn_angle.ptnr3_label_asym_id 
_pdbx_struct_conn_angle.ptnr3_label_comp_id 
_pdbx_struct_conn_angle.ptnr3_label_seq_id 
_pdbx_struct_conn_angle.ptnr3_auth_atom_id 
_pdbx_struct_conn_angle.ptnr3_auth_asym_id 
_pdbx_struct_conn_angle.ptnr3_auth_comp_id 
_pdbx_struct_conn_angle.ptnr3_auth_seq_id 
_pdbx_struct_conn_angle.ptnr3_PDB_ins_code 
_pdbx_struct_conn_angle.ptnr3_symmetry 
_pdbx_struct_conn_angle.value 
_pdbx_struct_conn_angle.value_esd 
1  OG  ? A SER 96  ? A SER 116 ? 1_555 CA ? B CA . ? A CA 1178 ? 1_555 O   ? A SER 96  ? A SER 116  ? 1_555 65.5  ? 
2  OG  ? A SER 96  ? A SER 116 ? 1_555 CA ? B CA . ? A CA 1178 ? 1_555 O   ? A ASP 139 ? A ASP 159  ? 1_555 100.0 ? 
3  O   ? A SER 96  ? A SER 116 ? 1_555 CA ? B CA . ? A CA 1178 ? 1_555 O   ? A ASP 139 ? A ASP 159  ? 1_555 72.4  ? 
4  OG  ? A SER 96  ? A SER 116 ? 1_555 CA ? B CA . ? A CA 1178 ? 1_555 OD1 ? A ASP 142 ? A ASP 162  ? 1_555 69.6  ? 
5  O   ? A SER 96  ? A SER 116 ? 1_555 CA ? B CA . ? A CA 1178 ? 1_555 OD1 ? A ASP 142 ? A ASP 162  ? 1_555 119.2 ? 
6  O   ? A ASP 139 ? A ASP 159 ? 1_555 CA ? B CA . ? A CA 1178 ? 1_555 OD1 ? A ASP 142 ? A ASP 162  ? 1_555 77.5  ? 
7  OG  ? A SER 96  ? A SER 116 ? 1_555 CA ? B CA . ? A CA 1178 ? 1_555 O   ? A SER 143 ? A SER 163  ? 1_555 146.2 ? 
8  O   ? A SER 96  ? A SER 116 ? 1_555 CA ? B CA . ? A CA 1178 ? 1_555 O   ? A SER 143 ? A SER 163  ? 1_555 147.1 ? 
9  O   ? A ASP 139 ? A ASP 159 ? 1_555 CA ? B CA . ? A CA 1178 ? 1_555 O   ? A SER 143 ? A SER 163  ? 1_555 88.7  ? 
10 OD1 ? A ASP 142 ? A ASP 162 ? 1_555 CA ? B CA . ? A CA 1178 ? 1_555 O   ? A SER 143 ? A SER 163  ? 1_555 80.8  ? 
11 OG  ? A SER 96  ? A SER 116 ? 1_555 CA ? B CA . ? A CA 1178 ? 1_555 OD1 ? A ASP 147 ? A ASP 167  ? 1_555 101.4 ? 
12 O   ? A SER 96  ? A SER 116 ? 1_555 CA ? B CA . ? A CA 1178 ? 1_555 OD1 ? A ASP 147 ? A ASP 167  ? 1_555 74.0  ? 
13 O   ? A ASP 139 ? A ASP 159 ? 1_555 CA ? B CA . ? A CA 1178 ? 1_555 OD1 ? A ASP 147 ? A ASP 167  ? 1_555 127.4 ? 
14 OD1 ? A ASP 142 ? A ASP 162 ? 1_555 CA ? B CA . ? A CA 1178 ? 1_555 OD1 ? A ASP 147 ? A ASP 167  ? 1_555 155.1 ? 
15 O   ? A SER 143 ? A SER 163 ? 1_555 CA ? B CA . ? A CA 1178 ? 1_555 OD1 ? A ASP 147 ? A ASP 167  ? 1_555 98.8  ? 
16 OG  ? A SER 96  ? A SER 116 ? 1_555 CA ? B CA . ? A CA 1178 ? 1_555 OD2 ? A ASP 147 ? A ASP 167  ? 1_555 137.6 ? 
17 O   ? A SER 96  ? A SER 116 ? 1_555 CA ? B CA . ? A CA 1178 ? 1_555 OD2 ? A ASP 147 ? A ASP 167  ? 1_555 75.5  ? 
18 O   ? A ASP 139 ? A ASP 159 ? 1_555 CA ? B CA . ? A CA 1178 ? 1_555 OD2 ? A ASP 147 ? A ASP 167  ? 1_555 82.6  ? 
19 OD1 ? A ASP 142 ? A ASP 162 ? 1_555 CA ? B CA . ? A CA 1178 ? 1_555 OD2 ? A ASP 147 ? A ASP 167  ? 1_555 149.3 ? 
20 O   ? A SER 143 ? A SER 163 ? 1_555 CA ? B CA . ? A CA 1178 ? 1_555 OD2 ? A ASP 147 ? A ASP 167  ? 1_555 75.6  ? 
21 OD1 ? A ASP 147 ? A ASP 167 ? 1_555 CA ? B CA . ? A CA 1178 ? 1_555 OD2 ? A ASP 147 ? A ASP 167  ? 1_555 50.3  ? 
22 OG  ? A SER 96  ? A SER 116 ? 1_555 CA ? B CA . ? A CA 1178 ? 1_555 O   ? D HOH .   ? A HOH 2138 ? 1_555 76.8  ? 
23 O   ? A SER 96  ? A SER 116 ? 1_555 CA ? B CA . ? A CA 1178 ? 1_555 O   ? D HOH .   ? A HOH 2138 ? 1_555 118.1 ? 
24 O   ? A ASP 139 ? A ASP 159 ? 1_555 CA ? B CA . ? A CA 1178 ? 1_555 O   ? D HOH .   ? A HOH 2138 ? 1_555 164.9 ? 
25 OD1 ? A ASP 142 ? A ASP 162 ? 1_555 CA ? B CA . ? A CA 1178 ? 1_555 O   ? D HOH .   ? A HOH 2138 ? 1_555 87.7  ? 
26 O   ? A SER 143 ? A SER 163 ? 1_555 CA ? B CA . ? A CA 1178 ? 1_555 O   ? D HOH .   ? A HOH 2138 ? 1_555 86.3  ? 
27 OD1 ? A ASP 147 ? A ASP 167 ? 1_555 CA ? B CA . ? A CA 1178 ? 1_555 O   ? D HOH .   ? A HOH 2138 ? 1_555 67.5  ? 
28 OD2 ? A ASP 147 ? A ASP 167 ? 1_555 CA ? B CA . ? A CA 1178 ? 1_555 O   ? D HOH .   ? A HOH 2138 ? 1_555 109.8 ? 
# 
_struct_mon_prot_cis.pdbx_id                1 
_struct_mon_prot_cis.label_comp_id          ALA 
_struct_mon_prot_cis.label_seq_id           63 
_struct_mon_prot_cis.label_asym_id          A 
_struct_mon_prot_cis.label_alt_id           . 
_struct_mon_prot_cis.pdbx_PDB_ins_code      ? 
_struct_mon_prot_cis.auth_comp_id           ALA 
_struct_mon_prot_cis.auth_seq_id            83 
_struct_mon_prot_cis.auth_asym_id           A 
_struct_mon_prot_cis.pdbx_label_comp_id_2   HIS 
_struct_mon_prot_cis.pdbx_label_seq_id_2    64 
_struct_mon_prot_cis.pdbx_label_asym_id_2   A 
_struct_mon_prot_cis.pdbx_PDB_ins_code_2    ? 
_struct_mon_prot_cis.pdbx_auth_comp_id_2    HIS 
_struct_mon_prot_cis.pdbx_auth_seq_id_2     84 
_struct_mon_prot_cis.pdbx_auth_asym_id_2    A 
_struct_mon_prot_cis.pdbx_PDB_model_num     1 
_struct_mon_prot_cis.pdbx_omega_angle       -5.68 
# 
loop_
_struct_sheet.id 
_struct_sheet.type 
_struct_sheet.number_strands 
_struct_sheet.details 
AA ? 4 ? 
AB ? 4 ? 
AC ? 5 ? 
AD ? 5 ? 
AE ? 2 ? 
# 
loop_
_struct_sheet_order.sheet_id 
_struct_sheet_order.range_id_1 
_struct_sheet_order.range_id_2 
_struct_sheet_order.offset 
_struct_sheet_order.sense 
AA 1 2 ? anti-parallel 
AA 2 3 ? anti-parallel 
AA 3 4 ? anti-parallel 
AB 1 2 ? anti-parallel 
AB 2 3 ? anti-parallel 
AB 3 4 ? anti-parallel 
AC 1 2 ? anti-parallel 
AC 2 3 ? anti-parallel 
AC 3 4 ? anti-parallel 
AC 4 5 ? anti-parallel 
AD 1 2 ? anti-parallel 
AD 2 3 ? anti-parallel 
AD 3 4 ? anti-parallel 
AD 4 5 ? anti-parallel 
AE 1 2 ? anti-parallel 
# 
loop_
_struct_sheet_range.sheet_id 
_struct_sheet_range.id 
_struct_sheet_range.beg_label_comp_id 
_struct_sheet_range.beg_label_asym_id 
_struct_sheet_range.beg_label_seq_id 
_struct_sheet_range.pdbx_beg_PDB_ins_code 
_struct_sheet_range.end_label_comp_id 
_struct_sheet_range.end_label_asym_id 
_struct_sheet_range.end_label_seq_id 
_struct_sheet_range.pdbx_end_PDB_ins_code 
_struct_sheet_range.beg_auth_comp_id 
_struct_sheet_range.beg_auth_asym_id 
_struct_sheet_range.beg_auth_seq_id 
_struct_sheet_range.end_auth_comp_id 
_struct_sheet_range.end_auth_asym_id 
_struct_sheet_range.end_auth_seq_id 
AA 1 VAL A 15  ? TYR A 16  ? VAL A 35  TYR A 36  
AA 2 HIS A 148 ? THR A 157 ? HIS A 168 THR A 177 
AA 3 GLY A 58  ? HIS A 62  ? GLY A 78  HIS A 82  
AA 4 GLN A 33  ? LYS A 34  ? GLN A 53  LYS A 54  
AB 1 VAL A 15  ? TYR A 16  ? VAL A 35  TYR A 36  
AB 2 HIS A 148 ? THR A 157 ? HIS A 168 THR A 177 
AB 3 TYR A 79  ? VAL A 86  ? TYR A 99  VAL A 106 
AB 4 LYS A 121 ? PRO A 126 ? LYS A 141 PRO A 146 
AC 1 SER A 24  ? SER A 26  ? SER A 44  SER A 46  
AC 2 SER A 65  ? SER A 70  ? SER A 85  SER A 90  
AC 3 THR A 132 ? LYS A 138 ? THR A 152 LYS A 158 
AC 4 SER A 96  ? LEU A 103 ? SER A 116 LEU A 123 
AC 5 MET A 114 ? THR A 115 ? MET A 134 THR A 135 
AD 1 SER A 24  ? SER A 26  ? SER A 44  SER A 46  
AD 2 SER A 65  ? SER A 70  ? SER A 85  SER A 90  
AD 3 THR A 132 ? LYS A 138 ? THR A 152 LYS A 158 
AD 4 SER A 96  ? LEU A 103 ? SER A 116 LEU A 123 
AD 5 GLU A 106 ? ASP A 110 ? GLU A 126 ASP A 130 
AE 1 ILE A 43  ? LYS A 46  ? ILE A 63  LYS A 66  
AE 2 LYS A 52  ? TYR A 55  ? LYS A 72  TYR A 75  
# 
loop_
_pdbx_struct_sheet_hbond.sheet_id 
_pdbx_struct_sheet_hbond.range_id_1 
_pdbx_struct_sheet_hbond.range_id_2 
_pdbx_struct_sheet_hbond.range_1_label_atom_id 
_pdbx_struct_sheet_hbond.range_1_label_comp_id 
_pdbx_struct_sheet_hbond.range_1_label_asym_id 
_pdbx_struct_sheet_hbond.range_1_label_seq_id 
_pdbx_struct_sheet_hbond.range_1_PDB_ins_code 
_pdbx_struct_sheet_hbond.range_1_auth_atom_id 
_pdbx_struct_sheet_hbond.range_1_auth_comp_id 
_pdbx_struct_sheet_hbond.range_1_auth_asym_id 
_pdbx_struct_sheet_hbond.range_1_auth_seq_id 
_pdbx_struct_sheet_hbond.range_2_label_atom_id 
_pdbx_struct_sheet_hbond.range_2_label_comp_id 
_pdbx_struct_sheet_hbond.range_2_label_asym_id 
_pdbx_struct_sheet_hbond.range_2_label_seq_id 
_pdbx_struct_sheet_hbond.range_2_PDB_ins_code 
_pdbx_struct_sheet_hbond.range_2_auth_atom_id 
_pdbx_struct_sheet_hbond.range_2_auth_comp_id 
_pdbx_struct_sheet_hbond.range_2_auth_asym_id 
_pdbx_struct_sheet_hbond.range_2_auth_seq_id 
AA 1 2 N VAL A 15  ? N VAL A 35  O LEU A 156 ? O LEU A 176 
AA 2 3 N PHE A 151 ? N PHE A 171 O ILE A 59  ? O ILE A 79  
AA 3 4 N GLY A 60  ? N GLY A 80  O GLN A 33  ? O GLN A 53  
AB 1 2 N VAL A 15  ? N VAL A 35  O LEU A 156 ? O LEU A 176 
AB 2 3 N THR A 157 ? N THR A 177 O TYR A 79  ? O TYR A 99  
AB 3 4 N VAL A 84  ? N VAL A 104 O LYS A 121 ? O LYS A 141 
AC 1 2 N SER A 26  ? N SER A 46  O GLU A 66  ? O GLU A 86  
AC 2 3 N TYR A 69  ? N TYR A 89  O LEU A 133 ? O LEU A 153 
AC 3 4 N LYS A 138 ? N LYS A 158 O SER A 98  ? O SER A 118 
AC 4 5 N ILE A 97  ? N ILE A 117 O MET A 114 ? O MET A 134 
AD 1 2 N SER A 26  ? N SER A 46  O GLU A 66  ? O GLU A 86  
AD 2 3 N TYR A 69  ? N TYR A 89  O LEU A 133 ? O LEU A 153 
AD 3 4 N LYS A 138 ? N LYS A 158 O SER A 98  ? O SER A 118 
AD 4 5 N LEU A 103 ? N LEU A 123 O GLU A 106 ? O GLU A 126 
AE 1 2 N LEU A 45  ? N LEU A 65  O VAL A 53  ? O VAL A 73  
# 
_pdbx_validate_torsion.id              1 
_pdbx_validate_torsion.PDB_model_num   1 
_pdbx_validate_torsion.auth_comp_id    ASP 
_pdbx_validate_torsion.auth_asym_id    A 
_pdbx_validate_torsion.auth_seq_id     162 
_pdbx_validate_torsion.PDB_ins_code    ? 
_pdbx_validate_torsion.label_alt_id    ? 
_pdbx_validate_torsion.phi             -114.64 
_pdbx_validate_torsion.psi             -76.61 
# 
_pdbx_database_remark.id     700 
_pdbx_database_remark.text   
;
SHEET
THE SHEET STRUCTURE OF THIS MOLECULE IS BIFURCATED. IN
ORDER TO REPRESENT THIS FEATURE IN THE SHEET RECORDS BELOW,
TWO SHEETS ARE DEFINED.
;
# 
loop_
_pdbx_unobs_or_zero_occ_residues.id 
_pdbx_unobs_or_zero_occ_residues.PDB_model_num 
_pdbx_unobs_or_zero_occ_residues.polymer_flag 
_pdbx_unobs_or_zero_occ_residues.occupancy_flag 
_pdbx_unobs_or_zero_occ_residues.auth_asym_id 
_pdbx_unobs_or_zero_occ_residues.auth_comp_id 
_pdbx_unobs_or_zero_occ_residues.auth_seq_id 
_pdbx_unobs_or_zero_occ_residues.PDB_ins_code 
_pdbx_unobs_or_zero_occ_residues.label_asym_id 
_pdbx_unobs_or_zero_occ_residues.label_comp_id 
_pdbx_unobs_or_zero_occ_residues.label_seq_id 
1  1 Y 1 A GLY 21 ? A GLY 1  
2  1 Y 1 A SER 22 ? A SER 2  
3  1 Y 1 A HIS 23 ? A HIS 3  
4  1 Y 1 A MET 24 ? A MET 4  
5  1 Y 1 A ALA 25 ? A ALA 5  
6  1 Y 1 A SER 26 ? A SER 6  
7  1 Y 1 A GLU 27 ? A GLU 7  
8  1 Y 1 A LYS 28 ? A LYS 8  
9  1 Y 1 A VAL 29 ? A VAL 9  
10 1 Y 1 A ALA 30 ? A ALA 10 
11 1 Y 1 A VAL 31 ? A VAL 11 
12 1 Y 1 A GLU 32 ? A GLU 12 
# 
loop_
_chem_comp_atom.comp_id 
_chem_comp_atom.atom_id 
_chem_comp_atom.type_symbol 
_chem_comp_atom.pdbx_aromatic_flag 
_chem_comp_atom.pdbx_stereo_config 
_chem_comp_atom.pdbx_ordinal 
ALA N    N  N N 1   
ALA CA   C  N S 2   
ALA C    C  N N 3   
ALA O    O  N N 4   
ALA CB   C  N N 5   
ALA OXT  O  N N 6   
ALA H    H  N N 7   
ALA H2   H  N N 8   
ALA HA   H  N N 9   
ALA HB1  H  N N 10  
ALA HB2  H  N N 11  
ALA HB3  H  N N 12  
ALA HXT  H  N N 13  
ASN N    N  N N 14  
ASN CA   C  N S 15  
ASN C    C  N N 16  
ASN O    O  N N 17  
ASN CB   C  N N 18  
ASN CG   C  N N 19  
ASN OD1  O  N N 20  
ASN ND2  N  N N 21  
ASN OXT  O  N N 22  
ASN H    H  N N 23  
ASN H2   H  N N 24  
ASN HA   H  N N 25  
ASN HB2  H  N N 26  
ASN HB3  H  N N 27  
ASN HD21 H  N N 28  
ASN HD22 H  N N 29  
ASN HXT  H  N N 30  
ASP N    N  N N 31  
ASP CA   C  N S 32  
ASP C    C  N N 33  
ASP O    O  N N 34  
ASP CB   C  N N 35  
ASP CG   C  N N 36  
ASP OD1  O  N N 37  
ASP OD2  O  N N 38  
ASP OXT  O  N N 39  
ASP H    H  N N 40  
ASP H2   H  N N 41  
ASP HA   H  N N 42  
ASP HB2  H  N N 43  
ASP HB3  H  N N 44  
ASP HD2  H  N N 45  
ASP HXT  H  N N 46  
CA  CA   CA N N 47  
CYS N    N  N N 48  
CYS CA   C  N R 49  
CYS C    C  N N 50  
CYS O    O  N N 51  
CYS CB   C  N N 52  
CYS SG   S  N N 53  
CYS OXT  O  N N 54  
CYS H    H  N N 55  
CYS H2   H  N N 56  
CYS HA   H  N N 57  
CYS HB2  H  N N 58  
CYS HB3  H  N N 59  
CYS HG   H  N N 60  
CYS HXT  H  N N 61  
GLN N    N  N N 62  
GLN CA   C  N S 63  
GLN C    C  N N 64  
GLN O    O  N N 65  
GLN CB   C  N N 66  
GLN CG   C  N N 67  
GLN CD   C  N N 68  
GLN OE1  O  N N 69  
GLN NE2  N  N N 70  
GLN OXT  O  N N 71  
GLN H    H  N N 72  
GLN H2   H  N N 73  
GLN HA   H  N N 74  
GLN HB2  H  N N 75  
GLN HB3  H  N N 76  
GLN HG2  H  N N 77  
GLN HG3  H  N N 78  
GLN HE21 H  N N 79  
GLN HE22 H  N N 80  
GLN HXT  H  N N 81  
GLU N    N  N N 82  
GLU CA   C  N S 83  
GLU C    C  N N 84  
GLU O    O  N N 85  
GLU CB   C  N N 86  
GLU CG   C  N N 87  
GLU CD   C  N N 88  
GLU OE1  O  N N 89  
GLU OE2  O  N N 90  
GLU OXT  O  N N 91  
GLU H    H  N N 92  
GLU H2   H  N N 93  
GLU HA   H  N N 94  
GLU HB2  H  N N 95  
GLU HB3  H  N N 96  
GLU HG2  H  N N 97  
GLU HG3  H  N N 98  
GLU HE2  H  N N 99  
GLU HXT  H  N N 100 
GLY N    N  N N 101 
GLY CA   C  N N 102 
GLY C    C  N N 103 
GLY O    O  N N 104 
GLY OXT  O  N N 105 
GLY H    H  N N 106 
GLY H2   H  N N 107 
GLY HA2  H  N N 108 
GLY HA3  H  N N 109 
GLY HXT  H  N N 110 
HIS N    N  N N 111 
HIS CA   C  N S 112 
HIS C    C  N N 113 
HIS O    O  N N 114 
HIS CB   C  N N 115 
HIS CG   C  Y N 116 
HIS ND1  N  Y N 117 
HIS CD2  C  Y N 118 
HIS CE1  C  Y N 119 
HIS NE2  N  Y N 120 
HIS OXT  O  N N 121 
HIS H    H  N N 122 
HIS H2   H  N N 123 
HIS HA   H  N N 124 
HIS HB2  H  N N 125 
HIS HB3  H  N N 126 
HIS HD1  H  N N 127 
HIS HD2  H  N N 128 
HIS HE1  H  N N 129 
HIS HE2  H  N N 130 
HIS HXT  H  N N 131 
HOH O    O  N N 132 
HOH H1   H  N N 133 
HOH H2   H  N N 134 
ILE N    N  N N 135 
ILE CA   C  N S 136 
ILE C    C  N N 137 
ILE O    O  N N 138 
ILE CB   C  N S 139 
ILE CG1  C  N N 140 
ILE CG2  C  N N 141 
ILE CD1  C  N N 142 
ILE OXT  O  N N 143 
ILE H    H  N N 144 
ILE H2   H  N N 145 
ILE HA   H  N N 146 
ILE HB   H  N N 147 
ILE HG12 H  N N 148 
ILE HG13 H  N N 149 
ILE HG21 H  N N 150 
ILE HG22 H  N N 151 
ILE HG23 H  N N 152 
ILE HD11 H  N N 153 
ILE HD12 H  N N 154 
ILE HD13 H  N N 155 
ILE HXT  H  N N 156 
LEU N    N  N N 157 
LEU CA   C  N S 158 
LEU C    C  N N 159 
LEU O    O  N N 160 
LEU CB   C  N N 161 
LEU CG   C  N N 162 
LEU CD1  C  N N 163 
LEU CD2  C  N N 164 
LEU OXT  O  N N 165 
LEU H    H  N N 166 
LEU H2   H  N N 167 
LEU HA   H  N N 168 
LEU HB2  H  N N 169 
LEU HB3  H  N N 170 
LEU HG   H  N N 171 
LEU HD11 H  N N 172 
LEU HD12 H  N N 173 
LEU HD13 H  N N 174 
LEU HD21 H  N N 175 
LEU HD22 H  N N 176 
LEU HD23 H  N N 177 
LEU HXT  H  N N 178 
LYS N    N  N N 179 
LYS CA   C  N S 180 
LYS C    C  N N 181 
LYS O    O  N N 182 
LYS CB   C  N N 183 
LYS CG   C  N N 184 
LYS CD   C  N N 185 
LYS CE   C  N N 186 
LYS NZ   N  N N 187 
LYS OXT  O  N N 188 
LYS H    H  N N 189 
LYS H2   H  N N 190 
LYS HA   H  N N 191 
LYS HB2  H  N N 192 
LYS HB3  H  N N 193 
LYS HG2  H  N N 194 
LYS HG3  H  N N 195 
LYS HD2  H  N N 196 
LYS HD3  H  N N 197 
LYS HE2  H  N N 198 
LYS HE3  H  N N 199 
LYS HZ1  H  N N 200 
LYS HZ2  H  N N 201 
LYS HZ3  H  N N 202 
LYS HXT  H  N N 203 
MBG C1   C  N R 204 
MBG C2   C  N R 205 
MBG C3   C  N S 206 
MBG C4   C  N R 207 
MBG C5   C  N R 208 
MBG C6   C  N N 209 
MBG C7   C  N N 210 
MBG O1   O  N N 211 
MBG O2   O  N N 212 
MBG O3   O  N N 213 
MBG O4   O  N N 214 
MBG O5   O  N N 215 
MBG O6   O  N N 216 
MBG H1   H  N N 217 
MBG H2   H  N N 218 
MBG H3   H  N N 219 
MBG H4   H  N N 220 
MBG H5   H  N N 221 
MBG H61  H  N N 222 
MBG H62  H  N N 223 
MBG H71  H  N N 224 
MBG H72  H  N N 225 
MBG H73  H  N N 226 
MBG HO2  H  N N 227 
MBG HO3  H  N N 228 
MBG HO4  H  N N 229 
MBG HO6  H  N N 230 
MET N    N  N N 231 
MET CA   C  N S 232 
MET C    C  N N 233 
MET O    O  N N 234 
MET CB   C  N N 235 
MET CG   C  N N 236 
MET SD   S  N N 237 
MET CE   C  N N 238 
MET OXT  O  N N 239 
MET H    H  N N 240 
MET H2   H  N N 241 
MET HA   H  N N 242 
MET HB2  H  N N 243 
MET HB3  H  N N 244 
MET HG2  H  N N 245 
MET HG3  H  N N 246 
MET HE1  H  N N 247 
MET HE2  H  N N 248 
MET HE3  H  N N 249 
MET HXT  H  N N 250 
PHE N    N  N N 251 
PHE CA   C  N S 252 
PHE C    C  N N 253 
PHE O    O  N N 254 
PHE CB   C  N N 255 
PHE CG   C  Y N 256 
PHE CD1  C  Y N 257 
PHE CD2  C  Y N 258 
PHE CE1  C  Y N 259 
PHE CE2  C  Y N 260 
PHE CZ   C  Y N 261 
PHE OXT  O  N N 262 
PHE H    H  N N 263 
PHE H2   H  N N 264 
PHE HA   H  N N 265 
PHE HB2  H  N N 266 
PHE HB3  H  N N 267 
PHE HD1  H  N N 268 
PHE HD2  H  N N 269 
PHE HE1  H  N N 270 
PHE HE2  H  N N 271 
PHE HZ   H  N N 272 
PHE HXT  H  N N 273 
PRO N    N  N N 274 
PRO CA   C  N S 275 
PRO C    C  N N 276 
PRO O    O  N N 277 
PRO CB   C  N N 278 
PRO CG   C  N N 279 
PRO CD   C  N N 280 
PRO OXT  O  N N 281 
PRO H    H  N N 282 
PRO HA   H  N N 283 
PRO HB2  H  N N 284 
PRO HB3  H  N N 285 
PRO HG2  H  N N 286 
PRO HG3  H  N N 287 
PRO HD2  H  N N 288 
PRO HD3  H  N N 289 
PRO HXT  H  N N 290 
SER N    N  N N 291 
SER CA   C  N S 292 
SER C    C  N N 293 
SER O    O  N N 294 
SER CB   C  N N 295 
SER OG   O  N N 296 
SER OXT  O  N N 297 
SER H    H  N N 298 
SER H2   H  N N 299 
SER HA   H  N N 300 
SER HB2  H  N N 301 
SER HB3  H  N N 302 
SER HG   H  N N 303 
SER HXT  H  N N 304 
THR N    N  N N 305 
THR CA   C  N S 306 
THR C    C  N N 307 
THR O    O  N N 308 
THR CB   C  N R 309 
THR OG1  O  N N 310 
THR CG2  C  N N 311 
THR OXT  O  N N 312 
THR H    H  N N 313 
THR H2   H  N N 314 
THR HA   H  N N 315 
THR HB   H  N N 316 
THR HG1  H  N N 317 
THR HG21 H  N N 318 
THR HG22 H  N N 319 
THR HG23 H  N N 320 
THR HXT  H  N N 321 
TRP N    N  N N 322 
TRP CA   C  N S 323 
TRP C    C  N N 324 
TRP O    O  N N 325 
TRP CB   C  N N 326 
TRP CG   C  Y N 327 
TRP CD1  C  Y N 328 
TRP CD2  C  Y N 329 
TRP NE1  N  Y N 330 
TRP CE2  C  Y N 331 
TRP CE3  C  Y N 332 
TRP CZ2  C  Y N 333 
TRP CZ3  C  Y N 334 
TRP CH2  C  Y N 335 
TRP OXT  O  N N 336 
TRP H    H  N N 337 
TRP H2   H  N N 338 
TRP HA   H  N N 339 
TRP HB2  H  N N 340 
TRP HB3  H  N N 341 
TRP HD1  H  N N 342 
TRP HE1  H  N N 343 
TRP HE3  H  N N 344 
TRP HZ2  H  N N 345 
TRP HZ3  H  N N 346 
TRP HH2  H  N N 347 
TRP HXT  H  N N 348 
TYR N    N  N N 349 
TYR CA   C  N S 350 
TYR C    C  N N 351 
TYR O    O  N N 352 
TYR CB   C  N N 353 
TYR CG   C  Y N 354 
TYR CD1  C  Y N 355 
TYR CD2  C  Y N 356 
TYR CE1  C  Y N 357 
TYR CE2  C  Y N 358 
TYR CZ   C  Y N 359 
TYR OH   O  N N 360 
TYR OXT  O  N N 361 
TYR H    H  N N 362 
TYR H2   H  N N 363 
TYR HA   H  N N 364 
TYR HB2  H  N N 365 
TYR HB3  H  N N 366 
TYR HD1  H  N N 367 
TYR HD2  H  N N 368 
TYR HE1  H  N N 369 
TYR HE2  H  N N 370 
TYR HH   H  N N 371 
TYR HXT  H  N N 372 
VAL N    N  N N 373 
VAL CA   C  N S 374 
VAL C    C  N N 375 
VAL O    O  N N 376 
VAL CB   C  N N 377 
VAL CG1  C  N N 378 
VAL CG2  C  N N 379 
VAL OXT  O  N N 380 
VAL H    H  N N 381 
VAL H2   H  N N 382 
VAL HA   H  N N 383 
VAL HB   H  N N 384 
VAL HG11 H  N N 385 
VAL HG12 H  N N 386 
VAL HG13 H  N N 387 
VAL HG21 H  N N 388 
VAL HG22 H  N N 389 
VAL HG23 H  N N 390 
VAL HXT  H  N N 391 
# 
loop_
_chem_comp_bond.comp_id 
_chem_comp_bond.atom_id_1 
_chem_comp_bond.atom_id_2 
_chem_comp_bond.value_order 
_chem_comp_bond.pdbx_aromatic_flag 
_chem_comp_bond.pdbx_stereo_config 
_chem_comp_bond.pdbx_ordinal 
ALA N   CA   sing N N 1   
ALA N   H    sing N N 2   
ALA N   H2   sing N N 3   
ALA CA  C    sing N N 4   
ALA CA  CB   sing N N 5   
ALA CA  HA   sing N N 6   
ALA C   O    doub N N 7   
ALA C   OXT  sing N N 8   
ALA CB  HB1  sing N N 9   
ALA CB  HB2  sing N N 10  
ALA CB  HB3  sing N N 11  
ALA OXT HXT  sing N N 12  
ASN N   CA   sing N N 13  
ASN N   H    sing N N 14  
ASN N   H2   sing N N 15  
ASN CA  C    sing N N 16  
ASN CA  CB   sing N N 17  
ASN CA  HA   sing N N 18  
ASN C   O    doub N N 19  
ASN C   OXT  sing N N 20  
ASN CB  CG   sing N N 21  
ASN CB  HB2  sing N N 22  
ASN CB  HB3  sing N N 23  
ASN CG  OD1  doub N N 24  
ASN CG  ND2  sing N N 25  
ASN ND2 HD21 sing N N 26  
ASN ND2 HD22 sing N N 27  
ASN OXT HXT  sing N N 28  
ASP N   CA   sing N N 29  
ASP N   H    sing N N 30  
ASP N   H2   sing N N 31  
ASP CA  C    sing N N 32  
ASP CA  CB   sing N N 33  
ASP CA  HA   sing N N 34  
ASP C   O    doub N N 35  
ASP C   OXT  sing N N 36  
ASP CB  CG   sing N N 37  
ASP CB  HB2  sing N N 38  
ASP CB  HB3  sing N N 39  
ASP CG  OD1  doub N N 40  
ASP CG  OD2  sing N N 41  
ASP OD2 HD2  sing N N 42  
ASP OXT HXT  sing N N 43  
CYS N   CA   sing N N 44  
CYS N   H    sing N N 45  
CYS N   H2   sing N N 46  
CYS CA  C    sing N N 47  
CYS CA  CB   sing N N 48  
CYS CA  HA   sing N N 49  
CYS C   O    doub N N 50  
CYS C   OXT  sing N N 51  
CYS CB  SG   sing N N 52  
CYS CB  HB2  sing N N 53  
CYS CB  HB3  sing N N 54  
CYS SG  HG   sing N N 55  
CYS OXT HXT  sing N N 56  
GLN N   CA   sing N N 57  
GLN N   H    sing N N 58  
GLN N   H2   sing N N 59  
GLN CA  C    sing N N 60  
GLN CA  CB   sing N N 61  
GLN CA  HA   sing N N 62  
GLN C   O    doub N N 63  
GLN C   OXT  sing N N 64  
GLN CB  CG   sing N N 65  
GLN CB  HB2  sing N N 66  
GLN CB  HB3  sing N N 67  
GLN CG  CD   sing N N 68  
GLN CG  HG2  sing N N 69  
GLN CG  HG3  sing N N 70  
GLN CD  OE1  doub N N 71  
GLN CD  NE2  sing N N 72  
GLN NE2 HE21 sing N N 73  
GLN NE2 HE22 sing N N 74  
GLN OXT HXT  sing N N 75  
GLU N   CA   sing N N 76  
GLU N   H    sing N N 77  
GLU N   H2   sing N N 78  
GLU CA  C    sing N N 79  
GLU CA  CB   sing N N 80  
GLU CA  HA   sing N N 81  
GLU C   O    doub N N 82  
GLU C   OXT  sing N N 83  
GLU CB  CG   sing N N 84  
GLU CB  HB2  sing N N 85  
GLU CB  HB3  sing N N 86  
GLU CG  CD   sing N N 87  
GLU CG  HG2  sing N N 88  
GLU CG  HG3  sing N N 89  
GLU CD  OE1  doub N N 90  
GLU CD  OE2  sing N N 91  
GLU OE2 HE2  sing N N 92  
GLU OXT HXT  sing N N 93  
GLY N   CA   sing N N 94  
GLY N   H    sing N N 95  
GLY N   H2   sing N N 96  
GLY CA  C    sing N N 97  
GLY CA  HA2  sing N N 98  
GLY CA  HA3  sing N N 99  
GLY C   O    doub N N 100 
GLY C   OXT  sing N N 101 
GLY OXT HXT  sing N N 102 
HIS N   CA   sing N N 103 
HIS N   H    sing N N 104 
HIS N   H2   sing N N 105 
HIS CA  C    sing N N 106 
HIS CA  CB   sing N N 107 
HIS CA  HA   sing N N 108 
HIS C   O    doub N N 109 
HIS C   OXT  sing N N 110 
HIS CB  CG   sing N N 111 
HIS CB  HB2  sing N N 112 
HIS CB  HB3  sing N N 113 
HIS CG  ND1  sing Y N 114 
HIS CG  CD2  doub Y N 115 
HIS ND1 CE1  doub Y N 116 
HIS ND1 HD1  sing N N 117 
HIS CD2 NE2  sing Y N 118 
HIS CD2 HD2  sing N N 119 
HIS CE1 NE2  sing Y N 120 
HIS CE1 HE1  sing N N 121 
HIS NE2 HE2  sing N N 122 
HIS OXT HXT  sing N N 123 
HOH O   H1   sing N N 124 
HOH O   H2   sing N N 125 
ILE N   CA   sing N N 126 
ILE N   H    sing N N 127 
ILE N   H2   sing N N 128 
ILE CA  C    sing N N 129 
ILE CA  CB   sing N N 130 
ILE CA  HA   sing N N 131 
ILE C   O    doub N N 132 
ILE C   OXT  sing N N 133 
ILE CB  CG1  sing N N 134 
ILE CB  CG2  sing N N 135 
ILE CB  HB   sing N N 136 
ILE CG1 CD1  sing N N 137 
ILE CG1 HG12 sing N N 138 
ILE CG1 HG13 sing N N 139 
ILE CG2 HG21 sing N N 140 
ILE CG2 HG22 sing N N 141 
ILE CG2 HG23 sing N N 142 
ILE CD1 HD11 sing N N 143 
ILE CD1 HD12 sing N N 144 
ILE CD1 HD13 sing N N 145 
ILE OXT HXT  sing N N 146 
LEU N   CA   sing N N 147 
LEU N   H    sing N N 148 
LEU N   H2   sing N N 149 
LEU CA  C    sing N N 150 
LEU CA  CB   sing N N 151 
LEU CA  HA   sing N N 152 
LEU C   O    doub N N 153 
LEU C   OXT  sing N N 154 
LEU CB  CG   sing N N 155 
LEU CB  HB2  sing N N 156 
LEU CB  HB3  sing N N 157 
LEU CG  CD1  sing N N 158 
LEU CG  CD2  sing N N 159 
LEU CG  HG   sing N N 160 
LEU CD1 HD11 sing N N 161 
LEU CD1 HD12 sing N N 162 
LEU CD1 HD13 sing N N 163 
LEU CD2 HD21 sing N N 164 
LEU CD2 HD22 sing N N 165 
LEU CD2 HD23 sing N N 166 
LEU OXT HXT  sing N N 167 
LYS N   CA   sing N N 168 
LYS N   H    sing N N 169 
LYS N   H2   sing N N 170 
LYS CA  C    sing N N 171 
LYS CA  CB   sing N N 172 
LYS CA  HA   sing N N 173 
LYS C   O    doub N N 174 
LYS C   OXT  sing N N 175 
LYS CB  CG   sing N N 176 
LYS CB  HB2  sing N N 177 
LYS CB  HB3  sing N N 178 
LYS CG  CD   sing N N 179 
LYS CG  HG2  sing N N 180 
LYS CG  HG3  sing N N 181 
LYS CD  CE   sing N N 182 
LYS CD  HD2  sing N N 183 
LYS CD  HD3  sing N N 184 
LYS CE  NZ   sing N N 185 
LYS CE  HE2  sing N N 186 
LYS CE  HE3  sing N N 187 
LYS NZ  HZ1  sing N N 188 
LYS NZ  HZ2  sing N N 189 
LYS NZ  HZ3  sing N N 190 
LYS OXT HXT  sing N N 191 
MBG C1  C2   sing N N 192 
MBG C1  O1   sing N N 193 
MBG C1  O5   sing N N 194 
MBG C1  H1   sing N N 195 
MBG C2  C3   sing N N 196 
MBG C2  O2   sing N N 197 
MBG C2  H2   sing N N 198 
MBG C3  C4   sing N N 199 
MBG C3  O3   sing N N 200 
MBG C3  H3   sing N N 201 
MBG C4  C5   sing N N 202 
MBG C4  O4   sing N N 203 
MBG C4  H4   sing N N 204 
MBG C5  C6   sing N N 205 
MBG C5  O5   sing N N 206 
MBG C5  H5   sing N N 207 
MBG C6  O6   sing N N 208 
MBG C6  H61  sing N N 209 
MBG C6  H62  sing N N 210 
MBG C7  O1   sing N N 211 
MBG C7  H71  sing N N 212 
MBG C7  H72  sing N N 213 
MBG C7  H73  sing N N 214 
MBG O2  HO2  sing N N 215 
MBG O3  HO3  sing N N 216 
MBG O4  HO4  sing N N 217 
MBG O6  HO6  sing N N 218 
MET N   CA   sing N N 219 
MET N   H    sing N N 220 
MET N   H2   sing N N 221 
MET CA  C    sing N N 222 
MET CA  CB   sing N N 223 
MET CA  HA   sing N N 224 
MET C   O    doub N N 225 
MET C   OXT  sing N N 226 
MET CB  CG   sing N N 227 
MET CB  HB2  sing N N 228 
MET CB  HB3  sing N N 229 
MET CG  SD   sing N N 230 
MET CG  HG2  sing N N 231 
MET CG  HG3  sing N N 232 
MET SD  CE   sing N N 233 
MET CE  HE1  sing N N 234 
MET CE  HE2  sing N N 235 
MET CE  HE3  sing N N 236 
MET OXT HXT  sing N N 237 
PHE N   CA   sing N N 238 
PHE N   H    sing N N 239 
PHE N   H2   sing N N 240 
PHE CA  C    sing N N 241 
PHE CA  CB   sing N N 242 
PHE CA  HA   sing N N 243 
PHE C   O    doub N N 244 
PHE C   OXT  sing N N 245 
PHE CB  CG   sing N N 246 
PHE CB  HB2  sing N N 247 
PHE CB  HB3  sing N N 248 
PHE CG  CD1  doub Y N 249 
PHE CG  CD2  sing Y N 250 
PHE CD1 CE1  sing Y N 251 
PHE CD1 HD1  sing N N 252 
PHE CD2 CE2  doub Y N 253 
PHE CD2 HD2  sing N N 254 
PHE CE1 CZ   doub Y N 255 
PHE CE1 HE1  sing N N 256 
PHE CE2 CZ   sing Y N 257 
PHE CE2 HE2  sing N N 258 
PHE CZ  HZ   sing N N 259 
PHE OXT HXT  sing N N 260 
PRO N   CA   sing N N 261 
PRO N   CD   sing N N 262 
PRO N   H    sing N N 263 
PRO CA  C    sing N N 264 
PRO CA  CB   sing N N 265 
PRO CA  HA   sing N N 266 
PRO C   O    doub N N 267 
PRO C   OXT  sing N N 268 
PRO CB  CG   sing N N 269 
PRO CB  HB2  sing N N 270 
PRO CB  HB3  sing N N 271 
PRO CG  CD   sing N N 272 
PRO CG  HG2  sing N N 273 
PRO CG  HG3  sing N N 274 
PRO CD  HD2  sing N N 275 
PRO CD  HD3  sing N N 276 
PRO OXT HXT  sing N N 277 
SER N   CA   sing N N 278 
SER N   H    sing N N 279 
SER N   H2   sing N N 280 
SER CA  C    sing N N 281 
SER CA  CB   sing N N 282 
SER CA  HA   sing N N 283 
SER C   O    doub N N 284 
SER C   OXT  sing N N 285 
SER CB  OG   sing N N 286 
SER CB  HB2  sing N N 287 
SER CB  HB3  sing N N 288 
SER OG  HG   sing N N 289 
SER OXT HXT  sing N N 290 
THR N   CA   sing N N 291 
THR N   H    sing N N 292 
THR N   H2   sing N N 293 
THR CA  C    sing N N 294 
THR CA  CB   sing N N 295 
THR CA  HA   sing N N 296 
THR C   O    doub N N 297 
THR C   OXT  sing N N 298 
THR CB  OG1  sing N N 299 
THR CB  CG2  sing N N 300 
THR CB  HB   sing N N 301 
THR OG1 HG1  sing N N 302 
THR CG2 HG21 sing N N 303 
THR CG2 HG22 sing N N 304 
THR CG2 HG23 sing N N 305 
THR OXT HXT  sing N N 306 
TRP N   CA   sing N N 307 
TRP N   H    sing N N 308 
TRP N   H2   sing N N 309 
TRP CA  C    sing N N 310 
TRP CA  CB   sing N N 311 
TRP CA  HA   sing N N 312 
TRP C   O    doub N N 313 
TRP C   OXT  sing N N 314 
TRP CB  CG   sing N N 315 
TRP CB  HB2  sing N N 316 
TRP CB  HB3  sing N N 317 
TRP CG  CD1  doub Y N 318 
TRP CG  CD2  sing Y N 319 
TRP CD1 NE1  sing Y N 320 
TRP CD1 HD1  sing N N 321 
TRP CD2 CE2  doub Y N 322 
TRP CD2 CE3  sing Y N 323 
TRP NE1 CE2  sing Y N 324 
TRP NE1 HE1  sing N N 325 
TRP CE2 CZ2  sing Y N 326 
TRP CE3 CZ3  doub Y N 327 
TRP CE3 HE3  sing N N 328 
TRP CZ2 CH2  doub Y N 329 
TRP CZ2 HZ2  sing N N 330 
TRP CZ3 CH2  sing Y N 331 
TRP CZ3 HZ3  sing N N 332 
TRP CH2 HH2  sing N N 333 
TRP OXT HXT  sing N N 334 
TYR N   CA   sing N N 335 
TYR N   H    sing N N 336 
TYR N   H2   sing N N 337 
TYR CA  C    sing N N 338 
TYR CA  CB   sing N N 339 
TYR CA  HA   sing N N 340 
TYR C   O    doub N N 341 
TYR C   OXT  sing N N 342 
TYR CB  CG   sing N N 343 
TYR CB  HB2  sing N N 344 
TYR CB  HB3  sing N N 345 
TYR CG  CD1  doub Y N 346 
TYR CG  CD2  sing Y N 347 
TYR CD1 CE1  sing Y N 348 
TYR CD1 HD1  sing N N 349 
TYR CD2 CE2  doub Y N 350 
TYR CD2 HD2  sing N N 351 
TYR CE1 CZ   doub Y N 352 
TYR CE1 HE1  sing N N 353 
TYR CE2 CZ   sing Y N 354 
TYR CE2 HE2  sing N N 355 
TYR CZ  OH   sing N N 356 
TYR OH  HH   sing N N 357 
TYR OXT HXT  sing N N 358 
VAL N   CA   sing N N 359 
VAL N   H    sing N N 360 
VAL N   H2   sing N N 361 
VAL CA  C    sing N N 362 
VAL CA  CB   sing N N 363 
VAL CA  HA   sing N N 364 
VAL C   O    doub N N 365 
VAL C   OXT  sing N N 366 
VAL CB  CG1  sing N N 367 
VAL CB  CG2  sing N N 368 
VAL CB  HB   sing N N 369 
VAL CG1 HG11 sing N N 370 
VAL CG1 HG12 sing N N 371 
VAL CG1 HG13 sing N N 372 
VAL CG2 HG21 sing N N 373 
VAL CG2 HG22 sing N N 374 
VAL CG2 HG23 sing N N 375 
VAL OXT HXT  sing N N 376 
# 
_atom_sites.entry_id                    2VMG 
_atom_sites.fract_transf_matrix[1][1]   -0.01206046 
_atom_sites.fract_transf_matrix[1][2]   -0.01928242 
_atom_sites.fract_transf_matrix[1][3]   -0.01398707 
_atom_sites.fract_transf_matrix[2][1]   0.00944416 
_atom_sites.fract_transf_matrix[2][2]   0.00668093 
_atom_sites.fract_transf_matrix[2][3]   -0.01735355 
_atom_sites.fract_transf_matrix[3][1]   0.01945375 
_atom_sites.fract_transf_matrix[3][2]   -0.01649144 
_atom_sites.fract_transf_matrix[3][3]   0.00423811 
_atom_sites.fract_transf_vector[1]      0.162370 
_atom_sites.fract_transf_vector[2]      -0.003150 
_atom_sites.fract_transf_vector[3]      0.203683 
# 
loop_
_atom_type.symbol 
C  
CA 
N  
O  
S  
# 
loop_
_atom_site.group_PDB 
_atom_site.id 
_atom_site.type_symbol 
_atom_site.label_atom_id 
_atom_site.label_alt_id 
_atom_site.label_comp_id 
_atom_site.label_asym_id 
_atom_site.label_entity_id 
_atom_site.label_seq_id 
_atom_site.pdbx_PDB_ins_code 
_atom_site.Cartn_x 
_atom_site.Cartn_y 
_atom_site.Cartn_z 
_atom_site.occupancy 
_atom_site.B_iso_or_equiv 
_atom_site.pdbx_formal_charge 
_atom_site.auth_seq_id 
_atom_site.auth_comp_id 
_atom_site.auth_asym_id 
_atom_site.auth_atom_id 
_atom_site.pdbx_PDB_model_num 
ATOM   1    N  N   . THR A 1 13  ? -4.018  -11.138 -17.456 1.00 38.45 ? 33   THR A N   1 
ATOM   2    C  CA  . THR A 1 13  ? -3.815  -9.665  -17.616 1.00 38.37 ? 33   THR A CA  1 
ATOM   3    C  C   . THR A 1 13  ? -3.237  -8.989  -16.372 1.00 38.16 ? 33   THR A C   1 
ATOM   4    O  O   . THR A 1 13  ? -2.498  -8.008  -16.491 1.00 38.38 ? 33   THR A O   1 
ATOM   5    C  CB  . THR A 1 13  ? -5.112  -8.940  -18.050 1.00 38.45 ? 33   THR A CB  1 
ATOM   6    O  OG1 . THR A 1 13  ? -6.252  -9.749  -17.727 1.00 38.93 ? 33   THR A OG1 1 
ATOM   7    C  CG2 . THR A 1 13  ? -5.097  -8.675  -19.550 1.00 38.49 ? 33   THR A CG2 1 
ATOM   8    N  N   . SER A 1 14  ? -3.576  -9.506  -15.188 1.00 37.68 ? 34   SER A N   1 
ATOM   9    C  CA  . SER A 1 14  ? -3.053  -8.963  -13.930 1.00 37.23 ? 34   SER A CA  1 
ATOM   10   C  C   . SER A 1 14  ? -3.046  -9.975  -12.782 1.00 36.73 ? 34   SER A C   1 
ATOM   11   O  O   . SER A 1 14  ? -3.918  -10.842 -12.703 1.00 36.73 ? 34   SER A O   1 
ATOM   12   C  CB  . SER A 1 14  ? -3.819  -7.696  -13.514 1.00 37.26 ? 34   SER A CB  1 
ATOM   13   O  OG  . SER A 1 14  ? -5.053  -8.010  -12.896 1.00 37.59 ? 34   SER A OG  1 
ATOM   14   N  N   . VAL A 1 15  ? -2.049  -9.856  -11.906 1.00 36.08 ? 35   VAL A N   1 
ATOM   15   C  CA  . VAL A 1 15  ? -2.006  -10.606 -10.648 1.00 35.42 ? 35   VAL A CA  1 
ATOM   16   C  C   . VAL A 1 15  ? -1.884  -9.652  -9.463  1.00 35.06 ? 35   VAL A C   1 
ATOM   17   O  O   . VAL A 1 15  ? -1.015  -8.777  -9.443  1.00 34.86 ? 35   VAL A O   1 
ATOM   18   C  CB  . VAL A 1 15  ? -0.859  -11.660 -10.593 1.00 35.46 ? 35   VAL A CB  1 
ATOM   19   C  CG1 . VAL A 1 15  ? -1.201  -12.876 -11.448 1.00 35.45 ? 35   VAL A CG1 1 
ATOM   20   C  CG2 . VAL A 1 15  ? 0.491   -11.055 -10.994 1.00 35.34 ? 35   VAL A CG2 1 
ATOM   21   N  N   . TYR A 1 16  ? -2.769  -9.821  -8.486  1.00 34.50 ? 36   TYR A N   1 
ATOM   22   C  CA  . TYR A 1 16  ? -2.765  -8.991  -7.287  1.00 34.03 ? 36   TYR A CA  1 
ATOM   23   C  C   . TYR A 1 16  ? -1.670  -9.449  -6.330  1.00 33.72 ? 36   TYR A C   1 
ATOM   24   O  O   . TYR A 1 16  ? -1.342  -10.636 -6.282  1.00 33.55 ? 36   TYR A O   1 
ATOM   25   C  CB  . TYR A 1 16  ? -4.138  -9.032  -6.608  1.00 33.96 ? 36   TYR A CB  1 
ATOM   26   C  CG  . TYR A 1 16  ? -5.256  -8.522  -7.491  1.00 33.78 ? 36   TYR A CG  1 
ATOM   27   C  CD1 . TYR A 1 16  ? -5.557  -7.162  -7.546  1.00 33.31 ? 36   TYR A CD1 1 
ATOM   28   C  CD2 . TYR A 1 16  ? -6.001  -9.397  -8.284  1.00 33.71 ? 36   TYR A CD2 1 
ATOM   29   C  CE1 . TYR A 1 16  ? -6.577  -6.686  -8.360  1.00 33.65 ? 36   TYR A CE1 1 
ATOM   30   C  CE2 . TYR A 1 16  ? -7.025  -8.930  -9.105  1.00 33.55 ? 36   TYR A CE2 1 
ATOM   31   C  CZ  . TYR A 1 16  ? -7.306  -7.573  -9.136  1.00 33.78 ? 36   TYR A CZ  1 
ATOM   32   O  OH  . TYR A 1 16  ? -8.314  -7.099  -9.940  1.00 33.95 ? 36   TYR A OH  1 
ATOM   33   N  N   . LEU A 1 17  ? -1.098  -8.502  -5.584  1.00 33.41 ? 37   LEU A N   1 
ATOM   34   C  CA  . LEU A 1 17  ? -0.042  -8.808  -4.613  1.00 33.12 ? 37   LEU A CA  1 
ATOM   35   C  C   . LEU A 1 17  ? -0.529  -9.749  -3.516  1.00 33.04 ? 37   LEU A C   1 
ATOM   36   O  O   . LEU A 1 17  ? 0.239   -10.568 -3.010  1.00 33.05 ? 37   LEU A O   1 
ATOM   37   C  CB  . LEU A 1 17  ? 0.524   -7.531  -3.987  1.00 33.05 ? 37   LEU A CB  1 
ATOM   38   C  CG  . LEU A 1 17  ? 1.357   -6.569  -4.837  1.00 32.86 ? 37   LEU A CG  1 
ATOM   39   C  CD1 . LEU A 1 17  ? 1.933   -5.493  -3.936  1.00 32.66 ? 37   LEU A CD1 1 
ATOM   40   C  CD2 . LEU A 1 17  ? 2.474   -7.281  -5.596  1.00 32.50 ? 37   LEU A CD2 1 
ATOM   41   N  N   . SER A 1 18  ? -1.807  -9.616  -3.160  1.00 32.95 ? 38   SER A N   1 
ATOM   42   C  CA  . SER A 1 18  ? -2.464  -10.485 -2.184  1.00 32.96 ? 38   SER A CA  1 
ATOM   43   C  C   . SER A 1 18  ? -2.657  -11.919 -2.697  1.00 33.02 ? 38   SER A C   1 
ATOM   44   O  O   . SER A 1 18  ? -2.979  -12.818 -1.917  1.00 33.19 ? 38   SER A O   1 
ATOM   45   C  CB  . SER A 1 18  ? -3.806  -9.887  -1.757  1.00 32.85 ? 38   SER A CB  1 
ATOM   46   O  OG  . SER A 1 18  ? -4.634  -9.637  -2.879  1.00 32.95 ? 38   SER A OG  1 
ATOM   47   N  N   . GLU A 1 19  ? -2.465  -12.122 -4.000  1.00 32.95 ? 39   GLU A N   1 
ATOM   48   C  CA  . GLU A 1 19  ? -2.443  -13.468 -4.587  1.00 33.23 ? 39   GLU A CA  1 
ATOM   49   C  C   . GLU A 1 19  ? -1.022  -14.042 -4.590  1.00 32.94 ? 39   GLU A C   1 
ATOM   50   O  O   . GLU A 1 19  ? -0.818  -15.213 -4.913  1.00 32.97 ? 39   GLU A O   1 
ATOM   51   C  CB  . GLU A 1 19  ? -2.997  -13.458 -6.016  1.00 33.12 ? 39   GLU A CB  1 
ATOM   52   C  CG  . GLU A 1 19  ? -4.504  -13.262 -6.130  1.00 33.78 ? 39   GLU A CG  1 
ATOM   53   C  CD  . GLU A 1 19  ? -4.978  -13.240 -7.580  1.00 34.08 ? 39   GLU A CD  1 
ATOM   54   O  OE1 . GLU A 1 19  ? -5.921  -13.992 -7.911  1.00 36.02 ? 39   GLU A OE1 1 
ATOM   55   O  OE2 . GLU A 1 19  ? -4.405  -12.481 -8.395  1.00 34.75 ? 39   GLU A OE2 1 
ATOM   56   N  N   . LEU A 1 20  ? -0.046  -13.208 -4.236  1.00 32.70 ? 40   LEU A N   1 
ATOM   57   C  CA  . LEU A 1 20  ? 1.352   -13.635 -4.166  1.00 32.45 ? 40   LEU A CA  1 
ATOM   58   C  C   . LEU A 1 20  ? 1.818   -13.781 -2.716  1.00 32.17 ? 40   LEU A C   1 
ATOM   59   O  O   . LEU A 1 20  ? 1.169   -13.282 -1.794  1.00 32.28 ? 40   LEU A O   1 
ATOM   60   C  CB  . LEU A 1 20  ? 2.255   -12.658 -4.934  1.00 32.44 ? 40   LEU A CB  1 
ATOM   61   C  CG  . LEU A 1 20  ? 1.950   -12.384 -6.416  1.00 32.74 ? 40   LEU A CG  1 
ATOM   62   C  CD1 . LEU A 1 20  ? 2.713   -11.160 -6.911  1.00 33.50 ? 40   LEU A CD1 1 
ATOM   63   C  CD2 . LEU A 1 20  ? 2.244   -13.598 -7.300  1.00 32.90 ? 40   LEU A CD2 1 
ATOM   64   N  N   . GLU A 1 21  ? 2.931   -14.483 -2.522  1.00 31.93 ? 41   GLU A N   1 
ATOM   65   C  CA  . GLU A 1 21  ? 3.532   -14.636 -1.198  1.00 31.54 ? 41   GLU A CA  1 
ATOM   66   C  C   . GLU A 1 21  ? 4.776   -13.762 -1.073  1.00 30.91 ? 41   GLU A C   1 
ATOM   67   O  O   . GLU A 1 21  ? 5.690   -13.853 -1.896  1.00 30.73 ? 41   GLU A O   1 
ATOM   68   C  CB  . GLU A 1 21  ? 3.883   -16.104 -0.916  1.00 31.95 ? 41   GLU A CB  1 
ATOM   69   C  CG  . GLU A 1 21  ? 2.683   -17.016 -0.621  1.00 32.94 ? 41   GLU A CG  1 
ATOM   70   C  CD  . GLU A 1 21  ? 2.032   -16.757 0.740   1.00 34.82 ? 41   GLU A CD  1 
ATOM   71   O  OE1 . GLU A 1 21  ? 0.950   -17.329 0.993   1.00 35.56 ? 41   GLU A OE1 1 
ATOM   72   O  OE2 . GLU A 1 21  ? 2.590   -15.987 1.558   1.00 35.54 ? 41   GLU A OE2 1 
ATOM   73   N  N   . TRP A 1 22  ? 4.801   -12.912 -0.048  1.00 30.07 ? 42   TRP A N   1 
ATOM   74   C  CA  . TRP A 1 22  ? 5.953   -12.043 0.206   1.00 29.37 ? 42   TRP A CA  1 
ATOM   75   C  C   . TRP A 1 22  ? 7.153   -12.836 0.721   1.00 28.96 ? 42   TRP A C   1 
ATOM   76   O  O   . TRP A 1 22  ? 6.985   -13.880 1.353   1.00 28.89 ? 42   TRP A O   1 
ATOM   77   C  CB  . TRP A 1 22  ? 5.596   -10.907 1.179   1.00 29.12 ? 42   TRP A CB  1 
ATOM   78   C  CG  . TRP A 1 22  ? 4.933   -11.342 2.467   1.00 28.98 ? 42   TRP A CG  1 
ATOM   79   C  CD1 . TRP A 1 22  ? 5.475   -12.124 3.451   1.00 28.72 ? 42   TRP A CD1 1 
ATOM   80   C  CD2 . TRP A 1 22  ? 3.611   -11.000 2.911   1.00 28.66 ? 42   TRP A CD2 1 
ATOM   81   N  NE1 . TRP A 1 22  ? 4.571   -12.300 4.470   1.00 28.92 ? 42   TRP A NE1 1 
ATOM   82   C  CE2 . TRP A 1 22  ? 3.419   -11.623 4.166   1.00 28.69 ? 42   TRP A CE2 1 
ATOM   83   C  CE3 . TRP A 1 22  ? 2.569   -10.234 2.369   1.00 28.76 ? 42   TRP A CE3 1 
ATOM   84   C  CZ2 . TRP A 1 22  ? 2.226   -11.501 4.893   1.00 28.80 ? 42   TRP A CZ2 1 
ATOM   85   C  CZ3 . TRP A 1 22  ? 1.379   -10.117 3.090   1.00 28.76 ? 42   TRP A CZ3 1 
ATOM   86   C  CH2 . TRP A 1 22  ? 1.221   -10.748 4.338   1.00 28.78 ? 42   TRP A CH2 1 
ATOM   87   N  N   . LYS A 1 23  ? 8.358   -12.338 0.439   1.00 28.63 ? 43   LYS A N   1 
ATOM   88   C  CA  . LYS A 1 23  ? 9.588   -12.888 1.014   1.00 28.34 ? 43   LYS A CA  1 
ATOM   89   C  C   . LYS A 1 23  ? 9.652   -12.589 2.513   1.00 27.99 ? 43   LYS A C   1 
ATOM   90   O  O   . LYS A 1 23  ? 10.028  -13.445 3.316   1.00 27.92 ? 43   LYS A O   1 
ATOM   91   C  CB  . LYS A 1 23  ? 10.834  -12.311 0.325   1.00 28.53 ? 43   LYS A CB  1 
ATOM   92   C  CG  . LYS A 1 23  ? 10.865  -12.409 -1.201  1.00 29.05 ? 43   LYS A CG  1 
ATOM   93   C  CD  . LYS A 1 23  ? 11.289  -13.783 -1.711  1.00 29.84 ? 43   LYS A CD  1 
ATOM   94   C  CE  . LYS A 1 23  ? 10.087  -14.623 -2.114  1.00 31.02 ? 43   LYS A CE  1 
ATOM   95   N  NZ  . LYS A 1 23  ? 10.430  -15.653 -3.133  1.00 32.06 ? 43   LYS A NZ  1 
ATOM   96   N  N   . SER A 1 24  ? 9.288   -11.360 2.871   1.00 27.35 ? 44   SER A N   1 
ATOM   97   C  CA  . SER A 1 24  ? 9.290   -10.904 4.256   1.00 26.89 ? 44   SER A CA  1 
ATOM   98   C  C   . SER A 1 24  ? 8.243   -9.810  4.449   1.00 26.55 ? 44   SER A C   1 
ATOM   99   O  O   . SER A 1 24  ? 7.911   -9.083  3.505   1.00 26.57 ? 44   SER A O   1 
ATOM   100  C  CB  . SER A 1 24  ? 10.673  -10.386 4.649   1.00 26.92 ? 44   SER A CB  1 
ATOM   101  O  OG  . SER A 1 24  ? 11.077  -9.323  3.803   1.00 26.75 ? 44   SER A OG  1 
ATOM   102  N  N   . ALA A 1 25  ? 7.726   -9.702  5.671   1.00 26.01 ? 45   ALA A N   1 
ATOM   103  C  CA  . ALA A 1 25  ? 6.691   -8.721  5.993   1.00 25.42 ? 45   ALA A CA  1 
ATOM   104  C  C   . ALA A 1 25  ? 6.677   -8.348  7.462   1.00 25.05 ? 45   ALA A C   1 
ATOM   105  O  O   . ALA A 1 25  ? 6.941   -9.180  8.333   1.00 25.19 ? 45   ALA A O   1 
ATOM   106  C  CB  . ALA A 1 25  ? 5.324   -9.231  5.577   1.00 25.38 ? 45   ALA A CB  1 
ATOM   107  N  N   . SER A 1 26  ? 6.364   -7.085  7.727   1.00 24.34 ? 46   SER A N   1 
ATOM   108  C  CA  . SER A 1 26  ? 6.154   -6.599  9.083   1.00 23.67 ? 46   SER A CA  1 
ATOM   109  C  C   . SER A 1 26  ? 5.038   -5.559  9.105   1.00 23.30 ? 46   SER A C   1 
ATOM   110  O  O   . SER A 1 26  ? 4.710   -4.964  8.072   1.00 22.87 ? 46   SER A O   1 
ATOM   111  C  CB  . SER A 1 26  ? 7.448   -6.010  9.652   1.00 23.59 ? 46   SER A CB  1 
ATOM   112  O  OG  . SER A 1 26  ? 7.880   -4.905  8.879   1.00 23.24 ? 46   SER A OG  1 
ATOM   113  N  N   . THR A 1 27  ? 4.446   -5.371  10.284  1.00 22.96 ? 47   THR A N   1 
ATOM   114  C  CA  . THR A 1 27  ? 3.457   -4.313  10.522  1.00 22.57 ? 47   THR A CA  1 
ATOM   115  C  C   . THR A 1 27  ? 3.538   -3.820  11.966  1.00 22.46 ? 47   THR A C   1 
ATOM   116  O  O   . THR A 1 27  ? 3.879   -4.586  12.869  1.00 22.41 ? 47   THR A O   1 
ATOM   117  C  CB  . THR A 1 27  ? 2.011   -4.760  10.180  1.00 22.71 ? 47   THR A CB  1 
ATOM   118  O  OG1 . THR A 1 27  ? 1.111   -3.665  10.392  1.00 22.01 ? 47   THR A OG1 1 
ATOM   119  C  CG2 . THR A 1 27  ? 1.571   -5.956  11.032  1.00 21.86 ? 47   THR A CG2 1 
ATOM   120  N  N   . GLY A 1 28  ? 3.215   -2.544  12.173  1.00 22.39 ? 48   GLY A N   1 
ATOM   121  C  CA  . GLY A 1 28  ? 3.367   -1.900  13.478  1.00 22.41 ? 48   GLY A CA  1 
ATOM   122  C  C   . GLY A 1 28  ? 2.306   -2.205  14.522  1.00 22.48 ? 48   GLY A C   1 
ATOM   123  O  O   . GLY A 1 28  ? 2.516   -1.960  15.711  1.00 22.17 ? 48   GLY A O   1 
ATOM   124  N  N   . TYR A 1 29  ? 1.175   -2.746  14.074  1.00 22.59 ? 49   TYR A N   1 
ATOM   125  C  CA  . TYR A 1 29  ? 0.013   -3.010  14.923  1.00 22.80 ? 49   TYR A CA  1 
ATOM   126  C  C   . TYR A 1 29  ? -0.884  -4.031  14.230  1.00 23.00 ? 49   TYR A C   1 
ATOM   127  O  O   . TYR A 1 29  ? -1.217  -3.875  13.055  1.00 23.03 ? 49   TYR A O   1 
ATOM   128  C  CB  . TYR A 1 29  ? -0.757  -1.709  15.175  1.00 22.78 ? 49   TYR A CB  1 
ATOM   129  C  CG  . TYR A 1 29  ? -2.015  -1.831  16.012  1.00 23.09 ? 49   TYR A CG  1 
ATOM   130  C  CD1 . TYR A 1 29  ? -1.965  -1.732  17.406  1.00 23.12 ? 49   TYR A CD1 1 
ATOM   131  C  CD2 . TYR A 1 29  ? -3.264  -2.006  15.409  1.00 23.33 ? 49   TYR A CD2 1 
ATOM   132  C  CE1 . TYR A 1 29  ? -3.121  -1.830  18.177  1.00 23.07 ? 49   TYR A CE1 1 
ATOM   133  C  CE2 . TYR A 1 29  ? -4.426  -2.104  16.171  1.00 23.14 ? 49   TYR A CE2 1 
ATOM   134  C  CZ  . TYR A 1 29  ? -4.347  -2.014  17.553  1.00 22.91 ? 49   TYR A CZ  1 
ATOM   135  O  OH  . TYR A 1 29  ? -5.494  -2.105  18.310  1.00 22.78 ? 49   TYR A OH  1 
ATOM   136  N  N   . GLY A 1 30  ? -1.267  -5.072  14.965  1.00 23.26 ? 50   GLY A N   1 
ATOM   137  C  CA  . GLY A 1 30  ? -2.093  -6.146  14.421  1.00 23.71 ? 50   GLY A CA  1 
ATOM   138  C  C   . GLY A 1 30  ? -1.339  -7.023  13.438  1.00 24.08 ? 50   GLY A C   1 
ATOM   139  O  O   . GLY A 1 30  ? -0.151  -7.301  13.620  1.00 23.97 ? 50   GLY A O   1 
ATOM   140  N  N   . GLU A 1 31  ? -2.039  -7.459  12.392  1.00 24.57 ? 51   GLU A N   1 
ATOM   141  C  CA  . GLU A 1 31  ? -1.455  -8.294  11.346  1.00 25.21 ? 51   GLU A CA  1 
ATOM   142  C  C   . GLU A 1 31  ? -1.761  -7.714  9.971   1.00 25.03 ? 51   GLU A C   1 
ATOM   143  O  O   . GLU A 1 31  ? -2.723  -6.962  9.809   1.00 25.19 ? 51   GLU A O   1 
ATOM   144  C  CB  . GLU A 1 31  ? -1.982  -9.728  11.436  1.00 25.12 ? 51   GLU A CB  1 
ATOM   145  C  CG  . GLU A 1 31  ? -1.522  -10.478 12.675  1.00 26.12 ? 51   GLU A CG  1 
ATOM   146  C  CD  . GLU A 1 31  ? -2.077  -11.888 12.768  1.00 26.48 ? 51   GLU A CD  1 
ATOM   147  O  OE1 . GLU A 1 31  ? -3.229  -12.124 12.336  1.00 28.45 ? 51   GLU A OE1 1 
ATOM   148  O  OE2 . GLU A 1 31  ? -1.360  -12.764 13.296  1.00 28.77 ? 51   GLU A OE2 1 
ATOM   149  N  N   . ILE A 1 32  ? -0.934  -8.061  8.987   1.00 25.00 ? 52   ILE A N   1 
ATOM   150  C  CA  . ILE A 1 32  ? -1.179  -7.658  7.603   1.00 25.14 ? 52   ILE A CA  1 
ATOM   151  C  C   . ILE A 1 32  ? -2.390  -8.416  7.061   1.00 25.27 ? 52   ILE A C   1 
ATOM   152  O  O   . ILE A 1 32  ? -2.472  -9.639  7.185   1.00 25.45 ? 52   ILE A O   1 
ATOM   153  C  CB  . ILE A 1 32  ? 0.072   -7.874  6.712   1.00 25.18 ? 52   ILE A CB  1 
ATOM   154  C  CG1 . ILE A 1 32  ? 1.179   -6.895  7.123   1.00 24.94 ? 52   ILE A CG1 1 
ATOM   155  C  CG2 . ILE A 1 32  ? -0.270  -7.682  5.230   1.00 24.92 ? 52   ILE A CG2 1 
ATOM   156  C  CD1 . ILE A 1 32  ? 2.569   -7.304  6.715   1.00 24.52 ? 52   ILE A CD1 1 
ATOM   157  N  N   . GLN A 1 33  ? -3.332  -7.680  6.476   1.00 25.42 ? 53   GLN A N   1 
ATOM   158  C  CA  . GLN A 1 33  ? -4.561  -8.276  5.965   1.00 25.74 ? 53   GLN A CA  1 
ATOM   159  C  C   . GLN A 1 33  ? -4.615  -8.282  4.441   1.00 25.65 ? 53   GLN A C   1 
ATOM   160  O  O   . GLN A 1 33  ? -4.488  -7.241  3.794   1.00 25.63 ? 53   GLN A O   1 
ATOM   161  C  CB  . GLN A 1 33  ? -5.794  -7.574  6.546   1.00 25.69 ? 53   GLN A CB  1 
ATOM   162  C  CG  . GLN A 1 33  ? -5.866  -7.566  8.078   1.00 26.29 ? 53   GLN A CG  1 
ATOM   163  C  CD  . GLN A 1 33  ? -5.944  -8.958  8.692   1.00 26.81 ? 53   GLN A CD  1 
ATOM   164  O  OE1 . GLN A 1 33  ? -6.503  -9.888  8.107   1.00 26.74 ? 53   GLN A OE1 1 
ATOM   165  N  NE2 . GLN A 1 33  ? -5.381  -9.100  9.884   1.00 27.59 ? 53   GLN A NE2 1 
ATOM   166  N  N   . LYS A 1 34  ? -4.790  -9.472  3.877   1.00 25.71 ? 54   LYS A N   1 
ATOM   167  C  CA  . LYS A 1 34  ? -4.945  -9.623  2.439   1.00 25.64 ? 54   LYS A CA  1 
ATOM   168  C  C   . LYS A 1 34  ? -6.391  -9.318  2.067   1.00 25.30 ? 54   LYS A C   1 
ATOM   169  O  O   . LYS A 1 34  ? -7.322  -9.862  2.671   1.00 25.14 ? 54   LYS A O   1 
ATOM   170  C  CB  . LYS A 1 34  ? -4.541  -11.034 1.991   1.00 25.76 ? 54   LYS A CB  1 
ATOM   171  C  CG  . LYS A 1 34  ? -3.060  -11.349 2.204   1.00 26.05 ? 54   LYS A CG  1 
ATOM   172  C  CD  . LYS A 1 34  ? -2.757  -12.819 1.953   1.00 26.48 ? 54   LYS A CD  1 
ATOM   173  C  CE  . LYS A 1 34  ? -1.438  -13.227 2.600   1.00 27.86 ? 54   LYS A CE  1 
ATOM   174  N  NZ  . LYS A 1 34  ? -1.013  -14.600 2.205   1.00 29.15 ? 54   LYS A NZ  1 
ATOM   175  N  N   . ASP A 1 35  ? -6.563  -8.427  1.090   1.00 24.98 ? 55   ASP A N   1 
ATOM   176  C  CA  . ASP A 1 35  ? -7.883  -7.967  0.623   1.00 24.85 ? 55   ASP A CA  1 
ATOM   177  C  C   . ASP A 1 35  ? -8.777  -7.390  1.731   1.00 24.48 ? 55   ASP A C   1 
ATOM   178  O  O   . ASP A 1 35  ? -10.002 -7.528  1.694   1.00 24.50 ? 55   ASP A O   1 
ATOM   179  C  CB  . ASP A 1 35  ? -8.607  -9.074  -0.167  1.00 25.00 ? 55   ASP A CB  1 
ATOM   180  C  CG  . ASP A 1 35  ? -7.768  -9.626  -1.308  1.00 25.43 ? 55   ASP A CG  1 
ATOM   181  O  OD1 . ASP A 1 35  ? -6.955  -8.867  -1.881  1.00 25.82 ? 55   ASP A OD1 1 
ATOM   182  O  OD2 . ASP A 1 35  ? -7.922  -10.822 -1.639  1.00 26.28 ? 55   ASP A OD2 1 
ATOM   183  N  N   . ALA A 1 36  ? -8.151  -6.739  2.713   1.00 24.02 ? 56   ALA A N   1 
ATOM   184  C  CA  . ALA A 1 36  ? -8.865  -6.088  3.810   1.00 23.70 ? 56   ALA A CA  1 
ATOM   185  C  C   . ALA A 1 36  ? -8.000  -5.006  4.448   1.00 23.54 ? 56   ALA A C   1 
ATOM   186  O  O   . ALA A 1 36  ? -6.783  -4.982  4.261   1.00 23.25 ? 56   ALA A O   1 
ATOM   187  C  CB  . ALA A 1 36  ? -9.296  -7.114  4.865   1.00 23.80 ? 56   ALA A CB  1 
ATOM   188  N  N   . SER A 1 37  ? -8.639  -4.109  5.190   1.00 23.47 ? 57   SER A N   1 
ATOM   189  C  CA  . SER A 1 37  ? -7.933  -3.096  5.963   1.00 23.54 ? 57   SER A CA  1 
ATOM   190  C  C   . SER A 1 37  ? -7.296  -3.735  7.198   1.00 23.49 ? 57   SER A C   1 
ATOM   191  O  O   . SER A 1 37  ? -7.510  -4.919  7.472   1.00 23.32 ? 57   SER A O   1 
ATOM   192  C  CB  . SER A 1 37  ? -8.904  -2.002  6.398   1.00 23.44 ? 57   SER A CB  1 
ATOM   193  O  OG  . SER A 1 37  ? -9.821  -2.502  7.354   1.00 23.97 ? 57   SER A OG  1 
ATOM   194  N  N   . CYS A 1 38  ? -6.528  -2.941  7.941   1.00 23.44 ? 58   CYS A N   1 
ATOM   195  C  CA  . CYS A 1 38  ? -5.904  -3.387  9.187   1.00 23.40 ? 58   CYS A CA  1 
ATOM   196  C  C   . CYS A 1 38  ? -6.921  -4.019  10.143  1.00 23.37 ? 58   CYS A C   1 
ATOM   197  O  O   . CYS A 1 38  ? -6.656  -5.073  10.731  1.00 23.31 ? 58   CYS A O   1 
ATOM   198  C  CB  . CYS A 1 38  ? -5.183  -2.214  9.872   1.00 23.19 ? 58   CYS A CB  1 
ATOM   199  S  SG  . CYS A 1 38  ? -4.569  -2.572  11.542  1.00 23.75 ? 58   CYS A SG  1 
ATOM   200  N  N   . ASP A 1 39  ? -8.082  -3.379  10.280  1.00 23.35 ? 59   ASP A N   1 
ATOM   201  C  CA  . ASP A 1 39  ? -9.129  -3.844  11.190  1.00 23.36 ? 59   ASP A CA  1 
ATOM   202  C  C   . ASP A 1 39  ? -10.141 -4.802  10.536  1.00 23.51 ? 59   ASP A C   1 
ATOM   203  O  O   . ASP A 1 39  ? -11.213 -5.054  11.095  1.00 23.46 ? 59   ASP A O   1 
ATOM   204  C  CB  . ASP A 1 39  ? -9.844  -2.650  11.840  1.00 23.36 ? 59   ASP A CB  1 
ATOM   205  C  CG  . ASP A 1 39  ? -8.955  -1.882  12.815  1.00 23.14 ? 59   ASP A CG  1 
ATOM   206  O  OD1 . ASP A 1 39  ? -7.838  -2.345  13.130  1.00 23.05 ? 59   ASP A OD1 1 
ATOM   207  O  OD2 . ASP A 1 39  ? -9.382  -0.805  13.281  1.00 23.68 ? 59   ASP A OD2 1 
ATOM   208  N  N   . GLY A 1 40  ? -9.798  -5.321  9.358   1.00 23.56 ? 60   GLY A N   1 
ATOM   209  C  CA  . GLY A 1 40  ? -10.583 -6.374  8.699   1.00 23.96 ? 60   GLY A CA  1 
ATOM   210  C  C   . GLY A 1 40  ? -11.822 -5.915  7.950   1.00 24.06 ? 60   GLY A C   1 
ATOM   211  O  O   . GLY A 1 40  ? -12.714 -6.715  7.666   1.00 24.30 ? 60   GLY A O   1 
ATOM   212  N  N   . ASN A 1 41  ? -11.883 -4.626  7.636   1.00 24.23 ? 61   ASN A N   1 
ATOM   213  C  CA  . ASN A 1 41  ? -12.967 -4.059  6.836   1.00 24.03 ? 61   ASN A CA  1 
ATOM   214  C  C   . ASN A 1 41  ? -12.564 -4.022  5.367   1.00 23.77 ? 61   ASN A C   1 
ATOM   215  O  O   . ASN A 1 41  ? -11.390 -4.206  5.045   1.00 23.68 ? 61   ASN A O   1 
ATOM   216  C  CB  . ASN A 1 41  ? -13.291 -2.641  7.321   1.00 24.15 ? 61   ASN A CB  1 
ATOM   217  C  CG  . ASN A 1 41  ? -13.728 -2.604  8.775   1.00 24.69 ? 61   ASN A CG  1 
ATOM   218  O  OD1 . ASN A 1 41  ? -13.154 -1.877  9.592   1.00 24.21 ? 61   ASN A OD1 1 
ATOM   219  N  ND2 . ASN A 1 41  ? -14.743 -3.399  9.110   1.00 24.59 ? 61   ASN A ND2 1 
ATOM   220  N  N   . THR A 1 42  ? -13.526 -3.784  4.476   1.00 23.58 ? 62   THR A N   1 
ATOM   221  C  CA  . THR A 1 42  ? -13.202 -3.530  3.073   1.00 23.47 ? 62   THR A CA  1 
ATOM   222  C  C   . THR A 1 42  ? -12.274 -2.316  3.002   1.00 23.42 ? 62   THR A C   1 
ATOM   223  O  O   . THR A 1 42  ? -12.526 -1.295  3.657   1.00 23.17 ? 62   THR A O   1 
ATOM   224  C  CB  . THR A 1 42  ? -14.465 -3.292  2.209   1.00 23.65 ? 62   THR A CB  1 
ATOM   225  O  OG1 . THR A 1 42  ? -15.351 -4.410  2.335   1.00 23.93 ? 62   THR A OG1 1 
ATOM   226  C  CG2 . THR A 1 42  ? -14.098 -3.116  0.737   1.00 23.46 ? 62   THR A CG2 1 
ATOM   227  N  N   . ILE A 1 43  ? -11.189 -2.456  2.240   1.00 23.25 ? 63   ILE A N   1 
ATOM   228  C  CA  . ILE A 1 43  ? -10.233 -1.373  2.022   1.00 22.94 ? 63   ILE A CA  1 
ATOM   229  C  C   . ILE A 1 43  ? -10.956 -0.155  1.453   1.00 22.88 ? 63   ILE A C   1 
ATOM   230  O  O   . ILE A 1 43  ? -11.667 -0.257  0.454   1.00 22.76 ? 63   ILE A O   1 
ATOM   231  C  CB  . ILE A 1 43  ? -9.083  -1.808  1.072   1.00 23.09 ? 63   ILE A CB  1 
ATOM   232  C  CG1 . ILE A 1 43  ? -8.258  -2.937  1.708   1.00 22.80 ? 63   ILE A CG1 1 
ATOM   233  C  CG2 . ILE A 1 43  ? -8.198  -0.610  0.692   1.00 22.94 ? 63   ILE A CG2 1 
ATOM   234  C  CD1 . ILE A 1 43  ? -7.237  -3.570  0.784   1.00 22.69 ? 63   ILE A CD1 1 
ATOM   235  N  N   . THR A 1 44  ? -10.796 0.986   2.118   1.00 22.70 ? 64   THR A N   1 
ATOM   236  C  CA  . THR A 1 44  ? -11.380 2.239   1.646   1.00 22.61 ? 64   THR A CA  1 
ATOM   237  C  C   . THR A 1 44  ? -10.347 3.361   1.678   1.00 22.53 ? 64   THR A C   1 
ATOM   238  O  O   . THR A 1 44  ? -9.590  3.487   2.643   1.00 22.36 ? 64   THR A O   1 
ATOM   239  C  CB  . THR A 1 44  ? -12.629 2.668   2.461   1.00 22.51 ? 64   THR A CB  1 
ATOM   240  O  OG1 . THR A 1 44  ? -12.269 2.869   3.833   1.00 23.09 ? 64   THR A OG1 1 
ATOM   241  C  CG2 . THR A 1 44  ? -13.744 1.628   2.372   1.00 22.49 ? 64   THR A CG2 1 
ATOM   242  N  N   . LEU A 1 45  ? -10.322 4.161   0.614   1.00 22.26 ? 65   LEU A N   1 
ATOM   243  C  CA  . LEU A 1 45  ? -9.406  5.298   0.496   1.00 22.13 ? 65   LEU A CA  1 
ATOM   244  C  C   . LEU A 1 45  ? -10.177 6.548   0.079   1.00 22.12 ? 65   LEU A C   1 
ATOM   245  O  O   . LEU A 1 45  ? -11.246 6.451   -0.534  1.00 22.08 ? 65   LEU A O   1 
ATOM   246  C  CB  . LEU A 1 45  ? -8.282  4.994   -0.508  1.00 21.88 ? 65   LEU A CB  1 
ATOM   247  C  CG  . LEU A 1 45  ? -7.358  3.793   -0.243  1.00 21.76 ? 65   LEU A CG  1 
ATOM   248  C  CD1 . LEU A 1 45  ? -6.386  3.589   -1.398  1.00 21.29 ? 65   LEU A CD1 1 
ATOM   249  C  CD2 . LEU A 1 45  ? -6.594  3.934   1.069   1.00 20.68 ? 65   LEU A CD2 1 
ATOM   250  N  N   . LYS A 1 46  ? -9.641  7.718   0.422   1.00 22.07 ? 66   LYS A N   1 
ATOM   251  C  CA  . LYS A 1 46  ? -10.296 8.983   0.111   1.00 22.16 ? 66   LYS A CA  1 
ATOM   252  C  C   . LYS A 1 46  ? -10.186 9.331   -1.371  1.00 22.49 ? 66   LYS A C   1 
ATOM   253  O  O   . LYS A 1 46  ? -9.086  9.446   -1.912  1.00 22.42 ? 66   LYS A O   1 
ATOM   254  C  CB  . LYS A 1 46  ? -9.730  10.123  0.971   1.00 21.93 ? 66   LYS A CB  1 
ATOM   255  C  CG  . LYS A 1 46  ? -10.333 11.492  0.672   1.00 21.71 ? 66   LYS A CG  1 
ATOM   256  C  CD  . LYS A 1 46  ? -11.826 11.555  1.012   1.00 21.28 ? 66   LYS A CD  1 
ATOM   257  C  CE  . LYS A 1 46  ? -12.494 12.789  0.421   1.00 20.65 ? 66   LYS A CE  1 
ATOM   258  N  NZ  . LYS A 1 46  ? -11.988 14.069  0.994   1.00 21.68 ? 66   LYS A NZ  1 
ATOM   259  N  N   . GLY A 1 47  ? -11.337 9.513   -2.011  1.00 22.85 ? 67   GLY A N   1 
ATOM   260  C  CA  . GLY A 1 47  ? -11.397 9.833   -3.435  1.00 23.60 ? 67   GLY A CA  1 
ATOM   261  C  C   . GLY A 1 47  ? -11.079 11.282  -3.750  1.00 24.20 ? 67   GLY A C   1 
ATOM   262  O  O   . GLY A 1 47  ? -10.935 12.112  -2.848  1.00 24.25 ? 67   GLY A O   1 
ATOM   263  N  N   . GLU A 1 48  ? -10.980 11.577  -5.044  1.00 24.71 ? 68   GLU A N   1 
ATOM   264  C  CA  . GLU A 1 48  ? -10.614 12.903  -5.542  1.00 25.31 ? 68   GLU A CA  1 
ATOM   265  C  C   . GLU A 1 48  ? -11.812 13.834  -5.723  1.00 25.67 ? 68   GLU A C   1 
ATOM   266  O  O   . GLU A 1 48  ? -11.641 15.019  -6.018  1.00 25.96 ? 68   GLU A O   1 
ATOM   267  C  CB  . GLU A 1 48  ? -9.822  12.789  -6.853  1.00 25.21 ? 68   GLU A CB  1 
ATOM   268  C  CG  . GLU A 1 48  ? -10.491 11.946  -7.938  1.00 25.77 ? 68   GLU A CG  1 
ATOM   269  C  CD  . GLU A 1 48  ? -10.004 10.505  -7.965  1.00 26.22 ? 68   GLU A CD  1 
ATOM   270  O  OE1 . GLU A 1 48  ? -9.838  9.889   -6.888  1.00 26.32 ? 68   GLU A OE1 1 
ATOM   271  O  OE2 . GLU A 1 48  ? -9.792  9.981   -9.078  1.00 27.38 ? 68   GLU A OE2 1 
ATOM   272  N  N   . ASN A 1 49  ? -13.017 13.299  -5.544  1.00 26.10 ? 69   ASN A N   1 
ATOM   273  C  CA  . ASN A 1 49  ? -14.242 14.091  -5.650  1.00 26.41 ? 69   ASN A CA  1 
ATOM   274  C  C   . ASN A 1 49  ? -15.125 14.019  -4.399  1.00 26.50 ? 69   ASN A C   1 
ATOM   275  O  O   . ASN A 1 49  ? -16.356 14.082  -4.485  1.00 26.62 ? 69   ASN A O   1 
ATOM   276  C  CB  . ASN A 1 49  ? -15.021 13.699  -6.913  1.00 26.52 ? 69   ASN A CB  1 
ATOM   277  C  CG  . ASN A 1 49  ? -14.427 14.305  -8.176  1.00 26.96 ? 69   ASN A CG  1 
ATOM   278  O  OD1 . ASN A 1 49  ? -14.276 15.525  -8.282  1.00 27.93 ? 69   ASN A OD1 1 
ATOM   279  N  ND2 . ASN A 1 49  ? -14.096 13.455  -9.142  1.00 26.93 ? 69   ASN A ND2 1 
ATOM   280  N  N   . GLY A 1 50  ? -14.479 13.887  -3.241  1.00 26.63 ? 70   GLY A N   1 
ATOM   281  C  CA  . GLY A 1 50  ? -15.156 13.885  -1.945  1.00 26.59 ? 70   GLY A CA  1 
ATOM   282  C  C   . GLY A 1 50  ? -15.669 12.538  -1.464  1.00 26.69 ? 70   GLY A C   1 
ATOM   283  O  O   . GLY A 1 50  ? -16.204 12.435  -0.357  1.00 26.55 ? 70   GLY A O   1 
ATOM   284  N  N   . GLU A 1 51  ? -15.501 11.503  -2.283  1.00 26.85 ? 71   GLU A N   1 
ATOM   285  C  CA  . GLU A 1 51  ? -16.097 10.200  -2.001  1.00 26.86 ? 71   GLU A CA  1 
ATOM   286  C  C   . GLU A 1 51  ? -15.163 9.242   -1.252  1.00 26.94 ? 71   GLU A C   1 
ATOM   287  O  O   . GLU A 1 51  ? -13.941 9.388   -1.285  1.00 26.67 ? 71   GLU A O   1 
ATOM   288  C  CB  . GLU A 1 51  ? -16.608 9.554   -3.301  1.00 26.99 ? 71   GLU A CB  1 
ATOM   289  C  CG  . GLU A 1 51  ? -15.559 8.813   -4.143  1.00 27.45 ? 71   GLU A CG  1 
ATOM   290  C  CD  . GLU A 1 51  ? -14.714 9.717   -5.039  1.00 28.46 ? 71   GLU A CD  1 
ATOM   291  O  OE1 . GLU A 1 51  ? -14.386 10.857  -4.643  1.00 29.26 ? 71   GLU A OE1 1 
ATOM   292  O  OE2 . GLU A 1 51  ? -14.359 9.269   -6.150  1.00 28.70 ? 71   GLU A OE2 1 
ATOM   293  N  N   . LYS A 1 52  ? -15.768 8.271   -0.571  1.00 27.06 ? 72   LYS A N   1 
ATOM   294  C  CA  . LYS A 1 52  ? -15.056 7.124   -0.020  1.00 27.18 ? 72   LYS A CA  1 
ATOM   295  C  C   . LYS A 1 52  ? -15.020 6.044   -1.102  1.00 26.85 ? 72   LYS A C   1 
ATOM   296  O  O   . LYS A 1 52  ? -16.071 5.614   -1.585  1.00 26.95 ? 72   LYS A O   1 
ATOM   297  C  CB  . LYS A 1 52  ? -15.765 6.617   1.240   1.00 27.16 ? 72   LYS A CB  1 
ATOM   298  C  CG  . LYS A 1 52  ? -15.127 5.401   1.904   1.00 27.78 ? 72   LYS A CG  1 
ATOM   299  C  CD  . LYS A 1 52  ? -15.958 4.889   3.085   1.00 27.98 ? 72   LYS A CD  1 
ATOM   300  C  CE  . LYS A 1 52  ? -15.551 5.531   4.419   1.00 29.87 ? 72   LYS A CE  1 
ATOM   301  N  NZ  . LYS A 1 52  ? -15.879 6.991   4.535   1.00 30.30 ? 72   LYS A NZ  1 
ATOM   302  N  N   . VAL A 1 53  ? -13.815 5.624   -1.488  1.00 26.47 ? 73   VAL A N   1 
ATOM   303  C  CA  . VAL A 1 53  ? -13.635 4.608   -2.533  1.00 26.13 ? 73   VAL A CA  1 
ATOM   304  C  C   . VAL A 1 53  ? -13.332 3.235   -1.919  1.00 25.99 ? 73   VAL A C   1 
ATOM   305  O  O   . VAL A 1 53  ? -12.455 3.109   -1.060  1.00 25.78 ? 73   VAL A O   1 
ATOM   306  C  CB  . VAL A 1 53  ? -12.512 5.001   -3.536  1.00 26.12 ? 73   VAL A CB  1 
ATOM   307  C  CG1 . VAL A 1 53  ? -12.414 3.989   -4.678  1.00 25.98 ? 73   VAL A CG1 1 
ATOM   308  C  CG2 . VAL A 1 53  ? -12.755 6.390   -4.098  1.00 26.09 ? 73   VAL A CG2 1 
ATOM   309  N  N   . SER A 1 54  ? -14.065 2.216   -2.363  1.00 25.64 ? 74   SER A N   1 
ATOM   310  C  CA  . SER A 1 54  ? -13.852 0.846   -1.898  1.00 25.47 ? 74   SER A CA  1 
ATOM   311  C  C   . SER A 1 54  ? -13.029 0.048   -2.900  1.00 25.24 ? 74   SER A C   1 
ATOM   312  O  O   . SER A 1 54  ? -13.190 0.201   -4.110  1.00 25.25 ? 74   SER A O   1 
ATOM   313  C  CB  . SER A 1 54  ? -15.188 0.142   -1.643  1.00 25.46 ? 74   SER A CB  1 
ATOM   314  O  OG  . SER A 1 54  ? -15.844 0.679   -0.508  1.00 25.76 ? 74   SER A OG  1 
ATOM   315  N  N   . TYR A 1 55  ? -12.144 -0.801  -2.382  1.00 24.97 ? 75   TYR A N   1 
ATOM   316  C  CA  . TYR A 1 55  ? -11.350 -1.702  -3.212  1.00 24.80 ? 75   TYR A CA  1 
ATOM   317  C  C   . TYR A 1 55  ? -11.507 -3.134  -2.719  1.00 24.81 ? 75   TYR A C   1 
ATOM   318  O  O   . TYR A 1 55  ? -11.224 -3.433  -1.557  1.00 24.81 ? 75   TYR A O   1 
ATOM   319  C  CB  . TYR A 1 55  ? -9.870  -1.297  -3.205  1.00 24.60 ? 75   TYR A CB  1 
ATOM   320  C  CG  . TYR A 1 55  ? -9.595  0.066   -3.798  1.00 24.25 ? 75   TYR A CG  1 
ATOM   321  C  CD1 . TYR A 1 55  ? -9.461  0.236   -5.177  1.00 24.44 ? 75   TYR A CD1 1 
ATOM   322  C  CD2 . TYR A 1 55  ? -9.465  1.185   -2.980  1.00 24.02 ? 75   TYR A CD2 1 
ATOM   323  C  CE1 . TYR A 1 55  ? -9.207  1.489   -5.726  1.00 24.02 ? 75   TYR A CE1 1 
ATOM   324  C  CE2 . TYR A 1 55  ? -9.212  2.442   -3.517  1.00 24.00 ? 75   TYR A CE2 1 
ATOM   325  C  CZ  . TYR A 1 55  ? -9.083  2.586   -4.887  1.00 24.16 ? 75   TYR A CZ  1 
ATOM   326  O  OH  . TYR A 1 55  ? -8.836  3.827   -5.418  1.00 23.44 ? 75   TYR A OH  1 
ATOM   327  N  N   . ASP A 1 56  ? -11.966 -4.016  -3.604  1.00 24.80 ? 76   ASP A N   1 
ATOM   328  C  CA  . ASP A 1 56  ? -12.149 -5.425  -3.262  1.00 24.78 ? 76   ASP A CA  1 
ATOM   329  C  C   . ASP A 1 56  ? -10.820 -6.101  -2.937  1.00 24.51 ? 76   ASP A C   1 
ATOM   330  O  O   . ASP A 1 56  ? -10.746 -6.934  -2.034  1.00 24.59 ? 76   ASP A O   1 
ATOM   331  C  CB  . ASP A 1 56  ? -12.857 -6.173  -4.399  1.00 25.17 ? 76   ASP A CB  1 
ATOM   332  C  CG  . ASP A 1 56  ? -14.333 -5.823  -4.511  1.00 25.89 ? 76   ASP A CG  1 
ATOM   333  O  OD1 . ASP A 1 56  ? -15.025 -5.756  -3.471  1.00 27.49 ? 76   ASP A OD1 1 
ATOM   334  O  OD2 . ASP A 1 56  ? -14.807 -5.626  -5.650  1.00 26.81 ? 76   ASP A OD2 1 
ATOM   335  N  N   . LYS A 1 57  ? -9.777  -5.724  -3.673  1.00 24.25 ? 77   LYS A N   1 
ATOM   336  C  CA  . LYS A 1 57  ? -8.458  -6.333  -3.538  1.00 24.04 ? 77   LYS A CA  1 
ATOM   337  C  C   . LYS A 1 57  ? -7.417  -5.353  -3.006  1.00 23.60 ? 77   LYS A C   1 
ATOM   338  O  O   . LYS A 1 57  ? -7.549  -4.142  -3.173  1.00 23.75 ? 77   LYS A O   1 
ATOM   339  C  CB  . LYS A 1 57  ? -7.999  -6.907  -4.885  1.00 24.16 ? 77   LYS A CB  1 
ATOM   340  C  CG  . LYS A 1 57  ? -8.954  -7.949  -5.499  1.00 25.11 ? 77   LYS A CG  1 
ATOM   341  C  CD  . LYS A 1 57  ? -8.961  -9.265  -4.724  1.00 26.24 ? 77   LYS A CD  1 
ATOM   342  C  CE  . LYS A 1 57  ? -7.821  -10.177 -5.153  1.00 27.13 ? 77   LYS A CE  1 
ATOM   343  N  NZ  . LYS A 1 57  ? -7.794  -11.445 -4.371  1.00 28.29 ? 77   LYS A NZ  1 
ATOM   344  N  N   . GLY A 1 58  ? -6.388  -5.891  -2.360  1.00 23.11 ? 78   GLY A N   1 
ATOM   345  C  CA  . GLY A 1 58  ? -5.264  -5.088  -1.891  1.00 22.30 ? 78   GLY A CA  1 
ATOM   346  C  C   . GLY A 1 58  ? -4.587  -5.635  -0.653  1.00 21.82 ? 78   GLY A C   1 
ATOM   347  O  O   . GLY A 1 58  ? -4.716  -6.818  -0.331  1.00 21.58 ? 78   GLY A O   1 
ATOM   348  N  N   . ILE A 1 59  ? -3.856  -4.761  0.038   1.00 21.12 ? 79   ILE A N   1 
ATOM   349  C  CA  . ILE A 1 59  ? -3.132  -5.120  1.252   1.00 20.56 ? 79   ILE A CA  1 
ATOM   350  C  C   . ILE A 1 59  ? -3.393  -4.061  2.324   1.00 20.23 ? 79   ILE A C   1 
ATOM   351  O  O   . ILE A 1 59  ? -3.136  -2.870  2.107   1.00 20.07 ? 79   ILE A O   1 
ATOM   352  C  CB  . ILE A 1 59  ? -1.591  -5.252  0.993   1.00 20.69 ? 79   ILE A CB  1 
ATOM   353  C  CG1 . ILE A 1 59  ? -1.279  -6.356  -0.035  1.00 20.76 ? 79   ILE A CG1 1 
ATOM   354  C  CG2 . ILE A 1 59  ? -0.813  -5.451  2.307   1.00 20.72 ? 79   ILE A CG2 1 
ATOM   355  C  CD1 . ILE A 1 59  ? -1.480  -7.793  0.456   1.00 21.15 ? 79   ILE A CD1 1 
ATOM   356  N  N   . GLY A 1 60  ? -3.912  -4.502  3.468   1.00 19.68 ? 80   GLY A N   1 
ATOM   357  C  CA  . GLY A 1 60  ? -4.125  -3.626  4.618   1.00 19.18 ? 80   GLY A CA  1 
ATOM   358  C  C   . GLY A 1 60  ? -3.031  -3.816  5.642   1.00 18.85 ? 80   GLY A C   1 
ATOM   359  O  O   . GLY A 1 60  ? -2.767  -4.936  6.082   1.00 18.59 ? 80   GLY A O   1 
ATOM   360  N  N   . THR A 1 61  ? -2.386  -2.714  6.019   1.00 18.27 ? 81   THR A N   1 
ATOM   361  C  CA  . THR A 1 61  ? -1.242  -2.766  6.918   1.00 18.02 ? 81   THR A CA  1 
ATOM   362  C  C   . THR A 1 61  ? -1.197  -1.536  7.845   1.00 18.12 ? 81   THR A C   1 
ATOM   363  O  O   . THR A 1 61  ? -2.128  -0.725  7.852   1.00 17.92 ? 81   THR A O   1 
ATOM   364  C  CB  . THR A 1 61  ? 0.090   -3.002  6.130   1.00 17.89 ? 81   THR A CB  1 
ATOM   365  O  OG1 . THR A 1 61  ? 1.139   -3.350  7.037   1.00 17.78 ? 81   THR A OG1 1 
ATOM   366  C  CG2 . THR A 1 61  ? 0.495   -1.783  5.291   1.00 17.43 ? 81   THR A CG2 1 
ATOM   367  N  N   . HIS A 1 62  ? -0.130  -1.430  8.632   1.00 18.44 ? 82   HIS A N   1 
ATOM   368  C  CA  . HIS A 1 62  ? -0.013  -0.421  9.686   1.00 18.58 ? 82   HIS A CA  1 
ATOM   369  C  C   . HIS A 1 62  ? 1.446   0.011   9.841   1.00 18.84 ? 82   HIS A C   1 
ATOM   370  O  O   . HIS A 1 62  ? 2.345   -0.834  9.908   1.00 18.72 ? 82   HIS A O   1 
ATOM   371  C  CB  . HIS A 1 62  ? -0.522  -1.018  11.006  1.00 18.56 ? 82   HIS A CB  1 
ATOM   372  C  CG  . HIS A 1 62  ? -0.907  0.000   12.035  1.00 18.57 ? 82   HIS A CG  1 
ATOM   373  N  ND1 . HIS A 1 62  ? 0.018   0.767   12.707  1.00 18.75 ? 82   HIS A ND1 1 
ATOM   374  C  CD2 . HIS A 1 62  ? -2.118  0.354   12.526  1.00 18.45 ? 82   HIS A CD2 1 
ATOM   375  C  CE1 . HIS A 1 62  ? -0.606  1.564   13.557  1.00 18.31 ? 82   HIS A CE1 1 
ATOM   376  N  NE2 . HIS A 1 62  ? -1.903  1.333   13.468  1.00 18.74 ? 82   HIS A NE2 1 
ATOM   377  N  N   . ALA A 1 63  ? 1.679   1.324   9.900   1.00 19.02 ? 83   ALA A N   1 
ATOM   378  C  CA  . ALA A 1 63  ? 3.009   1.864   10.183  1.00 19.16 ? 83   ALA A CA  1 
ATOM   379  C  C   . ALA A 1 63  ? 3.504   1.381   11.554  1.00 19.17 ? 83   ALA A C   1 
ATOM   380  O  O   . ALA A 1 63  ? 2.715   1.305   12.496  1.00 19.45 ? 83   ALA A O   1 
ATOM   381  C  CB  . ALA A 1 63  ? 2.979   3.388   10.142  1.00 19.08 ? 83   ALA A CB  1 
ATOM   382  N  N   . HIS A 1 64  ? 4.783   1.025   11.681  1.00 19.17 ? 84   HIS A N   1 
ATOM   383  C  CA  . HIS A 1 64  ? 5.741   0.943   10.583  1.00 19.26 ? 84   HIS A CA  1 
ATOM   384  C  C   . HIS A 1 64  ? 5.615   -0.424  9.923   1.00 19.36 ? 84   HIS A C   1 
ATOM   385  O  O   . HIS A 1 64  ? 5.547   -1.447  10.609  1.00 19.18 ? 84   HIS A O   1 
ATOM   386  C  CB  . HIS A 1 64  ? 7.164   1.131   11.115  1.00 19.68 ? 84   HIS A CB  1 
ATOM   387  C  CG  . HIS A 1 64  ? 8.200   1.294   10.045  1.00 20.16 ? 84   HIS A CG  1 
ATOM   388  N  ND1 . HIS A 1 64  ? 8.852   0.224   9.470   1.00 21.48 ? 84   HIS A ND1 1 
ATOM   389  C  CD2 . HIS A 1 64  ? 8.702   2.402   9.454   1.00 20.55 ? 84   HIS A CD2 1 
ATOM   390  C  CE1 . HIS A 1 64  ? 9.705   0.668   8.565   1.00 20.90 ? 84   HIS A CE1 1 
ATOM   391  N  NE2 . HIS A 1 64  ? 9.635   1.986   8.537   1.00 21.55 ? 84   HIS A NE2 1 
ATOM   392  N  N   . SER A 1 65  ? 5.581   -0.424  8.595   1.00 19.29 ? 85   SER A N   1 
ATOM   393  C  CA  . SER A 1 65  ? 5.433   -1.648  7.814   1.00 19.63 ? 85   SER A CA  1 
ATOM   394  C  C   . SER A 1 65  ? 6.435   -1.703  6.668   1.00 19.79 ? 85   SER A C   1 
ATOM   395  O  O   . SER A 1 65  ? 6.718   -0.688  6.027   1.00 19.74 ? 85   SER A O   1 
ATOM   396  C  CB  . SER A 1 65  ? 4.005   -1.760  7.266   1.00 19.45 ? 85   SER A CB  1 
ATOM   397  O  OG  . SER A 1 65  ? 3.841   -2.916  6.456   1.00 19.79 ? 85   SER A OG  1 
ATOM   398  N  N   . GLU A 1 66  ? 6.962   -2.903  6.424   1.00 20.08 ? 86   GLU A N   1 
ATOM   399  C  CA  . GLU A 1 66  ? 7.823   -3.182  5.278   1.00 20.41 ? 86   GLU A CA  1 
ATOM   400  C  C   . GLU A 1 66  ? 7.456   -4.549  4.705   1.00 20.70 ? 86   GLU A C   1 
ATOM   401  O  O   . GLU A 1 66  ? 7.406   -5.537  5.439   1.00 20.74 ? 86   GLU A O   1 
ATOM   402  C  CB  . GLU A 1 66  ? 9.301   -3.141  5.672   1.00 20.25 ? 86   GLU A CB  1 
ATOM   403  C  CG  . GLU A 1 66  ? 9.768   -1.785  6.214   1.00 20.49 ? 86   GLU A CG  1 
ATOM   404  C  CD  . GLU A 1 66  ? 11.275  -1.646  6.294   1.00 20.88 ? 86   GLU A CD  1 
ATOM   405  O  OE1 . GLU A 1 66  ? 11.989  -2.527  5.768   1.00 20.96 ? 86   GLU A OE1 1 
ATOM   406  O  OE2 . GLU A 1 66  ? 11.747  -0.646  6.884   1.00 21.43 ? 86   GLU A OE2 1 
ATOM   407  N  N   . ILE A 1 67  ? 7.167   -4.589  3.406   1.00 20.97 ? 87   ILE A N   1 
ATOM   408  C  CA  . ILE A 1 67  ? 6.789   -5.831  2.717   1.00 21.40 ? 87   ILE A CA  1 
ATOM   409  C  C   . ILE A 1 67  ? 7.614   -6.000  1.441   1.00 21.80 ? 87   ILE A C   1 
ATOM   410  O  O   . ILE A 1 67  ? 7.684   -5.089  0.612   1.00 21.77 ? 87   ILE A O   1 
ATOM   411  C  CB  . ILE A 1 67  ? 5.269   -5.882  2.366   1.00 21.31 ? 87   ILE A CB  1 
ATOM   412  C  CG1 . ILE A 1 67  ? 4.400   -5.524  3.578   1.00 21.50 ? 87   ILE A CG1 1 
ATOM   413  C  CG2 . ILE A 1 67  ? 4.886   -7.261  1.832   1.00 21.01 ? 87   ILE A CG2 1 
ATOM   414  C  CD1 . ILE A 1 67  ? 2.943   -5.212  3.240   1.00 21.30 ? 87   ILE A CD1 1 
ATOM   415  N  N   . VAL A 1 68  ? 8.223   -7.175  1.281   1.00 22.44 ? 88   VAL A N   1 
ATOM   416  C  CA  . VAL A 1 68  ? 9.115   -7.433  0.149   1.00 22.92 ? 88   VAL A CA  1 
ATOM   417  C  C   . VAL A 1 68  ? 8.608   -8.587  -0.722  1.00 23.45 ? 88   VAL A C   1 
ATOM   418  O  O   . VAL A 1 68  ? 8.385   -9.690  -0.228  1.00 23.36 ? 88   VAL A O   1 
ATOM   419  C  CB  . VAL A 1 68  ? 10.568  -7.721  0.619   1.00 22.88 ? 88   VAL A CB  1 
ATOM   420  C  CG1 . VAL A 1 68  ? 11.456  -8.085  -0.563  1.00 22.62 ? 88   VAL A CG1 1 
ATOM   421  C  CG2 . VAL A 1 68  ? 11.149  -6.521  1.375   1.00 22.83 ? 88   VAL A CG2 1 
ATOM   422  N  N   . TYR A 1 69  ? 8.433   -8.311  -2.013  1.00 24.07 ? 89   TYR A N   1 
ATOM   423  C  CA  . TYR A 1 69  ? 8.026   -9.318  -2.991  1.00 24.81 ? 89   TYR A CA  1 
ATOM   424  C  C   . TYR A 1 69  ? 9.122   -9.554  -4.020  1.00 25.63 ? 89   TYR A C   1 
ATOM   425  O  O   . TYR A 1 69  ? 9.767   -8.608  -4.485  1.00 25.89 ? 89   TYR A O   1 
ATOM   426  C  CB  . TYR A 1 69  ? 6.764   -8.880  -3.737  1.00 24.41 ? 89   TYR A CB  1 
ATOM   427  C  CG  . TYR A 1 69  ? 5.506   -8.807  -2.910  1.00 24.00 ? 89   TYR A CG  1 
ATOM   428  C  CD1 . TYR A 1 69  ? 4.673   -9.918  -2.773  1.00 23.71 ? 89   TYR A CD1 1 
ATOM   429  C  CD2 . TYR A 1 69  ? 5.127   -7.617  -2.287  1.00 23.22 ? 89   TYR A CD2 1 
ATOM   430  C  CE1 . TYR A 1 69  ? 3.504   -9.851  -2.019  1.00 23.42 ? 89   TYR A CE1 1 
ATOM   431  C  CE2 . TYR A 1 69  ? 3.961   -7.538  -1.535  1.00 23.05 ? 89   TYR A CE2 1 
ATOM   432  C  CZ  . TYR A 1 69  ? 3.157   -8.657  -1.402  1.00 23.56 ? 89   TYR A CZ  1 
ATOM   433  O  OH  . TYR A 1 69  ? 2.002   -8.582  -0.659  1.00 23.64 ? 89   TYR A OH  1 
ATOM   434  N  N   . SER A 1 70  ? 9.321   -10.819 -4.379  1.00 26.57 ? 90   SER A N   1 
ATOM   435  C  CA  . SER A 1 70  ? 10.182  -11.174 -5.497  1.00 27.61 ? 90   SER A CA  1 
ATOM   436  C  C   . SER A 1 70  ? 9.376   -11.153 -6.791  1.00 28.35 ? 90   SER A C   1 
ATOM   437  O  O   . SER A 1 70  ? 8.217   -11.578 -6.821  1.00 28.52 ? 90   SER A O   1 
ATOM   438  C  CB  . SER A 1 70  ? 10.802  -12.554 -5.290  1.00 27.58 ? 90   SER A CB  1 
ATOM   439  O  OG  . SER A 1 70  ? 11.611  -12.911 -6.395  1.00 27.74 ? 90   SER A OG  1 
ATOM   440  N  N   . LEU A 1 71  ? 9.997   -10.654 -7.856  1.00 29.35 ? 91   LEU A N   1 
ATOM   441  C  CA  . LEU A 1 71  ? 9.344   -10.551 -9.160  1.00 30.44 ? 91   LEU A CA  1 
ATOM   442  C  C   . LEU A 1 71  ? 9.789   -11.660 -10.119 1.00 31.28 ? 91   LEU A C   1 
ATOM   443  O  O   . LEU A 1 71  ? 9.471   -11.619 -11.310 1.00 31.33 ? 91   LEU A O   1 
ATOM   444  C  CB  . LEU A 1 71  ? 9.577   -9.162  -9.775  1.00 30.18 ? 91   LEU A CB  1 
ATOM   445  C  CG  . LEU A 1 71  ? 9.130   -7.930  -8.969  1.00 30.20 ? 91   LEU A CG  1 
ATOM   446  C  CD1 . LEU A 1 71  ? 9.636   -6.644  -9.610  1.00 29.45 ? 91   LEU A CD1 1 
ATOM   447  C  CD2 . LEU A 1 71  ? 7.611   -7.882  -8.786  1.00 29.88 ? 91   LEU A CD2 1 
ATOM   448  N  N   . GLU A 1 72  ? 10.520  -12.642 -9.589  1.00 32.53 ? 92   GLU A N   1 
ATOM   449  C  CA  . GLU A 1 72  ? 10.965  -13.807 -10.360 1.00 33.76 ? 92   GLU A CA  1 
ATOM   450  C  C   . GLU A 1 72  ? 9.783   -14.612 -10.888 1.00 34.35 ? 92   GLU A C   1 
ATOM   451  O  O   . GLU A 1 72  ? 8.822   -14.875 -10.158 1.00 34.50 ? 92   GLU A O   1 
ATOM   452  C  CB  . GLU A 1 72  ? 11.863  -14.715 -9.514  1.00 33.99 ? 92   GLU A CB  1 
ATOM   453  C  CG  . GLU A 1 72  ? 13.342  -14.342 -9.526  1.00 34.97 ? 92   GLU A CG  1 
ATOM   454  C  CD  . GLU A 1 72  ? 14.246  -15.517 -9.165  1.00 36.35 ? 92   GLU A CD  1 
ATOM   455  O  OE1 . GLU A 1 72  ? 14.135  -16.584 -9.809  1.00 36.73 ? 92   GLU A OE1 1 
ATOM   456  O  OE2 . GLU A 1 72  ? 15.073  -15.372 -8.238  1.00 36.98 ? 92   GLU A OE2 1 
ATOM   457  N  N   . GLY A 1 73  ? 9.862   -14.995 -12.162 1.00 35.06 ? 93   GLY A N   1 
ATOM   458  C  CA  . GLY A 1 73  ? 8.791   -15.744 -12.822 1.00 35.79 ? 93   GLY A CA  1 
ATOM   459  C  C   . GLY A 1 73  ? 7.569   -14.905 -13.157 1.00 36.33 ? 93   GLY A C   1 
ATOM   460  O  O   . GLY A 1 73  ? 6.496   -15.443 -13.435 1.00 36.56 ? 93   GLY A O   1 
ATOM   461  N  N   . LEU A 1 74  ? 7.730   -13.584 -13.125 1.00 36.81 ? 94   LEU A N   1 
ATOM   462  C  CA  . LEU A 1 74  ? 6.639   -12.656 -13.427 1.00 37.20 ? 94   LEU A CA  1 
ATOM   463  C  C   . LEU A 1 74  ? 7.060   -11.652 -14.505 1.00 37.44 ? 94   LEU A C   1 
ATOM   464  O  O   . LEU A 1 74  ? 6.826   -10.443 -14.384 1.00 37.54 ? 94   LEU A O   1 
ATOM   465  C  CB  . LEU A 1 74  ? 6.159   -11.948 -12.151 1.00 37.20 ? 94   LEU A CB  1 
ATOM   466  C  CG  . LEU A 1 74  ? 5.546   -12.807 -11.037 1.00 37.31 ? 94   LEU A CG  1 
ATOM   467  C  CD1 . LEU A 1 74  ? 5.559   -12.059 -9.713  1.00 37.30 ? 94   LEU A CD1 1 
ATOM   468  C  CD2 . LEU A 1 74  ? 4.131   -13.270 -11.385 1.00 37.53 ? 94   LEU A CD2 1 
ATOM   469  N  N   . ASP A 1 75  ? 7.670   -12.182 -15.566 1.00 37.67 ? 95   ASP A N   1 
ATOM   470  C  CA  . ASP A 1 75  ? 8.219   -11.384 -16.668 1.00 37.82 ? 95   ASP A CA  1 
ATOM   471  C  C   . ASP A 1 75  ? 7.157   -10.946 -17.681 1.00 37.73 ? 95   ASP A C   1 
ATOM   472  O  O   . ASP A 1 75  ? 7.438   -10.148 -18.579 1.00 37.80 ? 95   ASP A O   1 
ATOM   473  C  CB  . ASP A 1 75  ? 9.321   -12.171 -17.391 1.00 37.98 ? 95   ASP A CB  1 
ATOM   474  C  CG  . ASP A 1 75  ? 10.210  -12.952 -16.438 1.00 38.35 ? 95   ASP A CG  1 
ATOM   475  O  OD1 . ASP A 1 75  ? 10.697  -12.365 -15.447 1.00 38.53 ? 95   ASP A OD1 1 
ATOM   476  O  OD2 . ASP A 1 75  ? 10.425  -14.158 -16.689 1.00 38.62 ? 95   ASP A OD2 1 
ATOM   477  N  N   . TYR A 1 76  ? 5.945   -11.476 -17.536 1.00 37.65 ? 96   TYR A N   1 
ATOM   478  C  CA  . TYR A 1 76  ? 4.824   -11.122 -18.402 1.00 37.45 ? 96   TYR A CA  1 
ATOM   479  C  C   . TYR A 1 76  ? 4.407   -9.664  -18.204 1.00 36.90 ? 96   TYR A C   1 
ATOM   480  O  O   . TYR A 1 76  ? 3.935   -9.014  -19.140 1.00 37.00 ? 96   TYR A O   1 
ATOM   481  C  CB  . TYR A 1 76  ? 3.632   -12.035 -18.099 1.00 37.99 ? 96   TYR A CB  1 
ATOM   482  C  CG  . TYR A 1 76  ? 2.700   -12.288 -19.267 1.00 38.59 ? 96   TYR A CG  1 
ATOM   483  C  CD1 . TYR A 1 76  ? 1.814   -11.303 -19.712 1.00 39.11 ? 96   TYR A CD1 1 
ATOM   484  C  CD2 . TYR A 1 76  ? 2.688   -13.524 -19.912 1.00 39.07 ? 96   TYR A CD2 1 
ATOM   485  C  CE1 . TYR A 1 76  ? 0.955   -11.538 -20.785 1.00 39.53 ? 96   TYR A CE1 1 
ATOM   486  C  CE2 . TYR A 1 76  ? 1.830   -13.772 -20.983 1.00 39.54 ? 96   TYR A CE2 1 
ATOM   487  C  CZ  . TYR A 1 76  ? 0.967   -12.774 -21.413 1.00 39.37 ? 96   TYR A CZ  1 
ATOM   488  O  OH  . TYR A 1 76  ? 0.116   -13.015 -22.472 1.00 39.55 ? 96   TYR A OH  1 
ATOM   489  N  N   . TYR A 1 77  ? 4.616   -9.152  -16.994 1.00 36.12 ? 97   TYR A N   1 
ATOM   490  C  CA  . TYR A 1 77  ? 4.043   -7.872  -16.571 1.00 35.27 ? 97   TYR A CA  1 
ATOM   491  C  C   . TYR A 1 77  ? 4.977   -6.671  -16.742 1.00 34.50 ? 97   TYR A C   1 
ATOM   492  O  O   . TYR A 1 77  ? 6.192   -6.776  -16.560 1.00 34.36 ? 97   TYR A O   1 
ATOM   493  C  CB  . TYR A 1 77  ? 3.528   -7.983  -15.131 1.00 35.46 ? 97   TYR A CB  1 
ATOM   494  C  CG  . TYR A 1 77  ? 2.506   -9.086  -14.968 1.00 35.56 ? 97   TYR A CG  1 
ATOM   495  C  CD1 . TYR A 1 77  ? 1.159   -8.855  -15.238 1.00 35.66 ? 97   TYR A CD1 1 
ATOM   496  C  CD2 . TYR A 1 77  ? 2.890   -10.368 -14.572 1.00 35.94 ? 97   TYR A CD2 1 
ATOM   497  C  CE1 . TYR A 1 77  ? 0.217   -9.866  -15.105 1.00 35.80 ? 97   TYR A CE1 1 
ATOM   498  C  CE2 . TYR A 1 77  ? 1.953   -11.390 -14.438 1.00 36.05 ? 97   TYR A CE2 1 
ATOM   499  C  CZ  . TYR A 1 77  ? 0.618   -11.129 -14.706 1.00 35.88 ? 97   TYR A CZ  1 
ATOM   500  O  OH  . TYR A 1 77  ? -0.316  -12.129 -14.575 1.00 36.09 ? 97   TYR A OH  1 
ATOM   501  N  N   . ASP A 1 78  ? 4.382   -5.532  -17.091 1.00 33.45 ? 98   ASP A N   1 
ATOM   502  C  CA  . ASP A 1 78  ? 5.126   -4.308  -17.378 1.00 32.43 ? 98   ASP A CA  1 
ATOM   503  C  C   . ASP A 1 78  ? 5.124   -3.317  -16.218 1.00 31.52 ? 98   ASP A C   1 
ATOM   504  O  O   . ASP A 1 78  ? 6.080   -2.562  -16.055 1.00 31.39 ? 98   ASP A O   1 
ATOM   505  C  CB  . ASP A 1 78  ? 4.568   -3.618  -18.628 1.00 32.56 ? 98   ASP A CB  1 
ATOM   506  C  CG  . ASP A 1 78  ? 4.553   -4.523  -19.844 1.00 33.12 ? 98   ASP A CG  1 
ATOM   507  O  OD1 . ASP A 1 78  ? 5.644   -4.944  -20.296 1.00 33.58 ? 98   ASP A OD1 1 
ATOM   508  O  OD2 . ASP A 1 78  ? 3.447   -4.802  -20.352 1.00 33.21 ? 98   ASP A OD2 1 
ATOM   509  N  N   . TYR A 1 79  ? 4.052   -3.313  -15.425 1.00 30.37 ? 99   TYR A N   1 
ATOM   510  C  CA  . TYR A 1 79  ? 3.892   -2.326  -14.352 1.00 29.46 ? 99   TYR A CA  1 
ATOM   511  C  C   . TYR A 1 79  ? 3.473   -2.917  -13.011 1.00 28.53 ? 99   TYR A C   1 
ATOM   512  O  O   . TYR A 1 79  ? 2.835   -3.970  -12.951 1.00 28.30 ? 99   TYR A O   1 
ATOM   513  C  CB  . TYR A 1 79  ? 2.874   -1.247  -14.753 1.00 29.52 ? 99   TYR A CB  1 
ATOM   514  C  CG  . TYR A 1 79  ? 3.201   -0.519  -16.034 1.00 29.63 ? 99   TYR A CG  1 
ATOM   515  C  CD1 . TYR A 1 79  ? 4.103   0.544   -16.043 1.00 29.28 ? 99   TYR A CD1 1 
ATOM   516  C  CD2 . TYR A 1 79  ? 2.602   -0.891  -17.240 1.00 29.64 ? 99   TYR A CD2 1 
ATOM   517  C  CE1 . TYR A 1 79  ? 4.411   1.214   -17.222 1.00 29.77 ? 99   TYR A CE1 1 
ATOM   518  C  CE2 . TYR A 1 79  ? 2.900   -0.227  -18.426 1.00 29.68 ? 99   TYR A CE2 1 
ATOM   519  C  CZ  . TYR A 1 79  ? 3.805   0.826   -18.408 1.00 29.93 ? 99   TYR A CZ  1 
ATOM   520  O  OH  . TYR A 1 79  ? 4.104   1.490   -19.575 1.00 30.23 ? 99   TYR A OH  1 
ATOM   521  N  N   . PHE A 1 80  ? 3.858   -2.227  -11.939 1.00 27.35 ? 100  PHE A N   1 
ATOM   522  C  CA  . PHE A 1 80  ? 3.219   -2.387  -10.640 1.00 26.31 ? 100  PHE A CA  1 
ATOM   523  C  C   . PHE A 1 80  ? 2.263   -1.212  -10.429 1.00 25.58 ? 100  PHE A C   1 
ATOM   524  O  O   . PHE A 1 80  ? 2.657   -0.046  -10.564 1.00 25.41 ? 100  PHE A O   1 
ATOM   525  C  CB  . PHE A 1 80  ? 4.252   -2.459  -9.505  1.00 26.21 ? 100  PHE A CB  1 
ATOM   526  C  CG  . PHE A 1 80  ? 3.654   -2.306  -8.129  1.00 26.15 ? 100  PHE A CG  1 
ATOM   527  C  CD1 . PHE A 1 80  ? 2.679   -3.195  -7.673  1.00 25.92 ? 100  PHE A CD1 1 
ATOM   528  C  CD2 . PHE A 1 80  ? 4.061   -1.271  -7.291  1.00 25.96 ? 100  PHE A CD2 1 
ATOM   529  C  CE1 . PHE A 1 80  ? 2.114   -3.051  -6.406  1.00 25.98 ? 100  PHE A CE1 1 
ATOM   530  C  CE2 . PHE A 1 80  ? 3.507   -1.121  -6.019  1.00 25.72 ? 100  PHE A CE2 1 
ATOM   531  C  CZ  . PHE A 1 80  ? 2.533   -2.012  -5.574  1.00 25.62 ? 100  PHE A CZ  1 
ATOM   532  N  N   . GLU A 1 81  ? 1.013   -1.525  -10.099 1.00 24.69 ? 101  GLU A N   1 
ATOM   533  C  CA  . GLU A 1 81  ? -0.018  -0.506  -9.925  1.00 24.06 ? 101  GLU A CA  1 
ATOM   534  C  C   . GLU A 1 81  ? -0.770  -0.655  -8.614  1.00 23.24 ? 101  GLU A C   1 
ATOM   535  O  O   . GLU A 1 81  ? -1.177  -1.755  -8.245  1.00 22.78 ? 101  GLU A O   1 
ATOM   536  C  CB  . GLU A 1 81  ? -1.003  -0.520  -11.100 1.00 24.20 ? 101  GLU A CB  1 
ATOM   537  C  CG  . GLU A 1 81  ? -0.397  -0.034  -12.404 1.00 24.62 ? 101  GLU A CG  1 
ATOM   538  C  CD  . GLU A 1 81  ? -1.392  0.047   -13.551 1.00 24.61 ? 101  GLU A CD  1 
ATOM   539  O  OE1 . GLU A 1 81  ? -2.610  -0.127  -13.325 1.00 25.08 ? 101  GLU A OE1 1 
ATOM   540  O  OE2 . GLU A 1 81  ? -0.942  0.287   -14.689 1.00 26.03 ? 101  GLU A OE2 1 
ATOM   541  N  N   . THR A 1 82  ? -0.948  0.468   -7.917  1.00 22.25 ? 102  THR A N   1 
ATOM   542  C  CA  . THR A 1 82  ? -1.718  0.499   -6.675  1.00 21.47 ? 102  THR A CA  1 
ATOM   543  C  C   . THR A 1 82  ? -2.194  1.909   -6.336  1.00 21.21 ? 102  THR A C   1 
ATOM   544  O  O   . THR A 1 82  ? -1.590  2.899   -6.752  1.00 21.02 ? 102  THR A O   1 
ATOM   545  C  CB  . THR A 1 82  ? -0.921  -0.098  -5.465  1.00 21.35 ? 102  THR A CB  1 
ATOM   546  O  OG1 . THR A 1 82  ? -1.806  -0.315  -4.359  1.00 20.72 ? 102  THR A OG1 1 
ATOM   547  C  CG2 . THR A 1 82  ? 0.238   0.815   -5.031  1.00 21.15 ? 102  THR A CG2 1 
ATOM   548  N  N   . PHE A 1 83  ? -3.298  1.983   -5.599  1.00 20.95 ? 103  PHE A N   1 
ATOM   549  C  CA  . PHE A 1 83  ? -3.679  3.209   -4.906  1.00 20.72 ? 103  PHE A CA  1 
ATOM   550  C  C   . PHE A 1 83  ? -3.169  3.124   -3.475  1.00 20.52 ? 103  PHE A C   1 
ATOM   551  O  O   . PHE A 1 83  ? -3.062  2.030   -2.917  1.00 20.33 ? 103  PHE A O   1 
ATOM   552  C  CB  . PHE A 1 83  ? -5.199  3.392   -4.906  1.00 20.67 ? 103  PHE A CB  1 
ATOM   553  C  CG  . PHE A 1 83  ? -5.780  3.699   -6.257  1.00 20.74 ? 103  PHE A CG  1 
ATOM   554  C  CD1 . PHE A 1 83  ? -6.013  5.015   -6.644  1.00 20.60 ? 103  PHE A CD1 1 
ATOM   555  C  CD2 . PHE A 1 83  ? -6.105  2.673   -7.142  1.00 20.77 ? 103  PHE A CD2 1 
ATOM   556  C  CE1 . PHE A 1 83  ? -6.559  5.305   -7.892  1.00 21.01 ? 103  PHE A CE1 1 
ATOM   557  C  CE2 . PHE A 1 83  ? -6.648  2.953   -8.394  1.00 20.96 ? 103  PHE A CE2 1 
ATOM   558  C  CZ  . PHE A 1 83  ? -6.877  4.271   -8.768  1.00 20.70 ? 103  PHE A CZ  1 
ATOM   559  N  N   . VAL A 1 84  ? -2.848  4.275   -2.889  1.00 20.27 ? 104  VAL A N   1 
ATOM   560  C  CA  . VAL A 1 84  ? -2.377  4.340   -1.506  1.00 20.39 ? 104  VAL A CA  1 
ATOM   561  C  C   . VAL A 1 84  ? -3.058  5.479   -0.743  1.00 20.28 ? 104  VAL A C   1 
ATOM   562  O  O   . VAL A 1 84  ? -3.487  6.467   -1.339  1.00 20.19 ? 104  VAL A O   1 
ATOM   563  C  CB  . VAL A 1 84  ? -0.821  4.510   -1.399  1.00 20.30 ? 104  VAL A CB  1 
ATOM   564  C  CG1 . VAL A 1 84  ? -0.090  3.280   -1.925  1.00 20.22 ? 104  VAL A CG1 1 
ATOM   565  C  CG2 . VAL A 1 84  ? -0.336  5.784   -2.111  1.00 20.37 ? 104  VAL A CG2 1 
ATOM   566  N  N   . GLY A 1 85  ? -3.149  5.326   0.573   1.00 20.28 ? 105  GLY A N   1 
ATOM   567  C  CA  . GLY A 1 85  ? -3.660  6.380   1.447   1.00 20.28 ? 105  GLY A CA  1 
ATOM   568  C  C   . GLY A 1 85  ? -4.022  5.848   2.815   1.00 20.40 ? 105  GLY A C   1 
ATOM   569  O  O   . GLY A 1 85  ? -3.973  4.637   3.050   1.00 20.57 ? 105  GLY A O   1 
ATOM   570  N  N   . VAL A 1 86  ? -4.369  6.759   3.723   1.00 20.20 ? 106  VAL A N   1 
ATOM   571  C  CA  . VAL A 1 86  ? -4.895  6.385   5.033   1.00 20.10 ? 106  VAL A CA  1 
ATOM   572  C  C   . VAL A 1 86  ? -6.217  5.659   4.809   1.00 19.96 ? 106  VAL A C   1 
ATOM   573  O  O   . VAL A 1 86  ? -7.110  6.178   4.133   1.00 19.84 ? 106  VAL A O   1 
ATOM   574  C  CB  . VAL A 1 86  ? -5.116  7.623   5.944   1.00 20.11 ? 106  VAL A CB  1 
ATOM   575  C  CG1 . VAL A 1 86  ? -5.879  7.245   7.209   1.00 19.82 ? 106  VAL A CG1 1 
ATOM   576  C  CG2 . VAL A 1 86  ? -3.788  8.279   6.297   1.00 20.08 ? 106  VAL A CG2 1 
ATOM   577  N  N   . ASP A 1 87  ? -6.328  4.444   5.342   1.00 19.98 ? 107  ASP A N   1 
ATOM   578  C  CA  . ASP A 1 87  ? -7.571  3.690   5.213   1.00 19.94 ? 107  ASP A CA  1 
ATOM   579  C  C   . ASP A 1 87  ? -8.685  4.484   5.887   1.00 20.02 ? 107  ASP A C   1 
ATOM   580  O  O   . ASP A 1 87  ? -8.508  4.994   6.998   1.00 20.27 ? 107  ASP A O   1 
ATOM   581  C  CB  . ASP A 1 87  ? -7.454  2.290   5.811   1.00 19.61 ? 107  ASP A CB  1 
ATOM   582  C  CG  . ASP A 1 87  ? -8.613  1.399   5.413   1.00 19.23 ? 107  ASP A CG  1 
ATOM   583  O  OD1 . ASP A 1 87  ? -8.432  0.578   4.491   1.00 17.78 ? 107  ASP A OD1 1 
ATOM   584  O  OD2 . ASP A 1 87  ? -9.712  1.538   5.998   1.00 17.94 ? 107  ASP A OD2 1 
ATOM   585  N  N   . GLN A 1 88  ? -9.818  4.601   5.200   1.00 20.12 ? 108  GLN A N   1 
ATOM   586  C  CA  . GLN A 1 88  ? -10.897 5.489   5.639   1.00 20.23 ? 108  GLN A CA  1 
ATOM   587  C  C   . GLN A 1 88  ? -11.713 4.974   6.833   1.00 20.31 ? 108  GLN A C   1 
ATOM   588  O  O   . GLN A 1 88  ? -12.623 5.661   7.310   1.00 20.62 ? 108  GLN A O   1 
ATOM   589  C  CB  . GLN A 1 88  ? -11.784 5.917   4.460   1.00 20.19 ? 108  GLN A CB  1 
ATOM   590  C  CG  . GLN A 1 88  ? -11.088 6.867   3.480   1.00 19.84 ? 108  GLN A CG  1 
ATOM   591  C  CD  . GLN A 1 88  ? -10.632 8.171   4.130   1.00 20.19 ? 108  GLN A CD  1 
ATOM   592  O  OE1 . GLN A 1 88  ? -11.442 9.057   4.415   1.00 19.92 ? 108  GLN A OE1 1 
ATOM   593  N  NE2 . GLN A 1 88  ? -9.330  8.290   4.363   1.00 19.55 ? 108  GLN A NE2 1 
ATOM   594  N  N   . GLU A 1 89  ? -11.359 3.789   7.333   1.00 20.08 ? 109  GLU A N   1 
ATOM   595  C  CA  . GLU A 1 89  ? -11.816 3.359   8.652   1.00 19.83 ? 109  GLU A CA  1 
ATOM   596  C  C   . GLU A 1 89  ? -11.242 4.304   9.715   1.00 19.66 ? 109  GLU A C   1 
ATOM   597  O  O   . GLU A 1 89  ? -11.809 4.444   10.793  1.00 19.73 ? 109  GLU A O   1 
ATOM   598  C  CB  . GLU A 1 89  ? -11.435 1.899   8.938   1.00 19.91 ? 109  GLU A CB  1 
ATOM   599  C  CG  . GLU A 1 89  ? -9.957  1.629   9.265   1.00 19.35 ? 109  GLU A CG  1 
ATOM   600  C  CD  . GLU A 1 89  ? -9.587  0.149   9.172   1.00 19.95 ? 109  GLU A CD  1 
ATOM   601  O  OE1 . GLU A 1 89  ? -10.496 -0.685  8.971   1.00 20.06 ? 109  GLU A OE1 1 
ATOM   602  O  OE2 . GLU A 1 89  ? -8.383  -0.183  9.287   1.00 18.71 ? 109  GLU A OE2 1 
ATOM   603  N  N   . MET A 1 90  ? -10.127 4.957   9.382   1.00 19.50 ? 110  MET A N   1 
ATOM   604  C  CA  . MET A 1 90  ? -9.448  5.891   10.290  1.00 19.37 ? 110  MET A CA  1 
ATOM   605  C  C   . MET A 1 90  ? -9.655  7.365   9.933   1.00 19.23 ? 110  MET A C   1 
ATOM   606  O  O   . MET A 1 90  ? -8.880  8.233   10.365  1.00 19.32 ? 110  MET A O   1 
ATOM   607  C  CB  . MET A 1 90  ? -7.949  5.573   10.377  1.00 19.34 ? 110  MET A CB  1 
ATOM   608  C  CG  . MET A 1 90  ? -7.638  4.179   10.924  1.00 19.58 ? 110  MET A CG  1 
ATOM   609  S  SD  . MET A 1 90  ? -8.548  3.716   12.414  1.00 20.61 ? 110  MET A SD  1 
ATOM   610  C  CE  . MET A 1 90  ? -7.810  4.842   13.595  1.00 19.38 ? 110  MET A CE  1 
ATOM   611  N  N   . ALA A 1 91  ? -10.701 7.646   9.160   1.00 19.11 ? 111  ALA A N   1 
ATOM   612  C  CA  . ALA A 1 91  ? -11.100 9.025   8.865   1.00 19.11 ? 111  ALA A CA  1 
ATOM   613  C  C   . ALA A 1 91  ? -11.394 9.790   10.156  1.00 18.94 ? 111  ALA A C   1 
ATOM   614  O  O   . ALA A 1 91  ? -11.966 9.241   11.103  1.00 18.93 ? 111  ALA A O   1 
ATOM   615  C  CB  . ALA A 1 91  ? -12.315 9.046   7.946   1.00 18.97 ? 111  ALA A CB  1 
ATOM   616  N  N   . GLY A 1 92  ? -10.988 11.053  10.195  1.00 19.10 ? 112  GLY A N   1 
ATOM   617  C  CA  . GLY A 1 92  ? -11.194 11.888  11.377  1.00 18.99 ? 112  GLY A CA  1 
ATOM   618  C  C   . GLY A 1 92  ? -10.411 11.460  12.608  1.00 19.16 ? 112  GLY A C   1 
ATOM   619  O  O   . GLY A 1 92  ? -10.852 11.694  13.735  1.00 19.56 ? 112  GLY A O   1 
ATOM   620  N  N   . THR A 1 93  ? -9.256  10.830  12.399  1.00 19.08 ? 113  THR A N   1 
ATOM   621  C  CA  . THR A 1 93  ? -8.360  10.474  13.505  1.00 19.41 ? 113  THR A CA  1 
ATOM   622  C  C   . THR A 1 93  ? -7.002  11.161  13.341  1.00 19.25 ? 113  THR A C   1 
ATOM   623  O  O   . THR A 1 93  ? -6.818  11.966  12.424  1.00 19.32 ? 113  THR A O   1 
ATOM   624  C  CB  . THR A 1 93  ? -8.140  8.944   13.625  1.00 19.38 ? 113  THR A CB  1 
ATOM   625  O  OG1 . THR A 1 93  ? -7.346  8.489   12.526  1.00 19.90 ? 113  THR A OG1 1 
ATOM   626  C  CG2 . THR A 1 93  ? -9.471  8.188   13.677  1.00 19.54 ? 113  THR A CG2 1 
ATOM   627  N  N   . VAL A 1 94  ? -6.055  10.830  14.221  1.00 19.15 ? 114  VAL A N   1 
ATOM   628  C  CA  . VAL A 1 94  ? -4.697  11.394  14.165  1.00 18.96 ? 114  VAL A CA  1 
ATOM   629  C  C   . VAL A 1 94  ? -3.803  10.718  13.118  1.00 18.74 ? 114  VAL A C   1 
ATOM   630  O  O   . VAL A 1 94  ? -2.605  10.987  13.060  1.00 18.67 ? 114  VAL A O   1 
ATOM   631  C  CB  . VAL A 1 94  ? -3.975  11.366  15.549  1.00 19.10 ? 114  VAL A CB  1 
ATOM   632  C  CG1 . VAL A 1 94  ? -4.621  12.342  16.524  1.00 18.71 ? 114  VAL A CG1 1 
ATOM   633  C  CG2 . VAL A 1 94  ? -3.918  9.942   16.125  1.00 18.50 ? 114  VAL A CG2 1 
ATOM   634  N  N   . ALA A 1 95  ? -4.393  9.846   12.297  1.00 18.54 ? 115  ALA A N   1 
ATOM   635  C  CA  . ALA A 1 95  ? -3.663  9.097   11.270  1.00 18.25 ? 115  ALA A CA  1 
ATOM   636  C  C   . ALA A 1 95  ? -2.755  9.970   10.407  1.00 18.13 ? 115  ALA A C   1 
ATOM   637  O  O   . ALA A 1 95  ? -3.199  10.952  9.807   1.00 18.26 ? 115  ALA A O   1 
ATOM   638  C  CB  . ALA A 1 95  ? -4.635  8.315   10.393  1.00 18.13 ? 115  ALA A CB  1 
ATOM   639  N  N   . SER A 1 96  ? -1.479  9.606   10.354  1.00 17.80 ? 116  SER A N   1 
ATOM   640  C  CA  . SER A 1 96  ? -0.498  10.336  9.562   1.00 17.85 ? 116  SER A CA  1 
ATOM   641  C  C   . SER A 1 96  ? 0.620   9.396   9.131   1.00 17.73 ? 116  SER A C   1 
ATOM   642  O  O   . SER A 1 96  ? 1.302   8.808   9.975   1.00 18.27 ? 116  SER A O   1 
ATOM   643  C  CB  . SER A 1 96  ? 0.059   11.530  10.346  1.00 17.57 ? 116  SER A CB  1 
ATOM   644  O  OG  . SER A 1 96  ? 0.590   11.112  11.586  1.00 18.00 ? 116  SER A OG  1 
ATOM   645  N  N   . ILE A 1 97  ? 0.790   9.252   7.819   1.00 17.76 ? 117  ILE A N   1 
ATOM   646  C  CA  . ILE A 1 97  ? 1.695   8.252   7.246   1.00 17.59 ? 117  ILE A CA  1 
ATOM   647  C  C   . ILE A 1 97  ? 2.327   8.705   5.931   1.00 17.71 ? 117  ILE A C   1 
ATOM   648  O  O   . ILE A 1 97  ? 1.905   9.696   5.338   1.00 17.61 ? 117  ILE A O   1 
ATOM   649  C  CB  . ILE A 1 97  ? 0.963   6.892   6.992   1.00 17.49 ? 117  ILE A CB  1 
ATOM   650  C  CG1 . ILE A 1 97  ? -0.255  7.088   6.078   1.00 17.46 ? 117  ILE A CG1 1 
ATOM   651  C  CG2 . ILE A 1 97  ? 0.572   6.228   8.307   1.00 17.70 ? 117  ILE A CG2 1 
ATOM   652  C  CD1 . ILE A 1 97  ? -0.999  5.802   5.728   1.00 17.26 ? 117  ILE A CD1 1 
ATOM   653  N  N   . SER A 1 98  ? 3.340   7.963   5.485   1.00 17.93 ? 118  SER A N   1 
ATOM   654  C  CA  . SER A 1 98  ? 3.849   8.079   4.125   1.00 18.09 ? 118  SER A CA  1 
ATOM   655  C  C   . SER A 1 98  ? 4.037   6.694   3.508   1.00 18.07 ? 118  SER A C   1 
ATOM   656  O  O   . SER A 1 98  ? 4.262   5.712   4.222   1.00 18.08 ? 118  SER A O   1 
ATOM   657  C  CB  . SER A 1 98  ? 5.158   8.871   4.079   1.00 18.15 ? 118  SER A CB  1 
ATOM   658  O  OG  . SER A 1 98  ? 6.207   8.177   4.729   1.00 18.86 ? 118  SER A OG  1 
ATOM   659  N  N   . PHE A 1 99  ? 3.929   6.630   2.185   1.00 18.08 ? 119  PHE A N   1 
ATOM   660  C  CA  . PHE A 1 99  ? 4.134   5.390   1.441   1.00 18.28 ? 119  PHE A CA  1 
ATOM   661  C  C   . PHE A 1 99  ? 5.384   5.512   0.574   1.00 18.46 ? 119  PHE A C   1 
ATOM   662  O  O   . PHE A 1 99  ? 5.566   6.509   -0.127  1.00 18.73 ? 119  PHE A O   1 
ATOM   663  C  CB  . PHE A 1 99  ? 2.931   5.083   0.545   1.00 18.13 ? 119  PHE A CB  1 
ATOM   664  C  CG  . PHE A 1 99  ? 1.668   4.742   1.293   1.00 17.97 ? 119  PHE A CG  1 
ATOM   665  C  CD1 . PHE A 1 99  ? 1.319   3.410   1.531   1.00 18.12 ? 119  PHE A CD1 1 
ATOM   666  C  CD2 . PHE A 1 99  ? 0.807   5.745   1.726   1.00 18.03 ? 119  PHE A CD2 1 
ATOM   667  C  CE1 . PHE A 1 99  ? 0.143   3.085   2.209   1.00 17.48 ? 119  PHE A CE1 1 
ATOM   668  C  CE2 . PHE A 1 99  ? -0.369  5.434   2.407   1.00 17.33 ? 119  PHE A CE2 1 
ATOM   669  C  CZ  . PHE A 1 99  ? -0.703  4.101   2.646   1.00 18.18 ? 119  PHE A CZ  1 
ATOM   670  N  N   . GLU A 1 100 ? 6.241   4.498   0.627   1.00 18.53 ? 120  GLU A N   1 
ATOM   671  C  CA  . GLU A 1 100 ? 7.409   4.429   -0.244  1.00 18.78 ? 120  GLU A CA  1 
ATOM   672  C  C   . GLU A 1 100 ? 7.436   3.100   -1.002  1.00 18.84 ? 120  GLU A C   1 
ATOM   673  O  O   . GLU A 1 100 ? 7.193   2.039   -0.423  1.00 18.92 ? 120  GLU A O   1 
ATOM   674  C  CB  . GLU A 1 100 ? 8.703   4.611   0.552   1.00 18.67 ? 120  GLU A CB  1 
ATOM   675  C  CG  . GLU A 1 100 ? 8.886   5.997   1.185   1.00 18.96 ? 120  GLU A CG  1 
ATOM   676  C  CD  . GLU A 1 100 ? 10.122  6.080   2.072   1.00 19.21 ? 120  GLU A CD  1 
ATOM   677  O  OE1 . GLU A 1 100 ? 10.883  5.090   2.145   1.00 20.23 ? 120  GLU A OE1 1 
ATOM   678  O  OE2 . GLU A 1 100 ? 10.331  7.139   2.703   1.00 20.03 ? 120  GLU A OE2 1 
ATOM   679  N  N   . VAL A 1 101 ? 7.714   3.179   -2.300  1.00 18.94 ? 121  VAL A N   1 
ATOM   680  C  CA  . VAL A 1 101 ? 7.850   1.999   -3.150  1.00 19.25 ? 121  VAL A CA  1 
ATOM   681  C  C   . VAL A 1 101 ? 9.282   1.937   -3.672  1.00 19.56 ? 121  VAL A C   1 
ATOM   682  O  O   . VAL A 1 101 ? 9.831   2.947   -4.123  1.00 19.78 ? 121  VAL A O   1 
ATOM   683  C  CB  . VAL A 1 101 ? 6.838   2.000   -4.330  1.00 18.98 ? 121  VAL A CB  1 
ATOM   684  C  CG1 . VAL A 1 101 ? 6.975   0.724   -5.171  1.00 19.21 ? 121  VAL A CG1 1 
ATOM   685  C  CG2 . VAL A 1 101 ? 5.406   2.135   -3.814  1.00 19.08 ? 121  VAL A CG2 1 
ATOM   686  N  N   . TYR A 1 102 ? 9.880   0.754   -3.582  1.00 19.72 ? 122  TYR A N   1 
ATOM   687  C  CA  . TYR A 1 102 ? 11.245  0.519   -4.039  1.00 20.09 ? 122  TYR A CA  1 
ATOM   688  C  C   . TYR A 1 102 ? 11.260  -0.598  -5.073  1.00 20.18 ? 122  TYR A C   1 
ATOM   689  O  O   . TYR A 1 102 ? 10.534  -1.587  -4.939  1.00 20.20 ? 122  TYR A O   1 
ATOM   690  C  CB  . TYR A 1 102 ? 12.156  0.135   -2.864  1.00 20.14 ? 122  TYR A CB  1 
ATOM   691  C  CG  . TYR A 1 102 ? 12.417  1.247   -1.871  1.00 20.44 ? 122  TYR A CG  1 
ATOM   692  C  CD1 . TYR A 1 102 ? 13.627  1.936   -1.870  1.00 20.56 ? 122  TYR A CD1 1 
ATOM   693  C  CD2 . TYR A 1 102 ? 11.455  1.605   -0.924  1.00 20.59 ? 122  TYR A CD2 1 
ATOM   694  C  CE1 . TYR A 1 102 ? 13.873  2.960   -0.953  1.00 20.43 ? 122  TYR A CE1 1 
ATOM   695  C  CE2 . TYR A 1 102 ? 11.688  2.628   -0.010  1.00 20.29 ? 122  TYR A CE2 1 
ATOM   696  C  CZ  . TYR A 1 102 ? 12.896  3.300   -0.030  1.00 20.41 ? 122  TYR A CZ  1 
ATOM   697  O  OH  . TYR A 1 102 ? 13.126  4.313   0.875   1.00 20.78 ? 122  TYR A OH  1 
ATOM   698  N  N   . LEU A 1 103 ? 12.076  -0.428  -6.107  1.00 20.44 ? 123  LEU A N   1 
ATOM   699  C  CA  . LEU A 1 103 ? 12.342  -1.496  -7.068  1.00 20.64 ? 123  LEU A CA  1 
ATOM   700  C  C   . LEU A 1 103 ? 13.849  -1.648  -7.196  1.00 20.89 ? 123  LEU A C   1 
ATOM   701  O  O   . LEU A 1 103 ? 14.537  -0.707  -7.597  1.00 21.00 ? 123  LEU A O   1 
ATOM   702  C  CB  . LEU A 1 103 ? 11.715  -1.190  -8.433  1.00 20.62 ? 123  LEU A CB  1 
ATOM   703  C  CG  . LEU A 1 103 ? 10.199  -1.323  -8.613  1.00 20.51 ? 123  LEU A CG  1 
ATOM   704  C  CD1 . LEU A 1 103 ? 9.762   -0.606  -9.881  1.00 19.91 ? 123  LEU A CD1 1 
ATOM   705  C  CD2 . LEU A 1 103 ? 9.763   -2.787  -8.658  1.00 20.34 ? 123  LEU A CD2 1 
ATOM   706  N  N   . ASP A 1 104 ? 14.349  -2.829  -6.834  1.00 21.04 ? 124  ASP A N   1 
ATOM   707  C  CA  . ASP A 1 104 ? 15.786  -3.125  -6.811  1.00 21.33 ? 124  ASP A CA  1 
ATOM   708  C  C   . ASP A 1 104 ? 16.601  -2.057  -6.067  1.00 21.44 ? 124  ASP A C   1 
ATOM   709  O  O   . ASP A 1 104 ? 17.567  -1.499  -6.601  1.00 21.43 ? 124  ASP A O   1 
ATOM   710  C  CB  . ASP A 1 104 ? 16.318  -3.388  -8.229  1.00 21.33 ? 124  ASP A CB  1 
ATOM   711  C  CG  . ASP A 1 104 ? 15.717  -4.641  -8.851  1.00 21.95 ? 124  ASP A CG  1 
ATOM   712  O  OD1 . ASP A 1 104 ? 15.923  -4.876  -10.055 1.00 23.63 ? 124  ASP A OD1 1 
ATOM   713  O  OD2 . ASP A 1 104 ? 15.035  -5.396  -8.132  1.00 23.41 ? 124  ASP A OD2 1 
ATOM   714  N  N   . ASN A 1 105 ? 16.173  -1.790  -4.832  1.00 21.49 ? 125  ASN A N   1 
ATOM   715  C  CA  . ASN A 1 105 ? 16.843  -0.878  -3.894  1.00 21.70 ? 125  ASN A CA  1 
ATOM   716  C  C   . ASN A 1 105 ? 16.821  0.603   -4.295  1.00 21.66 ? 125  ASN A C   1 
ATOM   717  O  O   . ASN A 1 105 ? 17.541  1.421   -3.718  1.00 21.74 ? 125  ASN A O   1 
ATOM   718  C  CB  . ASN A 1 105 ? 18.278  -1.353  -3.592  1.00 21.83 ? 125  ASN A CB  1 
ATOM   719  C  CG  . ASN A 1 105 ? 18.751  -0.944  -2.210  1.00 21.93 ? 125  ASN A CG  1 
ATOM   720  O  OD1 . ASN A 1 105 ? 18.018  -1.062  -1.231  1.00 22.10 ? 125  ASN A OD1 1 
ATOM   721  N  ND2 . ASN A 1 105 ? 19.985  -0.458  -2.126  1.00 22.14 ? 125  ASN A ND2 1 
ATOM   722  N  N   . GLU A 1 106 ? 15.981  0.942   -5.270  1.00 21.82 ? 126  GLU A N   1 
ATOM   723  C  CA  . GLU A 1 106 ? 15.813  2.321   -5.723  1.00 22.16 ? 126  GLU A CA  1 
ATOM   724  C  C   . GLU A 1 106 ? 14.401  2.802   -5.412  1.00 21.70 ? 126  GLU A C   1 
ATOM   725  O  O   . GLU A 1 106 ? 13.431  2.149   -5.798  1.00 21.60 ? 126  GLU A O   1 
ATOM   726  C  CB  . GLU A 1 106 ? 16.047  2.429   -7.233  1.00 22.23 ? 126  GLU A CB  1 
ATOM   727  C  CG  . GLU A 1 106 ? 17.434  2.029   -7.716  1.00 23.26 ? 126  GLU A CG  1 
ATOM   728  C  CD  . GLU A 1 106 ? 17.690  2.475   -9.147  1.00 23.32 ? 126  GLU A CD  1 
ATOM   729  O  OE1 . GLU A 1 106 ? 17.762  3.698   -9.379  1.00 24.77 ? 126  GLU A OE1 1 
ATOM   730  O  OE2 . GLU A 1 106 ? 17.816  1.604   -10.036 1.00 25.12 ? 126  GLU A OE2 1 
ATOM   731  N  N   . LYS A 1 107 ? 14.285  3.939   -4.726  1.00 21.33 ? 127  LYS A N   1 
ATOM   732  C  CA  . LYS A 1 107 ? 12.973  4.531   -4.438  1.00 21.22 ? 127  LYS A CA  1 
ATOM   733  C  C   . LYS A 1 107 ? 12.354  5.125   -5.704  1.00 20.99 ? 127  LYS A C   1 
ATOM   734  O  O   . LYS A 1 107 ? 12.919  6.028   -6.324  1.00 21.32 ? 127  LYS A O   1 
ATOM   735  C  CB  . LYS A 1 107 ? 13.061  5.590   -3.329  1.00 21.25 ? 127  LYS A CB  1 
ATOM   736  C  CG  . LYS A 1 107 ? 11.695  6.077   -2.838  1.00 21.24 ? 127  LYS A CG  1 
ATOM   737  C  CD  . LYS A 1 107 ? 11.788  6.977   -1.613  1.00 21.40 ? 127  LYS A CD  1 
ATOM   738  C  CE  . LYS A 1 107 ? 12.196  8.396   -1.972  1.00 22.33 ? 127  LYS A CE  1 
ATOM   739  N  NZ  . LYS A 1 107 ? 12.054  9.297   -0.801  1.00 22.81 ? 127  LYS A NZ  1 
ATOM   740  N  N   . VAL A 1 108 ? 11.191  4.602   -6.081  1.00 20.85 ? 128  VAL A N   1 
ATOM   741  C  CA  . VAL A 1 108 ? 10.507  5.016   -7.311  1.00 20.41 ? 128  VAL A CA  1 
ATOM   742  C  C   . VAL A 1 108 ? 9.208   5.787   -7.040  1.00 20.11 ? 128  VAL A C   1 
ATOM   743  O  O   . VAL A 1 108 ? 8.653   6.421   -7.939  1.00 20.22 ? 128  VAL A O   1 
ATOM   744  C  CB  . VAL A 1 108 ? 10.249  3.811   -8.265  1.00 20.35 ? 128  VAL A CB  1 
ATOM   745  C  CG1 . VAL A 1 108 ? 11.559  3.321   -8.875  1.00 20.22 ? 128  VAL A CG1 1 
ATOM   746  C  CG2 . VAL A 1 108 ? 9.528   2.673   -7.542  1.00 20.71 ? 128  VAL A CG2 1 
ATOM   747  N  N   . PHE A 1 109 ? 8.737   5.723   -5.798  1.00 19.66 ? 129  PHE A N   1 
ATOM   748  C  CA  . PHE A 1 109 ? 7.558   6.468   -5.357  1.00 19.41 ? 129  PHE A CA  1 
ATOM   749  C  C   . PHE A 1 109 ? 7.697   6.877   -3.894  1.00 19.48 ? 129  PHE A C   1 
ATOM   750  O  O   . PHE A 1 109 ? 8.191   6.108   -3.064  1.00 19.49 ? 129  PHE A O   1 
ATOM   751  C  CB  . PHE A 1 109 ? 6.277   5.640   -5.575  1.00 19.29 ? 129  PHE A CB  1 
ATOM   752  C  CG  . PHE A 1 109 ? 5.027   6.263   -4.991  1.00 18.60 ? 129  PHE A CG  1 
ATOM   753  C  CD1 . PHE A 1 109 ? 4.375   7.307   -5.646  1.00 17.79 ? 129  PHE A CD1 1 
ATOM   754  C  CD2 . PHE A 1 109 ? 4.498   5.794   -3.791  1.00 17.84 ? 129  PHE A CD2 1 
ATOM   755  C  CE1 . PHE A 1 109 ? 3.220   7.879   -5.108  1.00 18.06 ? 129  PHE A CE1 1 
ATOM   756  C  CE2 . PHE A 1 109 ? 3.344   6.362   -3.244  1.00 18.56 ? 129  PHE A CE2 1 
ATOM   757  C  CZ  . PHE A 1 109 ? 2.703   7.405   -3.906  1.00 18.40 ? 129  PHE A CZ  1 
ATOM   758  N  N   . ASP A 1 110 ? 7.264   8.101   -3.598  1.00 19.50 ? 130  ASP A N   1 
ATOM   759  C  CA  . ASP A 1 110 ? 7.167   8.608   -2.233  1.00 19.31 ? 130  ASP A CA  1 
ATOM   760  C  C   . ASP A 1 110 ? 5.899   9.456   -2.149  1.00 19.01 ? 130  ASP A C   1 
ATOM   761  O  O   . ASP A 1 110 ? 5.773   10.463  -2.847  1.00 19.04 ? 130  ASP A O   1 
ATOM   762  C  CB  . ASP A 1 110 ? 8.402   9.440   -1.881  1.00 19.61 ? 130  ASP A CB  1 
ATOM   763  C  CG  . ASP A 1 110 ? 8.505   9.759   -0.393  1.00 19.50 ? 130  ASP A CG  1 
ATOM   764  O  OD1 . ASP A 1 110 ? 7.473   10.006  0.268   1.00 19.45 ? 130  ASP A OD1 1 
ATOM   765  O  OD2 . ASP A 1 110 ? 9.640   9.768   0.119   1.00 20.91 ? 130  ASP A OD2 1 
ATOM   766  N  N   . SER A 1 111 ? 4.956   9.038   -1.307  1.00 18.67 ? 131  SER A N   1 
ATOM   767  C  CA  . SER A 1 111 ? 3.665   9.721   -1.197  1.00 18.61 ? 131  SER A CA  1 
ATOM   768  C  C   . SER A 1 111 ? 3.771   11.062  -0.466  1.00 18.63 ? 131  SER A C   1 
ATOM   769  O  O   . SER A 1 111 ? 2.982   11.972  -0.712  1.00 18.66 ? 131  SER A O   1 
ATOM   770  C  CB  . SER A 1 111 ? 2.644   8.831   -0.484  1.00 18.62 ? 131  SER A CB  1 
ATOM   771  O  OG  . SER A 1 111 ? 2.840   8.847   0.920   1.00 18.36 ? 131  SER A OG  1 
ATOM   772  N  N   . GLY A 1 112 ? 4.742   11.165  0.436   1.00 18.43 ? 132  GLY A N   1 
ATOM   773  C  CA  . GLY A 1 112 ? 4.798   12.280  1.379   1.00 18.51 ? 132  GLY A CA  1 
ATOM   774  C  C   . GLY A 1 112 ? 3.734   12.075  2.444   1.00 18.43 ? 132  GLY A C   1 
ATOM   775  O  O   . GLY A 1 112 ? 3.080   11.025  2.491   1.00 18.27 ? 132  GLY A O   1 
ATOM   776  N  N   . LEU A 1 113 ? 3.550   13.084  3.290   1.00 18.26 ? 133  LEU A N   1 
ATOM   777  C  CA  . LEU A 1 113 ? 2.628   12.995  4.421   1.00 18.30 ? 133  LEU A CA  1 
ATOM   778  C  C   . LEU A 1 113 ? 1.180   12.889  3.957   1.00 18.25 ? 133  LEU A C   1 
ATOM   779  O  O   . LEU A 1 113 ? 0.698   13.731  3.194   1.00 18.55 ? 133  LEU A O   1 
ATOM   780  C  CB  . LEU A 1 113 ? 2.816   14.192  5.374   1.00 18.18 ? 133  LEU A CB  1 
ATOM   781  C  CG  . LEU A 1 113 ? 1.936   14.319  6.627   1.00 18.22 ? 133  LEU A CG  1 
ATOM   782  C  CD1 . LEU A 1 113 ? 2.106   13.142  7.597   1.00 17.73 ? 133  LEU A CD1 1 
ATOM   783  C  CD2 . LEU A 1 113 ? 2.221   15.637  7.336   1.00 18.44 ? 133  LEU A CD2 1 
ATOM   784  N  N   . MET A 1 114 ? 0.512   11.825  4.395   1.00 18.04 ? 134  MET A N   1 
ATOM   785  C  CA  . MET A 1 114 ? -0.915  11.640  4.164   1.00 17.99 ? 134  MET A CA  1 
ATOM   786  C  C   . MET A 1 114 ? -1.622  11.530  5.507   1.00 18.12 ? 134  MET A C   1 
ATOM   787  O  O   . MET A 1 114 ? -1.180  10.791  6.393   1.00 18.39 ? 134  MET A O   1 
ATOM   788  C  CB  . MET A 1 114 ? -1.183  10.386  3.321   1.00 17.77 ? 134  MET A CB  1 
ATOM   789  C  CG  . MET A 1 114 ? -0.419  10.328  2.004   1.00 17.42 ? 134  MET A CG  1 
ATOM   790  S  SD  . MET A 1 114 ? -0.913  8.930   0.967   1.00 17.88 ? 134  MET A SD  1 
ATOM   791  C  CE  . MET A 1 114 ? -2.347  9.631   0.152   1.00 18.34 ? 134  MET A CE  1 
ATOM   792  N  N   . THR A 1 115 ? -2.710  12.276  5.658   1.00 18.32 ? 135  THR A N   1 
ATOM   793  C  CA  . THR A 1 115 ? -3.515  12.225  6.879   1.00 18.44 ? 135  THR A CA  1 
ATOM   794  C  C   . THR A 1 115 ? -4.923  11.715  6.569   1.00 18.51 ? 135  THR A C   1 
ATOM   795  O  O   . THR A 1 115 ? -5.174  11.240  5.457   1.00 18.91 ? 135  THR A O   1 
ATOM   796  C  CB  . THR A 1 115 ? -3.520  13.584  7.643   1.00 18.53 ? 135  THR A CB  1 
ATOM   797  O  OG1 . THR A 1 115 ? -3.802  14.656  6.737   1.00 18.35 ? 135  THR A OG1 1 
ATOM   798  C  CG2 . THR A 1 115 ? -2.166  13.831  8.291   1.00 18.53 ? 135  THR A CG2 1 
ATOM   799  N  N   . GLY A 1 116 ? -5.830  11.799  7.541   1.00 18.69 ? 136  GLY A N   1 
ATOM   800  C  CA  . GLY A 1 116 ? -7.171  11.223  7.421   1.00 18.54 ? 136  GLY A CA  1 
ATOM   801  C  C   . GLY A 1 116 ? -7.911  11.548  6.136   1.00 18.86 ? 136  GLY A C   1 
ATOM   802  O  O   . GLY A 1 116 ? -8.530  10.666  5.522   1.00 18.49 ? 136  GLY A O   1 
ATOM   803  N  N   . ASP A 1 117 ? -7.831  12.813  5.717   1.00 18.82 ? 137  ASP A N   1 
ATOM   804  C  CA  . ASP A 1 117 ? -8.593  13.296  4.566   1.00 18.96 ? 137  ASP A CA  1 
ATOM   805  C  C   . ASP A 1 117 ? -7.730  13.596  3.327   1.00 18.75 ? 137  ASP A C   1 
ATOM   806  O  O   . ASP A 1 117 ? -8.182  14.269  2.398   1.00 18.99 ? 137  ASP A O   1 
ATOM   807  C  CB  . ASP A 1 117 ? -9.429  14.519  4.971   1.00 19.00 ? 137  ASP A CB  1 
ATOM   808  C  CG  . ASP A 1 117 ? -10.603 14.772  4.035   1.00 19.78 ? 137  ASP A CG  1 
ATOM   809  O  OD1 . ASP A 1 117 ? -11.257 13.802  3.579   1.00 19.87 ? 137  ASP A OD1 1 
ATOM   810  O  OD2 . ASP A 1 117 ? -10.874 15.958  3.760   1.00 20.88 ? 137  ASP A OD2 1 
ATOM   811  N  N   . THR A 1 118 ? -6.498  13.088  3.306   1.00 18.57 ? 138  THR A N   1 
ATOM   812  C  CA  . THR A 1 118 ? -5.620  13.269  2.150   1.00 18.42 ? 138  THR A CA  1 
ATOM   813  C  C   . THR A 1 118 ? -6.075  12.373  0.997   1.00 18.54 ? 138  THR A C   1 
ATOM   814  O  O   . THR A 1 118 ? -6.195  11.159  1.162   1.00 18.48 ? 138  THR A O   1 
ATOM   815  C  CB  . THR A 1 118 ? -4.131  12.997  2.497   1.00 18.51 ? 138  THR A CB  1 
ATOM   816  O  OG1 . THR A 1 118 ? -3.720  13.854  3.571   1.00 18.28 ? 138  THR A OG1 1 
ATOM   817  C  CG2 . THR A 1 118 ? -3.230  13.253  1.283   1.00 18.70 ? 138  THR A CG2 1 
ATOM   818  N  N   . THR A 1 119 ? -6.335  12.988  -0.158  1.00 18.56 ? 139  THR A N   1 
ATOM   819  C  CA  . THR A 1 119 ? -6.778  12.271  -1.360  1.00 18.46 ? 139  THR A CA  1 
ATOM   820  C  C   . THR A 1 119 ? -5.813  11.141  -1.712  1.00 18.25 ? 139  THR A C   1 
ATOM   821  O  O   . THR A 1 119 ? -4.597  11.320  -1.662  1.00 18.19 ? 139  THR A O   1 
ATOM   822  C  CB  . THR A 1 119 ? -6.889  13.231  -2.567  1.00 18.56 ? 139  THR A CB  1 
ATOM   823  O  OG1 . THR A 1 119 ? -7.717  14.349  -2.222  1.00 19.08 ? 139  THR A OG1 1 
ATOM   824  C  CG2 . THR A 1 119 ? -7.472  12.528  -3.778  1.00 18.63 ? 139  THR A CG2 1 
ATOM   825  N  N   . GLN A 1 120 ? -6.367  9.981   -2.063  1.00 18.12 ? 140  GLN A N   1 
ATOM   826  C  CA  . GLN A 1 120 ? -5.575  8.826   -2.473  1.00 17.94 ? 140  GLN A CA  1 
ATOM   827  C  C   . GLN A 1 120 ? -4.568  9.183   -3.572  1.00 18.06 ? 140  GLN A C   1 
ATOM   828  O  O   . GLN A 1 120 ? -4.825  10.055  -4.408  1.00 17.84 ? 140  GLN A O   1 
ATOM   829  C  CB  . GLN A 1 120 ? -6.496  7.692   -2.949  1.00 17.83 ? 140  GLN A CB  1 
ATOM   830  C  CG  . GLN A 1 120 ? -7.356  8.054   -4.172  1.00 17.45 ? 140  GLN A CG  1 
ATOM   831  C  CD  . GLN A 1 120 ? -8.159  6.890   -4.709  1.00 17.65 ? 140  GLN A CD  1 
ATOM   832  O  OE1 . GLN A 1 120 ? -8.087  5.778   -4.193  1.00 17.23 ? 140  GLN A OE1 1 
ATOM   833  N  NE2 . GLN A 1 120 ? -8.933  7.145   -5.757  1.00 17.19 ? 140  GLN A NE2 1 
ATOM   834  N  N   . LYS A 1 121 ? -3.422  8.511   -3.554  1.00 18.35 ? 141  LYS A N   1 
ATOM   835  C  CA  . LYS A 1 121 ? -2.455  8.607   -4.647  1.00 18.63 ? 141  LYS A CA  1 
ATOM   836  C  C   . LYS A 1 121 ? -2.445  7.318   -5.482  1.00 18.84 ? 141  LYS A C   1 
ATOM   837  O  O   . LYS A 1 121 ? -2.732  6.242   -4.965  1.00 18.77 ? 141  LYS A O   1 
ATOM   838  C  CB  . LYS A 1 121 ? -1.060  8.962   -4.123  1.00 18.80 ? 141  LYS A CB  1 
ATOM   839  C  CG  . LYS A 1 121 ? -0.955  10.402  -3.602  1.00 19.24 ? 141  LYS A CG  1 
ATOM   840  C  CD  . LYS A 1 121 ? 0.493   10.848  -3.438  1.00 21.14 ? 141  LYS A CD  1 
ATOM   841  C  CE  . LYS A 1 121 ? 0.580   12.360  -3.215  1.00 21.61 ? 141  LYS A CE  1 
ATOM   842  N  NZ  . LYS A 1 121 ? 1.991   12.841  -3.198  1.00 22.16 ? 141  LYS A NZ  1 
ATOM   843  N  N   . HIS A 1 122 ? -2.122  7.447   -6.768  1.00 19.21 ? 142  HIS A N   1 
ATOM   844  C  CA  . HIS A 1 122 ? -2.232  6.351   -7.739  1.00 19.55 ? 142  HIS A CA  1 
ATOM   845  C  C   . HIS A 1 122 ? -0.857  5.999   -8.322  1.00 19.77 ? 142  HIS A C   1 
ATOM   846  O  O   . HIS A 1 122 ? -0.374  6.669   -9.229  1.00 19.85 ? 142  HIS A O   1 
ATOM   847  C  CB  . HIS A 1 122 ? -3.198  6.765   -8.863  1.00 19.60 ? 142  HIS A CB  1 
ATOM   848  C  CG  . HIS A 1 122 ? -3.605  5.649   -9.781  1.00 19.67 ? 142  HIS A CG  1 
ATOM   849  N  ND1 . HIS A 1 122 ? -3.009  4.406   -9.771  1.00 20.76 ? 142  HIS A ND1 1 
ATOM   850  C  CD2 . HIS A 1 122 ? -4.535  5.608   -10.764 1.00 19.87 ? 142  HIS A CD2 1 
ATOM   851  C  CE1 . HIS A 1 122 ? -3.569  3.640   -10.692 1.00 20.52 ? 142  HIS A CE1 1 
ATOM   852  N  NE2 . HIS A 1 122 ? -4.498  4.347   -11.309 1.00 20.67 ? 142  HIS A NE2 1 
ATOM   853  N  N   . VAL A 1 123 ? -0.247  4.941   -7.796  1.00 20.36 ? 143  VAL A N   1 
ATOM   854  C  CA  . VAL A 1 123 ? 1.090   4.489   -8.202  1.00 20.88 ? 143  VAL A CA  1 
ATOM   855  C  C   . VAL A 1 123 ? 1.058   3.678   -9.504  1.00 21.40 ? 143  VAL A C   1 
ATOM   856  O  O   . VAL A 1 123 ? 0.195   2.818   -9.685  1.00 21.43 ? 143  VAL A O   1 
ATOM   857  C  CB  . VAL A 1 123 ? 1.754   3.627   -7.077  1.00 20.69 ? 143  VAL A CB  1 
ATOM   858  C  CG1 . VAL A 1 123 ? 3.203   3.275   -7.418  1.00 21.00 ? 143  VAL A CG1 1 
ATOM   859  C  CG2 . VAL A 1 123 ? 1.680   4.335   -5.732  1.00 20.84 ? 143  VAL A CG2 1 
ATOM   860  N  N   . LYS A 1 124 ? 2.003   3.965   -10.400 1.00 22.00 ? 144  LYS A N   1 
ATOM   861  C  CA  . LYS A 1 124 ? 2.250   3.150   -11.597 1.00 22.60 ? 144  LYS A CA  1 
ATOM   862  C  C   . LYS A 1 124 ? 3.724   3.225   -12.007 1.00 22.42 ? 144  LYS A C   1 
ATOM   863  O  O   . LYS A 1 124 ? 4.164   4.220   -12.589 1.00 22.75 ? 144  LYS A O   1 
ATOM   864  C  CB  . LYS A 1 124 ? 1.345   3.577   -12.765 1.00 22.60 ? 144  LYS A CB  1 
ATOM   865  C  CG  . LYS A 1 124 ? 1.442   2.662   -13.991 1.00 23.33 ? 144  LYS A CG  1 
ATOM   866  C  CD  . LYS A 1 124 ? 0.722   3.243   -15.201 1.00 23.58 ? 144  LYS A CD  1 
ATOM   867  C  CE  . LYS A 1 124 ? 0.866   2.328   -16.415 1.00 24.81 ? 144  LYS A CE  1 
ATOM   868  N  NZ  . LYS A 1 124 ? 0.051   2.800   -17.576 1.00 25.71 ? 144  LYS A NZ  1 
ATOM   869  N  N   . VAL A 1 125 ? 4.479   2.173   -11.699 1.00 22.53 ? 145  VAL A N   1 
ATOM   870  C  CA  . VAL A 1 125 ? 5.915   2.111   -12.019 1.00 22.49 ? 145  VAL A CA  1 
ATOM   871  C  C   . VAL A 1 125 ? 6.267   0.906   -12.906 1.00 22.84 ? 145  VAL A C   1 
ATOM   872  O  O   . VAL A 1 125 ? 5.770   -0.195  -12.670 1.00 22.58 ? 145  VAL A O   1 
ATOM   873  C  CB  . VAL A 1 125 ? 6.802   2.113   -10.738 1.00 22.53 ? 145  VAL A CB  1 
ATOM   874  C  CG1 . VAL A 1 125 ? 6.802   3.494   -10.085 1.00 22.01 ? 145  VAL A CG1 1 
ATOM   875  C  CG2 . VAL A 1 125 ? 6.351   1.040   -9.739  1.00 22.04 ? 145  VAL A CG2 1 
ATOM   876  N  N   . PRO A 1 126 ? 7.116   1.117   -13.936 1.00 23.16 ? 146  PRO A N   1 
ATOM   877  C  CA  . PRO A 1 126 ? 7.541   0.005   -14.801 1.00 23.47 ? 146  PRO A CA  1 
ATOM   878  C  C   . PRO A 1 126 ? 8.435   -1.002  -14.072 1.00 23.77 ? 146  PRO A C   1 
ATOM   879  O  O   . PRO A 1 126 ? 9.307   -0.604  -13.299 1.00 23.82 ? 146  PRO A O   1 
ATOM   880  C  CB  . PRO A 1 126 ? 8.318   0.703   -15.923 1.00 23.32 ? 146  PRO A CB  1 
ATOM   881  C  CG  . PRO A 1 126 ? 8.779   1.994   -15.327 1.00 23.32 ? 146  PRO A CG  1 
ATOM   882  C  CD  . PRO A 1 126 ? 7.710   2.402   -14.357 1.00 23.12 ? 146  PRO A CD  1 
ATOM   883  N  N   . ILE A 1 127 ? 8.214   -2.292  -14.318 1.00 24.25 ? 147  ILE A N   1 
ATOM   884  C  CA  . ILE A 1 127 ? 8.954   -3.348  -13.620 1.00 24.76 ? 147  ILE A CA  1 
ATOM   885  C  C   . ILE A 1 127 ? 9.859   -4.198  -14.524 1.00 25.12 ? 147  ILE A C   1 
ATOM   886  O  O   . ILE A 1 127 ? 10.443  -5.187  -14.070 1.00 25.13 ? 147  ILE A O   1 
ATOM   887  C  CB  . ILE A 1 127 ? 8.018   -4.278  -12.790 1.00 24.79 ? 147  ILE A CB  1 
ATOM   888  C  CG1 . ILE A 1 127 ? 7.069   -5.069  -13.704 1.00 25.06 ? 147  ILE A CG1 1 
ATOM   889  C  CG2 . ILE A 1 127 ? 7.252   -3.478  -11.731 1.00 25.01 ? 147  ILE A CG2 1 
ATOM   890  C  CD1 . ILE A 1 127 ? 6.649   -6.413  -13.142 1.00 25.73 ? 147  ILE A CD1 1 
ATOM   891  N  N   . ALA A 1 128 ? 9.976   -3.813  -15.796 1.00 25.49 ? 148  ALA A N   1 
ATOM   892  C  CA  . ALA A 1 128 ? 10.868  -4.504  -16.731 1.00 25.73 ? 148  ALA A CA  1 
ATOM   893  C  C   . ALA A 1 128 ? 12.315  -4.438  -16.243 1.00 25.95 ? 148  ALA A C   1 
ATOM   894  O  O   . ALA A 1 128 ? 12.813  -3.365  -15.882 1.00 25.87 ? 148  ALA A O   1 
ATOM   895  C  CB  . ALA A 1 128 ? 10.746  -3.921  -18.131 1.00 25.76 ? 148  ALA A CB  1 
ATOM   896  N  N   . GLY A 1 129 ? 12.971  -5.596  -16.217 1.00 26.09 ? 149  GLY A N   1 
ATOM   897  C  CA  . GLY A 1 129 ? 14.346  -5.712  -15.727 1.00 26.32 ? 149  GLY A CA  1 
ATOM   898  C  C   . GLY A 1 129 ? 14.507  -5.557  -14.221 1.00 26.40 ? 149  GLY A C   1 
ATOM   899  O  O   . GLY A 1 129 ? 15.605  -5.265  -13.742 1.00 26.53 ? 149  GLY A O   1 
ATOM   900  N  N   . LYS A 1 130 ? 13.418  -5.754  -13.478 1.00 26.48 ? 150  LYS A N   1 
ATOM   901  C  CA  . LYS A 1 130 ? 13.428  -5.626  -12.013 1.00 26.34 ? 150  LYS A CA  1 
ATOM   902  C  C   . LYS A 1 130 ? 13.153  -6.966  -11.331 1.00 26.15 ? 150  LYS A C   1 
ATOM   903  O  O   . LYS A 1 130 ? 12.394  -7.791  -11.848 1.00 26.26 ? 150  LYS A O   1 
ATOM   904  C  CB  . LYS A 1 130 ? 12.418  -4.568  -11.538 1.00 26.45 ? 150  LYS A CB  1 
ATOM   905  C  CG  . LYS A 1 130 ? 12.505  -3.213  -12.249 1.00 26.30 ? 150  LYS A CG  1 
ATOM   906  C  CD  . LYS A 1 130 ? 13.782  -2.454  -11.906 1.00 26.67 ? 150  LYS A CD  1 
ATOM   907  C  CE  . LYS A 1 130 ? 13.934  -1.212  -12.768 1.00 26.50 ? 150  LYS A CE  1 
ATOM   908  N  NZ  . LYS A 1 130 ? 15.293  -0.611  -12.658 1.00 26.32 ? 150  LYS A NZ  1 
ATOM   909  N  N   . ASN A 1 131 ? 13.765  -7.167  -10.166 1.00 25.77 ? 151  ASN A N   1 
ATOM   910  C  CA  . ASN A 1 131 ? 13.684  -8.442  -9.450  1.00 25.55 ? 151  ASN A CA  1 
ATOM   911  C  C   . ASN A 1 131 ? 13.012  -8.377  -8.077  1.00 25.19 ? 151  ASN A C   1 
ATOM   912  O  O   . ASN A 1 131 ? 12.489  -9.381  -7.594  1.00 25.18 ? 151  ASN A O   1 
ATOM   913  C  CB  . ASN A 1 131 ? 15.078  -9.064  -9.318  1.00 25.57 ? 151  ASN A CB  1 
ATOM   914  C  CG  . ASN A 1 131 ? 15.700  -9.396  -10.662 1.00 25.64 ? 151  ASN A CG  1 
ATOM   915  O  OD1 . ASN A 1 131 ? 15.149  -10.182 -11.437 1.00 26.84 ? 151  ASN A OD1 1 
ATOM   916  N  ND2 . ASN A 1 131 ? 16.852  -8.803  -10.945 1.00 25.21 ? 151  ASN A ND2 1 
ATOM   917  N  N   . THR A 1 132 ? 13.034  -7.201  -7.451  1.00 24.83 ? 152  THR A N   1 
ATOM   918  C  CA  . THR A 1 132 ? 12.525  -7.045  -6.092  1.00 24.51 ? 152  THR A CA  1 
ATOM   919  C  C   . THR A 1 132 ? 11.633  -5.811  -5.924  1.00 24.25 ? 152  THR A C   1 
ATOM   920  O  O   . THR A 1 132 ? 12.023  -4.697  -6.281  1.00 24.04 ? 152  THR A O   1 
ATOM   921  C  CB  . THR A 1 132 ? 13.683  -6.980  -5.059  1.00 24.47 ? 152  THR A CB  1 
ATOM   922  O  OG1 . THR A 1 132 ? 14.589  -8.067  -5.271  1.00 24.38 ? 152  THR A OG1 1 
ATOM   923  C  CG2 . THR A 1 132 ? 13.146  -7.060  -3.644  1.00 24.70 ? 152  THR A CG2 1 
ATOM   924  N  N   . LEU A 1 133 ? 10.445  -6.029  -5.367  1.00 23.96 ? 153  LEU A N   1 
ATOM   925  C  CA  . LEU A 1 133 ? 9.512   -4.954  -5.033  1.00 23.74 ? 153  LEU A CA  1 
ATOM   926  C  C   . LEU A 1 133 ? 9.392   -4.799  -3.514  1.00 23.43 ? 153  LEU A C   1 
ATOM   927  O  O   . LEU A 1 133 ? 9.080   -5.762  -2.814  1.00 23.50 ? 153  LEU A O   1 
ATOM   928  C  CB  . LEU A 1 133 ? 8.142   -5.240  -5.660  1.00 23.78 ? 153  LEU A CB  1 
ATOM   929  C  CG  . LEU A 1 133 ? 6.908   -4.438  -5.232  1.00 23.89 ? 153  LEU A CG  1 
ATOM   930  C  CD1 . LEU A 1 133 ? 6.984   -2.989  -5.709  1.00 24.50 ? 153  LEU A CD1 1 
ATOM   931  C  CD2 . LEU A 1 133 ? 5.650   -5.116  -5.757  1.00 23.79 ? 153  LEU A CD2 1 
ATOM   932  N  N   . LYS A 1 134 ? 9.635   -3.588  -3.012  1.00 23.03 ? 154  LYS A N   1 
ATOM   933  C  CA  . LYS A 1 134 ? 9.529   -3.310  -1.578  1.00 22.68 ? 154  LYS A CA  1 
ATOM   934  C  C   . LYS A 1 134 ? 8.547   -2.181  -1.258  1.00 22.38 ? 154  LYS A C   1 
ATOM   935  O  O   . LYS A 1 134 ? 8.655   -1.076  -1.804  1.00 22.23 ? 154  LYS A O   1 
ATOM   936  C  CB  . LYS A 1 134 ? 10.902  -2.994  -0.979  1.00 22.79 ? 154  LYS A CB  1 
ATOM   937  C  CG  . LYS A 1 134 ? 10.883  -2.795  0.529   1.00 23.15 ? 154  LYS A CG  1 
ATOM   938  C  CD  . LYS A 1 134 ? 12.243  -2.390  1.045   1.00 24.97 ? 154  LYS A CD  1 
ATOM   939  C  CE  . LYS A 1 134 ? 12.296  -2.488  2.553   1.00 25.99 ? 154  LYS A CE  1 
ATOM   940  N  NZ  . LYS A 1 134 ? 13.668  -2.229  3.072   1.00 28.13 ? 154  LYS A NZ  1 
ATOM   941  N  N   . LEU A 1 135 ? 7.607   -2.474  -0.359  1.00 22.01 ? 155  LEU A N   1 
ATOM   942  C  CA  . LEU A 1 135 ? 6.596   -1.516  0.085   1.00 21.54 ? 155  LEU A CA  1 
ATOM   943  C  C   . LEU A 1 135 ? 6.844   -1.089  1.527   1.00 21.32 ? 155  LEU A C   1 
ATOM   944  O  O   . LEU A 1 135 ? 6.996   -1.926  2.424   1.00 21.27 ? 155  LEU A O   1 
ATOM   945  C  CB  . LEU A 1 135 ? 5.186   -2.107  -0.041  1.00 21.64 ? 155  LEU A CB  1 
ATOM   946  C  CG  . LEU A 1 135 ? 4.762   -2.829  -1.326  1.00 21.45 ? 155  LEU A CG  1 
ATOM   947  C  CD1 . LEU A 1 135 ? 3.356   -3.394  -1.167  1.00 21.23 ? 155  LEU A CD1 1 
ATOM   948  C  CD2 . LEU A 1 135 ? 4.847   -1.916  -2.549  1.00 21.24 ? 155  LEU A CD2 1 
ATOM   949  N  N   . VAL A 1 136 ? 6.877   0.220   1.739   1.00 20.99 ? 156  VAL A N   1 
ATOM   950  C  CA  . VAL A 1 136 ? 7.140   0.793   3.054   1.00 20.66 ? 156  VAL A CA  1 
ATOM   951  C  C   . VAL A 1 136 ? 6.013   1.752   3.427   1.00 20.58 ? 156  VAL A C   1 
ATOM   952  O  O   . VAL A 1 136 ? 5.627   2.609   2.626   1.00 20.49 ? 156  VAL A O   1 
ATOM   953  C  CB  . VAL A 1 136 ? 8.512   1.538   3.102   1.00 20.73 ? 156  VAL A CB  1 
ATOM   954  C  CG1 . VAL A 1 136 ? 8.800   2.083   4.504   1.00 20.07 ? 156  VAL A CG1 1 
ATOM   955  C  CG2 . VAL A 1 136 ? 9.650   0.626   2.648   1.00 20.51 ? 156  VAL A CG2 1 
ATOM   956  N  N   . VAL A 1 137 ? 5.475   1.582   4.632   1.00 20.54 ? 157  VAL A N   1 
ATOM   957  C  CA  . VAL A 1 137 ? 4.533   2.538   5.214   1.00 20.66 ? 157  VAL A CA  1 
ATOM   958  C  C   . VAL A 1 137 ? 5.149   3.091   6.500   1.00 20.82 ? 157  VAL A C   1 
ATOM   959  O  O   . VAL A 1 137 ? 5.384   2.352   7.464   1.00 20.51 ? 157  VAL A O   1 
ATOM   960  C  CB  . VAL A 1 137 ? 3.145   1.908   5.511   1.00 20.55 ? 157  VAL A CB  1 
ATOM   961  C  CG1 . VAL A 1 137 ? 2.129   2.990   5.887   1.00 20.93 ? 157  VAL A CG1 1 
ATOM   962  C  CG2 . VAL A 1 137 ? 2.641   1.108   4.318   1.00 20.27 ? 157  VAL A CG2 1 
ATOM   963  N  N   . LYS A 1 138 ? 5.426   4.391   6.491   1.00 21.20 ? 158  LYS A N   1 
ATOM   964  C  CA  . LYS A 1 138 ? 6.043   5.064   7.634   1.00 21.69 ? 158  LYS A CA  1 
ATOM   965  C  C   . LYS A 1 138 ? 5.021   5.819   8.491   1.00 21.91 ? 158  LYS A C   1 
ATOM   966  O  O   . LYS A 1 138 ? 3.865   5.969   8.096   1.00 21.77 ? 158  LYS A O   1 
ATOM   967  C  CB  . LYS A 1 138 ? 7.180   5.972   7.163   1.00 21.89 ? 158  LYS A CB  1 
ATOM   968  C  CG  . LYS A 1 138 ? 8.412   5.184   6.747   1.00 22.50 ? 158  LYS A CG  1 
ATOM   969  C  CD  . LYS A 1 138 ? 9.249   5.907   5.708   1.00 24.17 ? 158  LYS A CD  1 
ATOM   970  C  CE  . LYS A 1 138 ? 10.314  6.777   6.345   1.00 24.55 ? 158  LYS A CE  1 
ATOM   971  N  NZ  . LYS A 1 138 ? 11.513  6.849   5.465   1.00 25.31 ? 158  LYS A NZ  1 
ATOM   972  N  N   . ASP A 1 139 ? 5.461   6.287   9.659   1.00 22.09 ? 159  ASP A N   1 
ATOM   973  C  CA  . ASP A 1 139 ? 4.556   6.750   10.715  1.00 22.55 ? 159  ASP A CA  1 
ATOM   974  C  C   . ASP A 1 139 ? 4.274   8.260   10.739  1.00 22.74 ? 159  ASP A C   1 
ATOM   975  O  O   . ASP A 1 139 ? 3.727   8.776   11.719  1.00 22.78 ? 159  ASP A O   1 
ATOM   976  C  CB  . ASP A 1 139 ? 5.065   6.281   12.088  1.00 22.39 ? 159  ASP A CB  1 
ATOM   977  C  CG  . ASP A 1 139 ? 6.266   7.081   12.578  1.00 22.80 ? 159  ASP A CG  1 
ATOM   978  O  OD1 . ASP A 1 139 ? 6.925   7.754   11.758  1.00 22.57 ? 159  ASP A OD1 1 
ATOM   979  O  OD2 . ASP A 1 139 ? 6.551   7.029   13.791  1.00 23.38 ? 159  ASP A OD2 1 
ATOM   980  N  N   . GLY A 1 140 ? 4.644   8.964   9.674   1.00 23.19 ? 160  GLY A N   1 
ATOM   981  C  CA  . GLY A 1 140 ? 4.368   10.399  9.571   1.00 23.44 ? 160  GLY A CA  1 
ATOM   982  C  C   . GLY A 1 140 ? 5.221   11.292  10.456  1.00 23.66 ? 160  GLY A C   1 
ATOM   983  O  O   . GLY A 1 140 ? 5.082   12.516  10.417  1.00 23.73 ? 160  GLY A O   1 
ATOM   984  N  N   . GLY A 1 141 ? 6.091   10.684  11.262  1.00 23.68 ? 161  GLY A N   1 
ATOM   985  C  CA  . GLY A 1 141 ? 7.027   11.430  12.108  1.00 23.69 ? 161  GLY A CA  1 
ATOM   986  C  C   . GLY A 1 141 ? 6.551   11.817  13.499  1.00 23.39 ? 161  GLY A C   1 
ATOM   987  O  O   . GLY A 1 141 ? 7.225   12.582  14.190  1.00 23.56 ? 161  GLY A O   1 
ATOM   988  N  N   . ASP A 1 142 ? 5.393   11.299  13.908  1.00 23.07 ? 162  ASP A N   1 
ATOM   989  C  CA  . ASP A 1 142 ? 4.865   11.532  15.261  1.00 22.54 ? 162  ASP A CA  1 
ATOM   990  C  C   . ASP A 1 142 ? 4.802   10.241  16.088  1.00 22.06 ? 162  ASP A C   1 
ATOM   991  O  O   . ASP A 1 142 ? 5.643   10.022  16.961  1.00 22.30 ? 162  ASP A O   1 
ATOM   992  C  CB  . ASP A 1 142 ? 3.499   12.248  15.231  1.00 22.36 ? 162  ASP A CB  1 
ATOM   993  C  CG  . ASP A 1 142 ? 2.638   11.851  14.038  1.00 23.07 ? 162  ASP A CG  1 
ATOM   994  O  OD1 . ASP A 1 142 ? 2.524   10.640  13.725  1.00 20.50 ? 162  ASP A OD1 1 
ATOM   995  O  OD2 . ASP A 1 142 ? 2.053   12.764  13.417  1.00 23.65 ? 162  ASP A OD2 1 
ATOM   996  N  N   . SER A 1 143 ? 3.804   9.405   15.807  1.00 21.27 ? 163  SER A N   1 
ATOM   997  C  CA  . SER A 1 143 ? 3.660   8.080   16.413  1.00 20.34 ? 163  SER A CA  1 
ATOM   998  C  C   . SER A 1 143 ? 2.860   7.208   15.454  1.00 19.78 ? 163  SER A C   1 
ATOM   999  O  O   . SER A 1 143 ? 2.312   7.714   14.466  1.00 19.09 ? 163  SER A O   1 
ATOM   1000 C  CB  . SER A 1 143 ? 2.951   8.160   17.772  1.00 20.28 ? 163  SER A CB  1 
ATOM   1001 O  OG  . SER A 1 143 ? 1.554   8.359   17.623  1.00 20.40 ? 163  SER A OG  1 
ATOM   1002 N  N   . ILE A 1 144 ? 2.777   5.911   15.750  1.00 19.14 ? 164  ILE A N   1 
ATOM   1003 C  CA  . ILE A 1 144 ? 2.010   4.978   14.914  1.00 18.73 ? 164  ILE A CA  1 
ATOM   1004 C  C   . ILE A 1 144 ? 0.501   4.990   15.210  1.00 18.64 ? 164  ILE A C   1 
ATOM   1005 O  O   . ILE A 1 144 ? -0.261  4.235   14.604  1.00 18.45 ? 164  ILE A O   1 
ATOM   1006 C  CB  . ILE A 1 144 ? 2.558   3.524   14.987  1.00 18.67 ? 164  ILE A CB  1 
ATOM   1007 C  CG1 . ILE A 1 144 ? 2.308   2.897   16.365  1.00 18.54 ? 164  ILE A CG1 1 
ATOM   1008 C  CG2 . ILE A 1 144 ? 4.046   3.479   14.574  1.00 18.29 ? 164  ILE A CG2 1 
ATOM   1009 C  CD1 . ILE A 1 144 ? 2.142   1.385   16.325  1.00 19.18 ? 164  ILE A CD1 1 
ATOM   1010 N  N   . GLY A 1 145 ? 0.076   5.848   16.134  1.00 18.59 ? 165  GLY A N   1 
ATOM   1011 C  CA  . GLY A 1 145 ? -1.333  5.936   16.511  1.00 18.58 ? 165  GLY A CA  1 
ATOM   1012 C  C   . GLY A 1 145 ? -2.229  6.228   15.318  1.00 18.52 ? 165  GLY A C   1 
ATOM   1013 O  O   . GLY A 1 145 ? -2.029  7.226   14.622  1.00 18.85 ? 165  GLY A O   1 
ATOM   1014 N  N   . SER A 1 146 ? -3.194  5.337   15.074  1.00 18.29 ? 166  SER A N   1 
ATOM   1015 C  CA  . SER A 1 146 ? -4.173  5.471   13.978  1.00 18.05 ? 166  SER A CA  1 
ATOM   1016 C  C   . SER A 1 146 ? -3.608  5.229   12.567  1.00 17.62 ? 166  SER A C   1 
ATOM   1017 O  O   . SER A 1 146 ? -4.320  5.392   11.575  1.00 17.78 ? 166  SER A O   1 
ATOM   1018 C  CB  . SER A 1 146 ? -4.887  6.833   14.035  1.00 17.89 ? 166  SER A CB  1 
ATOM   1019 O  OG  . SER A 1 146 ? -5.606  6.996   15.242  1.00 18.17 ? 166  SER A OG  1 
ATOM   1020 N  N   . ASP A 1 147 ? -2.347  4.814   12.483  1.00 17.20 ? 167  ASP A N   1 
ATOM   1021 C  CA  . ASP A 1 147 ? -1.633  4.768   11.208  1.00 16.62 ? 167  ASP A CA  1 
ATOM   1022 C  C   . ASP A 1 147 ? -1.974  3.562   10.321  1.00 16.65 ? 167  ASP A C   1 
ATOM   1023 O  O   . ASP A 1 147 ? -1.091  2.791   9.954   1.00 16.17 ? 167  ASP A O   1 
ATOM   1024 C  CB  . ASP A 1 147 ? -0.125  4.822   11.448  1.00 16.46 ? 167  ASP A CB  1 
ATOM   1025 C  CG  . ASP A 1 147 ? 0.359   6.212   11.845  1.00 16.23 ? 167  ASP A CG  1 
ATOM   1026 O  OD1 . ASP A 1 147 ? -0.468  7.132   12.026  1.00 16.56 ? 167  ASP A OD1 1 
ATOM   1027 O  OD2 . ASP A 1 147 ? 1.584   6.387   11.966  1.00 15.11 ? 167  ASP A OD2 1 
ATOM   1028 N  N   . HIS A 1 148 ? -3.249  3.426   9.968   1.00 16.85 ? 168  HIS A N   1 
ATOM   1029 C  CA  . HIS A 1 148 ? -3.700  2.355   9.076   1.00 17.11 ? 168  HIS A CA  1 
ATOM   1030 C  C   . HIS A 1 148 ? -3.446  2.770   7.625   1.00 17.33 ? 168  HIS A C   1 
ATOM   1031 O  O   . HIS A 1 148 ? -4.084  3.697   7.110   1.00 17.44 ? 168  HIS A O   1 
ATOM   1032 C  CB  . HIS A 1 148 ? -5.191  2.053   9.290   1.00 17.14 ? 168  HIS A CB  1 
ATOM   1033 C  CG  . HIS A 1 148 ? -5.550  1.650   10.692  1.00 17.11 ? 168  HIS A CG  1 
ATOM   1034 N  ND1 . HIS A 1 148 ? -6.625  0.837   10.974  1.00 15.99 ? 168  HIS A ND1 1 
ATOM   1035 C  CD2 . HIS A 1 148 ? -4.993  1.961   11.888  1.00 16.51 ? 168  HIS A CD2 1 
ATOM   1036 C  CE1 . HIS A 1 148 ? -6.710  0.655   12.280  1.00 16.36 ? 168  HIS A CE1 1 
ATOM   1037 N  NE2 . HIS A 1 148 ? -5.731  1.327   12.857  1.00 16.63 ? 168  HIS A NE2 1 
ATOM   1038 N  N   . GLY A 1 149 ? -2.494  2.102   6.979   1.00 17.59 ? 169  GLY A N   1 
ATOM   1039 C  CA  . GLY A 1 149 ? -2.207  2.347   5.572   1.00 17.55 ? 169  GLY A CA  1 
ATOM   1040 C  C   . GLY A 1 149 ? -2.691  1.192   4.717   1.00 17.76 ? 169  GLY A C   1 
ATOM   1041 O  O   . GLY A 1 149 ? -2.416  0.037   5.025   1.00 17.78 ? 169  GLY A O   1 
ATOM   1042 N  N   . SER A 1 150 ? -3.424  1.502   3.653   1.00 17.75 ? 170  SER A N   1 
ATOM   1043 C  CA  . SER A 1 150 ? -3.904  0.468   2.736   1.00 17.92 ? 170  SER A CA  1 
ATOM   1044 C  C   . SER A 1 150 ? -3.386  0.667   1.319   1.00 18.26 ? 170  SER A C   1 
ATOM   1045 O  O   . SER A 1 150 ? -3.270  1.799   0.834   1.00 18.06 ? 170  SER A O   1 
ATOM   1046 C  CB  . SER A 1 150 ? -5.431  0.391   2.737   1.00 17.76 ? 170  SER A CB  1 
ATOM   1047 O  OG  . SER A 1 150 ? -5.913  -0.159  3.949   1.00 17.76 ? 170  SER A OG  1 
ATOM   1048 N  N   . PHE A 1 151 ? -3.062  -0.453  0.680   1.00 18.63 ? 171  PHE A N   1 
ATOM   1049 C  CA  . PHE A 1 151 ? -2.671  -0.495  -0.720  1.00 19.23 ? 171  PHE A CA  1 
ATOM   1050 C  C   . PHE A 1 151 ? -3.870  -0.985  -1.528  1.00 19.81 ? 171  PHE A C   1 
ATOM   1051 O  O   . PHE A 1 151 ? -4.140  -2.191  -1.585  1.00 19.74 ? 171  PHE A O   1 
ATOM   1052 C  CB  . PHE A 1 151 ? -1.478  -1.437  -0.925  1.00 19.18 ? 171  PHE A CB  1 
ATOM   1053 C  CG  . PHE A 1 151 ? -0.200  -0.960  -0.291  1.00 19.08 ? 171  PHE A CG  1 
ATOM   1054 C  CD1 . PHE A 1 151 ? 0.692   -0.161  -1.006  1.00 19.07 ? 171  PHE A CD1 1 
ATOM   1055 C  CD2 . PHE A 1 151 ? 0.129   -1.333  1.009   1.00 18.83 ? 171  PHE A CD2 1 
ATOM   1056 C  CE1 . PHE A 1 151 ? 1.889   0.280   -0.429  1.00 19.21 ? 171  PHE A CE1 1 
ATOM   1057 C  CE2 . PHE A 1 151 ? 1.320   -0.895  1.597   1.00 19.29 ? 171  PHE A CE2 1 
ATOM   1058 C  CZ  . PHE A 1 151 ? 2.202   -0.086  0.876   1.00 18.62 ? 171  PHE A CZ  1 
ATOM   1059 N  N   . GLY A 1 152 ? -4.585  -0.043  -2.137  1.00 20.17 ? 172  GLY A N   1 
ATOM   1060 C  CA  . GLY A 1 152 ? -5.814  -0.332  -2.867  1.00 21.04 ? 172  GLY A CA  1 
ATOM   1061 C  C   . GLY A 1 152 ? -5.578  -0.837  -4.276  1.00 21.60 ? 172  GLY A C   1 
ATOM   1062 O  O   . GLY A 1 152 ? -4.937  -0.161  -5.090  1.00 21.69 ? 172  GLY A O   1 
ATOM   1063 N  N   . ASP A 1 153 ? -6.103  -2.030  -4.559  1.00 22.08 ? 173  ASP A N   1 
ATOM   1064 C  CA  . ASP A 1 153 ? -6.020  -2.650  -5.888  1.00 22.55 ? 173  ASP A CA  1 
ATOM   1065 C  C   . ASP A 1 153 ? -4.578  -2.961  -6.309  1.00 22.89 ? 173  ASP A C   1 
ATOM   1066 O  O   . ASP A 1 153 ? -4.260  -2.999  -7.505  1.00 23.04 ? 173  ASP A O   1 
ATOM   1067 C  CB  . ASP A 1 153 ? -6.734  -1.781  -6.942  1.00 22.63 ? 173  ASP A CB  1 
ATOM   1068 C  CG  . ASP A 1 153 ? -7.187  -2.578  -8.155  1.00 22.85 ? 173  ASP A CG  1 
ATOM   1069 O  OD1 . ASP A 1 153 ? -7.743  -3.676  -7.969  1.00 23.66 ? 173  ASP A OD1 1 
ATOM   1070 O  OD2 . ASP A 1 153 ? -7.001  -2.101  -9.294  1.00 23.99 ? 173  ASP A OD2 1 
ATOM   1071 N  N   . ALA A 1 154 ? -3.718  -3.195  -5.317  1.00 23.35 ? 174  ALA A N   1 
ATOM   1072 C  CA  . ALA A 1 154 ? -2.308  -3.507  -5.550  1.00 23.79 ? 174  ALA A CA  1 
ATOM   1073 C  C   . ALA A 1 154 ? -2.160  -4.736  -6.447  1.00 24.10 ? 174  ALA A C   1 
ATOM   1074 O  O   . ALA A 1 154 ? -2.581  -5.837  -6.079  1.00 24.24 ? 174  ALA A O   1 
ATOM   1075 C  CB  . ALA A 1 154 ? -1.580  -3.710  -4.224  1.00 23.78 ? 174  ALA A CB  1 
ATOM   1076 N  N   . LYS A 1 155 ? -1.573  -4.529  -7.626  1.00 24.46 ? 175  LYS A N   1 
ATOM   1077 C  CA  . LYS A 1 155 ? -1.453  -5.583  -8.640  1.00 24.87 ? 175  LYS A CA  1 
ATOM   1078 C  C   . LYS A 1 155 ? -0.271  -5.352  -9.588  1.00 25.25 ? 175  LYS A C   1 
ATOM   1079 O  O   . LYS A 1 155 ? 0.287   -4.248  -9.650  1.00 25.03 ? 175  LYS A O   1 
ATOM   1080 C  CB  . LYS A 1 155 ? -2.762  -5.699  -9.446  1.00 24.77 ? 175  LYS A CB  1 
ATOM   1081 C  CG  . LYS A 1 155 ? -3.007  -4.553  -10.432 1.00 24.46 ? 175  LYS A CG  1 
ATOM   1082 C  CD  . LYS A 1 155 ? -4.473  -4.429  -10.815 1.00 24.95 ? 175  LYS A CD  1 
ATOM   1083 C  CE  . LYS A 1 155 ? -4.693  -3.233  -11.735 1.00 24.97 ? 175  LYS A CE  1 
ATOM   1084 N  NZ  . LYS A 1 155 ? -6.140  -2.928  -11.924 1.00 24.80 ? 175  LYS A NZ  1 
ATOM   1085 N  N   . LEU A 1 156 ? 0.108   -6.404  -10.314 1.00 25.77 ? 176  LEU A N   1 
ATOM   1086 C  CA  . LEU A 1 156 ? 1.038   -6.299  -11.435 1.00 26.47 ? 176  LEU A CA  1 
ATOM   1087 C  C   . LEU A 1 156 ? 0.239   -6.381  -12.730 1.00 26.96 ? 176  LEU A C   1 
ATOM   1088 O  O   . LEU A 1 156 ? -0.611  -7.258  -12.881 1.00 26.97 ? 176  LEU A O   1 
ATOM   1089 C  CB  . LEU A 1 156 ? 2.092   -7.414  -11.401 1.00 26.45 ? 176  LEU A CB  1 
ATOM   1090 C  CG  . LEU A 1 156 ? 3.079   -7.525  -10.234 1.00 26.78 ? 176  LEU A CG  1 
ATOM   1091 C  CD1 . LEU A 1 156 ? 4.085   -8.631  -10.516 1.00 26.89 ? 176  LEU A CD1 1 
ATOM   1092 C  CD2 . LEU A 1 156 ? 3.797   -6.210  -9.950  1.00 26.30 ? 176  LEU A CD2 1 
ATOM   1093 N  N   . THR A 1 157 ? 0.524   -5.478  -13.663 1.00 27.56 ? 177  THR A N   1 
ATOM   1094 C  CA  . THR A 1 157 ? -0.276  -5.353  -14.879 1.00 28.24 ? 177  THR A CA  1 
ATOM   1095 C  C   . THR A 1 157 ? 0.576   -5.280  -16.152 1.00 28.30 ? 177  THR A C   1 
ATOM   1096 O  O   . THR A 1 157 ? 1.799   -5.155  -16.103 1.00 28.48 ? 177  THR A O   1 
ATOM   1097 C  CB  . THR A 1 157 ? -1.220  -4.124  -14.789 1.00 28.31 ? 177  THR A CB  1 
ATOM   1098 O  OG1 . THR A 1 157 ? -2.283  -4.254  -15.739 1.00 29.30 ? 177  THR A OG1 1 
ATOM   1099 C  CG2 . THR A 1 157 ? -0.461  -2.836  -15.046 1.00 28.58 ? 177  THR A CG2 1 
ATOM   1100 O  OXT . THR A 1 157 ? 0.064   -5.341  -17.272 1.00 28.44 ? 177  THR A OXT 1 
HETATM 1101 CA CA  . CA  B 2 .   ? 1.511   8.782   12.619  1.00 19.71 ? 1178 CA  A CA  1 
HETATM 1102 C  C1  . MBG C 3 .   ? -4.929  3.414   18.391  1.00 18.93 ? 1179 MBG A C1  1 
HETATM 1103 C  C2  . MBG C 3 .   ? -5.838  3.068   17.213  1.00 18.35 ? 1179 MBG A C2  1 
HETATM 1104 C  C3  . MBG C 3 .   ? -5.472  1.695   16.652  1.00 19.13 ? 1179 MBG A C3  1 
HETATM 1105 C  C4  . MBG C 3 .   ? -3.984  1.635   16.300  1.00 18.56 ? 1179 MBG A C4  1 
HETATM 1106 C  C5  . MBG C 3 .   ? -3.132  2.069   17.499  1.00 19.46 ? 1179 MBG A C5  1 
HETATM 1107 C  C6  . MBG C 3 .   ? -1.641  2.106   17.158  1.00 19.04 ? 1179 MBG A C6  1 
HETATM 1108 C  C7  . MBG C 3 .   ? -4.903  4.895   20.236  1.00 18.71 ? 1179 MBG A C7  1 
HETATM 1109 O  O1  . MBG C 3 .   ? -5.244  4.725   18.860  1.00 18.14 ? 1179 MBG A O1  1 
HETATM 1110 O  O2  . MBG C 3 .   ? -7.216  3.082   17.601  1.00 19.23 ? 1179 MBG A O2  1 
HETATM 1111 O  O3  . MBG C 3 .   ? -6.284  1.415   15.507  1.00 19.18 ? 1179 MBG A O3  1 
HETATM 1112 O  O4  . MBG C 3 .   ? -3.729  2.491   15.181  1.00 17.70 ? 1179 MBG A O4  1 
HETATM 1113 O  O5  . MBG C 3 .   ? -3.551  3.357   17.984  1.00 18.49 ? 1179 MBG A O5  1 
HETATM 1114 O  O6  . MBG C 3 .   ? -0.880  2.185   18.368  1.00 20.56 ? 1179 MBG A O6  1 
HETATM 1115 O  O   . HOH D 4 .   ? -1.309  -11.629 -18.614 1.00 43.96 ? 2001 HOH A O   1 
HETATM 1116 O  O   . HOH D 4 .   ? -8.681  -4.527  -10.297 1.00 38.69 ? 2002 HOH A O   1 
HETATM 1117 O  O   . HOH D 4 .   ? 0.675   -10.862 -0.423  1.00 25.27 ? 2003 HOH A O   1 
HETATM 1118 O  O   . HOH D 4 .   ? -1.439  -14.772 -0.828  1.00 40.20 ? 2004 HOH A O   1 
HETATM 1119 O  O   . HOH D 4 .   ? -5.975  -13.475 -0.438  1.00 40.21 ? 2005 HOH A O   1 
HETATM 1120 O  O   . HOH D 4 .   ? -2.966  -17.163 -4.221  1.00 41.46 ? 2006 HOH A O   1 
HETATM 1121 O  O   . HOH D 4 .   ? 7.672   -12.695 -3.120  1.00 24.03 ? 2007 HOH A O   1 
HETATM 1122 O  O   . HOH D 4 .   ? 1.990   -13.303 1.684   1.00 30.53 ? 2008 HOH A O   1 
HETATM 1123 O  O   . HOH D 4 .   ? 5.774   -16.014 2.376   1.00 37.21 ? 2009 HOH A O   1 
HETATM 1124 O  O   . HOH D 4 .   ? 9.658   -13.813 5.996   1.00 37.27 ? 2010 HOH A O   1 
HETATM 1125 O  O   . HOH D 4 .   ? 10.129  -6.855  4.636   1.00 25.81 ? 2011 HOH A O   1 
HETATM 1126 O  O   . HOH D 4 .   ? 8.824   -11.554 7.775   1.00 24.86 ? 2012 HOH A O   1 
HETATM 1127 O  O   . HOH D 4 .   ? 7.086   -9.431  11.330  1.00 29.33 ? 2013 HOH A O   1 
HETATM 1128 O  O   . HOH D 4 .   ? 10.020  -6.431  7.493   1.00 23.68 ? 2014 HOH A O   1 
HETATM 1129 O  O   . HOH D 4 .   ? 7.966   -2.989  10.823  1.00 42.74 ? 2015 HOH A O   1 
HETATM 1130 O  O   . HOH D 4 .   ? 5.025   -7.451  12.216  1.00 20.47 ? 2016 HOH A O   1 
HETATM 1131 O  O   . HOH D 4 .   ? 4.744   -0.853  16.664  1.00 26.92 ? 2017 HOH A O   1 
HETATM 1132 O  O   . HOH D 4 .   ? 1.603   -1.953  18.266  1.00 23.55 ? 2018 HOH A O   1 
HETATM 1133 O  O   . HOH D 4 .   ? -7.889  -2.107  16.653  1.00 31.17 ? 2019 HOH A O   1 
HETATM 1134 O  O   . HOH D 4 .   ? -5.751  -4.431  19.582  1.00 34.27 ? 2020 HOH A O   1 
HETATM 1135 O  O   . HOH D 4 .   ? -1.020  -5.900  17.671  1.00 34.47 ? 2021 HOH A O   1 
HETATM 1136 O  O   . HOH D 4 .   ? -2.750  -8.787  16.516  1.00 46.13 ? 2022 HOH A O   1 
HETATM 1137 O  O   . HOH D 4 .   ? -0.335  -8.629  17.765  1.00 43.80 ? 2023 HOH A O   1 
HETATM 1138 O  O   . HOH D 4 .   ? 0.365   -11.543 15.111  1.00 29.83 ? 2024 HOH A O   1 
HETATM 1139 O  O   . HOH D 4 .   ? -5.675  -11.595 11.417  1.00 35.17 ? 2025 HOH A O   1 
HETATM 1140 O  O   . HOH D 4 .   ? -1.753  -4.357  10.209  1.00 21.79 ? 2026 HOH A O   1 
HETATM 1141 O  O   . HOH D 4 .   ? -3.744  -12.114 8.630   1.00 32.04 ? 2027 HOH A O   1 
HETATM 1142 O  O   . HOH D 4 .   ? -1.604  -12.076 5.813   1.00 37.89 ? 2028 HOH A O   1 
HETATM 1143 O  O   . HOH D 4 .   ? 1.312   -9.860  9.774   1.00 25.48 ? 2029 HOH A O   1 
HETATM 1144 O  O   . HOH D 4 .   ? -5.346  -11.964 5.747   1.00 30.12 ? 2030 HOH A O   1 
HETATM 1145 O  O   . HOH D 4 .   ? -16.901 -0.567  10.251  1.00 36.44 ? 2031 HOH A O   1 
HETATM 1146 O  O   . HOH D 4 .   ? -10.085 -12.439 -0.006  1.00 35.03 ? 2032 HOH A O   1 
HETATM 1147 O  O   . HOH D 4 .   ? -6.123  7.977   -11.185 1.00 22.66 ? 2033 HOH A O   1 
HETATM 1148 O  O   . HOH D 4 .   ? -9.932  5.281   -10.500 1.00 37.77 ? 2034 HOH A O   1 
HETATM 1149 O  O   . HOH D 4 .   ? -8.132  -7.456  11.237  1.00 35.03 ? 2035 HOH A O   1 
HETATM 1150 O  O   . HOH D 4 .   ? -4.788  -6.385  12.228  1.00 21.30 ? 2036 HOH A O   1 
HETATM 1151 O  O   . HOH D 4 .   ? -11.541 0.412   12.462  1.00 23.34 ? 2037 HOH A O   1 
HETATM 1152 O  O   . HOH D 4 .   ? -11.093 -5.368  14.137  1.00 31.15 ? 2038 HOH A O   1 
HETATM 1153 O  O   . HOH D 4 .   ? -7.172  -4.398  14.652  1.00 30.09 ? 2039 HOH A O   1 
HETATM 1154 O  O   . HOH D 4 .   ? -11.558 -1.057  15.698  1.00 30.20 ? 2040 HOH A O   1 
HETATM 1155 O  O   . HOH D 4 .   ? -12.802 5.959   -9.190  1.00 34.47 ? 2041 HOH A O   1 
HETATM 1156 O  O   . HOH D 4 .   ? -14.672 0.699   11.086  1.00 28.03 ? 2042 HOH A O   1 
HETATM 1157 O  O   . HOH D 4 .   ? -16.494 -3.474  5.620   1.00 35.00 ? 2043 HOH A O   1 
HETATM 1158 O  O   . HOH D 4 .   ? -11.042 -4.956  0.869   1.00 32.72 ? 2044 HOH A O   1 
HETATM 1159 O  O   . HOH D 4 .   ? -13.271 16.345  -0.100  1.00 29.36 ? 2045 HOH A O   1 
HETATM 1160 O  O   . HOH D 4 .   ? -11.681 14.627  -2.275  1.00 26.51 ? 2046 HOH A O   1 
HETATM 1161 O  O   . HOH D 4 .   ? 8.773   0.008   -19.409 1.00 42.01 ? 2047 HOH A O   1 
HETATM 1162 O  O   . HOH D 4 .   ? -11.694 7.560   -7.302  1.00 32.91 ? 2048 HOH A O   1 
HETATM 1163 O  O   . HOH D 4 .   ? -8.282  7.786   -9.525  1.00 22.34 ? 2049 HOH A O   1 
HETATM 1164 O  O   . HOH D 4 .   ? -6.673  1.350   -12.372 1.00 35.91 ? 2050 HOH A O   1 
HETATM 1165 O  O   . HOH D 4 .   ? -15.074 17.966  -6.747  1.00 35.63 ? 2051 HOH A O   1 
HETATM 1166 O  O   . HOH D 4 .   ? -13.360 17.798  -10.154 1.00 33.26 ? 2052 HOH A O   1 
HETATM 1167 O  O   . HOH D 4 .   ? -12.057 14.840  -11.208 1.00 35.66 ? 2053 HOH A O   1 
HETATM 1168 O  O   . HOH D 4 .   ? -14.437 1.144   6.844   1.00 27.07 ? 2054 HOH A O   1 
HETATM 1169 O  O   . HOH D 4 .   ? -16.963 14.770  0.857   1.00 26.67 ? 2055 HOH A O   1 
HETATM 1170 O  O   . HOH D 4 .   ? -17.850 10.461  1.715   1.00 32.55 ? 2056 HOH A O   1 
HETATM 1171 O  O   . HOH D 4 .   ? -14.050 12.171  6.248   1.00 30.99 ? 2057 HOH A O   1 
HETATM 1172 O  O   . HOH D 4 .   ? -13.791 10.666  -8.488  1.00 36.66 ? 2058 HOH A O   1 
HETATM 1173 O  O   . HOH D 4 .   ? -14.796 7.058   -7.373  1.00 35.98 ? 2059 HOH A O   1 
HETATM 1174 O  O   . HOH D 4 .   ? -4.306  14.869  11.076  1.00 41.88 ? 2060 HOH A O   1 
HETATM 1175 O  O   . HOH D 4 .   ? -18.418 8.242   0.075   1.00 29.67 ? 2061 HOH A O   1 
HETATM 1176 O  O   . HOH D 4 .   ? 5.570   12.136  6.341   1.00 27.98 ? 2062 HOH A O   1 
HETATM 1177 O  O   . HOH D 4 .   ? -16.804 -0.268  1.857   1.00 29.60 ? 2063 HOH A O   1 
HETATM 1178 O  O   . HOH D 4 .   ? -16.131 2.763   -4.306  1.00 22.18 ? 2064 HOH A O   1 
HETATM 1179 O  O   . HOH D 4 .   ? -10.324 4.104   -8.002  1.00 34.58 ? 2065 HOH A O   1 
HETATM 1180 O  O   . HOH D 4 .   ? 9.781   4.338   -12.253 1.00 31.06 ? 2066 HOH A O   1 
HETATM 1181 O  O   . HOH D 4 .   ? 15.559  8.518   -3.195  1.00 36.43 ? 2067 HOH A O   1 
HETATM 1182 O  O   . HOH D 4 .   ? 8.699   13.224  -2.555  1.00 42.45 ? 2068 HOH A O   1 
HETATM 1183 O  O   . HOH D 4 .   ? -9.201  14.770  8.696   1.00 26.11 ? 2069 HOH A O   1 
HETATM 1184 O  O   . HOH D 4 .   ? 5.890   0.207   14.083  1.00 16.76 ? 2070 HOH A O   1 
HETATM 1185 O  O   . HOH D 4 .   ? 12.158  2.726   6.562   1.00 31.11 ? 2071 HOH A O   1 
HETATM 1186 O  O   . HOH D 4 .   ? 12.129  -5.057  4.850   1.00 23.80 ? 2072 HOH A O   1 
HETATM 1187 O  O   . HOH D 4 .   ? 2.285   3.882   19.900  1.00 28.22 ? 2073 HOH A O   1 
HETATM 1188 O  O   . HOH D 4 .   ? 12.379  -15.445 -5.798  1.00 38.55 ? 2074 HOH A O   1 
HETATM 1189 O  O   . HOH D 4 .   ? 4.865   -14.163 -15.842 1.00 40.60 ? 2075 HOH A O   1 
HETATM 1190 O  O   . HOH D 4 .   ? 8.722   -8.012  -18.378 1.00 40.91 ? 2076 HOH A O   1 
HETATM 1191 O  O   . HOH D 4 .   ? 13.722  -11.744 -17.298 1.00 32.39 ? 2077 HOH A O   1 
HETATM 1192 O  O   . HOH D 4 .   ? 6.025   -7.880  -20.892 1.00 33.74 ? 2078 HOH A O   1 
HETATM 1193 O  O   . HOH D 4 .   ? 3.439   -7.204  -21.294 1.00 35.89 ? 2079 HOH A O   1 
HETATM 1194 O  O   . HOH D 4 .   ? 8.062   -2.128  -17.871 1.00 36.78 ? 2080 HOH A O   1 
HETATM 1195 O  O   . HOH D 4 .   ? -1.178  -0.710  -17.615 1.00 41.54 ? 2081 HOH A O   1 
HETATM 1196 O  O   . HOH D 4 .   ? -4.196  0.794   -11.454 1.00 28.70 ? 2082 HOH A O   1 
HETATM 1197 O  O   . HOH D 4 .   ? -7.078  7.630   1.894   1.00 18.84 ? 2083 HOH A O   1 
HETATM 1198 O  O   . HOH D 4 .   ? -12.119 0.705   5.407   1.00 20.26 ? 2084 HOH A O   1 
HETATM 1199 O  O   . HOH D 4 .   ? -14.611 5.762   9.168   1.00 28.34 ? 2085 HOH A O   1 
HETATM 1200 O  O   . HOH D 4 .   ? -11.626 11.554  5.300   1.00 16.64 ? 2086 HOH A O   1 
HETATM 1201 O  O   . HOH D 4 .   ? -12.551 5.365   13.108  1.00 34.37 ? 2087 HOH A O   1 
HETATM 1202 O  O   . HOH D 4 .   ? -13.863 7.400   10.923  1.00 18.31 ? 2088 HOH A O   1 
HETATM 1203 O  O   . HOH D 4 .   ? -10.484 12.615  7.802   1.00 21.33 ? 2089 HOH A O   1 
HETATM 1204 O  O   . HOH D 4 .   ? -5.304  12.474  10.369  1.00 22.07 ? 2090 HOH A O   1 
HETATM 1205 O  O   . HOH D 4 .   ? -1.254  12.963  13.844  1.00 30.26 ? 2091 HOH A O   1 
HETATM 1206 O  O   . HOH D 4 .   ? 8.208   8.753   3.067   1.00 27.67 ? 2092 HOH A O   1 
HETATM 1207 O  O   . HOH D 4 .   ? 6.208   9.213   7.219   1.00 24.47 ? 2093 HOH A O   1 
HETATM 1208 O  O   . HOH D 4 .   ? 15.284  0.181   -9.788  1.00 30.41 ? 2094 HOH A O   1 
HETATM 1209 O  O   . HOH D 4 .   ? 19.361  -5.553  -10.086 1.00 26.46 ? 2095 HOH A O   1 
HETATM 1210 O  O   . HOH D 4 .   ? 19.185  -1.143  -8.815  1.00 30.23 ? 2096 HOH A O   1 
HETATM 1211 O  O   . HOH D 4 .   ? 18.293  -4.205  -0.075  1.00 34.40 ? 2097 HOH A O   1 
HETATM 1212 O  O   . HOH D 4 .   ? 13.902  -3.187  -3.371  1.00 24.43 ? 2098 HOH A O   1 
HETATM 1213 O  O   . HOH D 4 .   ? 15.808  -2.557  -0.401  1.00 24.92 ? 2099 HOH A O   1 
HETATM 1214 O  O   . HOH D 4 .   ? 17.597  2.572   -1.140  1.00 24.11 ? 2100 HOH A O   1 
HETATM 1215 O  O   . HOH D 4 .   ? 17.579  5.814   -7.653  1.00 39.79 ? 2101 HOH A O   1 
HETATM 1216 O  O   . HOH D 4 .   ? 12.810  8.003   1.547   1.00 31.34 ? 2102 HOH A O   1 
HETATM 1217 O  O   . HOH D 4 .   ? 10.851  11.780  -3.193  1.00 44.07 ? 2103 HOH A O   1 
HETATM 1218 O  O   . HOH D 4 .   ? 16.492  5.451   -3.465  1.00 24.96 ? 2104 HOH A O   1 
HETATM 1219 O  O   . HOH D 4 .   ? 15.426  9.344   -0.300  1.00 39.19 ? 2105 HOH A O   1 
HETATM 1220 O  O   . HOH D 4 .   ? 10.840  8.508   -6.629  1.00 35.32 ? 2106 HOH A O   1 
HETATM 1221 O  O   . HOH D 4 .   ? 13.280  11.594  -1.957  1.00 46.02 ? 2107 HOH A O   1 
HETATM 1222 O  O   . HOH D 4 .   ? 9.603   6.498   -10.665 1.00 19.37 ? 2108 HOH A O   1 
HETATM 1223 O  O   . HOH D 4 .   ? 4.993   12.993  -2.968  1.00 30.13 ? 2109 HOH A O   1 
HETATM 1224 O  O   . HOH D 4 .   ? 10.338  11.268  2.148   1.00 35.92 ? 2110 HOH A O   1 
HETATM 1225 O  O   . HOH D 4 .   ? 5.044   15.407  2.623   1.00 29.78 ? 2111 HOH A O   1 
HETATM 1226 O  O   . HOH D 4 .   ? -0.178  16.189  3.497   1.00 25.30 ? 2112 HOH A O   1 
HETATM 1227 O  O   . HOH D 4 .   ? -6.377  15.147  6.511   1.00 21.81 ? 2113 HOH A O   1 
HETATM 1228 O  O   . HOH D 4 .   ? -8.822  17.574  3.143   1.00 35.93 ? 2114 HOH A O   1 
HETATM 1229 O  O   . HOH D 4 .   ? -9.296  14.861  0.040   1.00 18.62 ? 2115 HOH A O   1 
HETATM 1230 O  O   . HOH D 4 .   ? -5.117  9.562   3.016   1.00 15.81 ? 2116 HOH A O   1 
HETATM 1231 O  O   . HOH D 4 .   ? -3.912  16.382  2.524   1.00 25.87 ? 2117 HOH A O   1 
HETATM 1232 O  O   . HOH D 4 .   ? -2.691  13.565  -2.467  1.00 31.08 ? 2118 HOH A O   1 
HETATM 1233 O  O   . HOH D 4 .   ? -5.615  15.863  -0.329  1.00 26.33 ? 2119 HOH A O   1 
HETATM 1234 O  O   . HOH D 4 .   ? 5.183   6.614   -13.107 1.00 37.48 ? 2120 HOH A O   1 
HETATM 1235 O  O   . HOH D 4 .   ? 10.705  1.694   -12.508 1.00 32.16 ? 2121 HOH A O   1 
HETATM 1236 O  O   . HOH D 4 .   ? 10.240  -7.813  -13.941 1.00 49.77 ? 2122 HOH A O   1 
HETATM 1237 O  O   . HOH D 4 .   ? 11.860  -0.657  -15.549 1.00 39.63 ? 2123 HOH A O   1 
HETATM 1238 O  O   . HOH D 4 .   ? 17.831  -2.048  -11.249 1.00 30.03 ? 2124 HOH A O   1 
HETATM 1239 O  O   . HOH D 4 .   ? 18.324  -7.666  -8.710  1.00 29.25 ? 2125 HOH A O   1 
HETATM 1240 O  O   . HOH D 4 .   ? 17.376  -6.887  -6.408  1.00 32.41 ? 2126 HOH A O   1 
HETATM 1241 O  O   . HOH D 4 .   ? 14.986  -0.505  1.304   1.00 31.76 ? 2127 HOH A O   1 
HETATM 1242 O  O   . HOH D 4 .   ? 14.521  -5.569  2.963   1.00 45.22 ? 2128 HOH A O   1 
HETATM 1243 O  O   . HOH D 4 .   ? 7.920   4.950   10.545  1.00 17.68 ? 2129 HOH A O   1 
HETATM 1244 O  O   . HOH D 4 .   ? 8.104   8.837   14.637  1.00 26.57 ? 2130 HOH A O   1 
HETATM 1245 O  O   . HOH D 4 .   ? 7.563   4.240   13.360  1.00 25.71 ? 2131 HOH A O   1 
HETATM 1246 O  O   . HOH D 4 .   ? 5.614   14.247  7.917   1.00 33.19 ? 2132 HOH A O   1 
HETATM 1247 O  O   . HOH D 4 .   ? 1.651   15.208  14.460  1.00 34.59 ? 2133 HOH A O   1 
HETATM 1248 O  O   . HOH D 4 .   ? 7.800   11.621  18.289  1.00 35.83 ? 2134 HOH A O   1 
HETATM 1249 O  O   . HOH D 4 .   ? 2.448   13.848  10.939  1.00 33.48 ? 2135 HOH A O   1 
HETATM 1250 O  O   . HOH D 4 .   ? 0.467   10.463  16.235  1.00 25.19 ? 2136 HOH A O   1 
HETATM 1251 O  O   . HOH D 4 .   ? 4.646   5.048   17.701  1.00 23.89 ? 2137 HOH A O   1 
HETATM 1252 O  O   . HOH D 4 .   ? -0.387  9.196   13.864  1.00 16.67 ? 2138 HOH A O   1 
HETATM 1253 O  O   . HOH D 4 .   ? -7.786  5.998   16.452  1.00 29.21 ? 2139 HOH A O   1 
HETATM 1254 O  O   . HOH D 4 .   ? -5.090  -0.777  6.600   1.00 17.48 ? 2140 HOH A O   1 
HETATM 1255 O  O   . HOH D 4 .   ? -4.183  -0.728  -9.261  1.00 27.83 ? 2141 HOH A O   1 
HETATM 1256 O  O   . HOH D 4 .   ? -9.394  -3.752  -5.802  1.00 29.63 ? 2142 HOH A O   1 
HETATM 1257 O  O   . HOH D 4 .   ? -3.453  -7.031  -3.804  1.00 20.49 ? 2143 HOH A O   1 
HETATM 1258 O  O   . HOH D 4 .   ? 0.328   0.214   19.709  1.00 24.38 ? 2144 HOH A O   1 
HETATM 1259 O  O   . HOH D 4 .   ? -0.452  4.409   19.627  1.00 25.46 ? 2145 HOH A O   1 
HETATM 1260 O  O   . HOH D 4 .   ? -4.134  7.037   17.729  1.00 15.57 ? 2146 HOH A O   1 
# 
